data_5N4L
#
_entry.id   5N4L
#
_cell.length_a   128.230
_cell.length_b   128.230
_cell.length_c   407.660
_cell.angle_alpha   90.000
_cell.angle_beta   90.000
_cell.angle_gamma   120.000
#
_symmetry.space_group_name_H-M   'P 32 2 1'
#
loop_
_entity.id
_entity.type
_entity.pdbx_description
1 polymer Ceruloplasmin
2 non-polymer 'COPPER (II) ION'
3 non-polymer 'CALCIUM ION'
4 non-polymer 'SODIUM ION'
5 water water
#
_entity_poly.entity_id   1
_entity_poly.type   'polypeptide(L)'
_entity_poly.pdbx_seq_one_letter_code
;REKHYYIGITEAVWDYASGSEEKELISVDTEQSNFYLRNGPDRIGRKYKKALYSEYTDGTFTKTIDKPAWLGLLGPVIKA
EVGDKVSVHVKNFASRPYTFHAHGVTYTKANEGAIYPDNTTDFQRADDKLFPGQQYLYVLRANEPSPGEGDSNCVTRIYH
SHVDAPKDIASGLIGPLILCKKGSLHKEKEENIDQEFVLMFSVVDENLSWYLEDNIKTFCSEPEKVDKDNEDFQESNRMY
SINGYTFGSLPGLSMCAEDRVKWYLFGMGNEVDVHSALFHGQALTSKNYHTDIINLFPATLIDVSMVAQNPGVWMLSCQN
LNHLKAGLQAFFQVRDCNKPSPDDDIQDRHVRHYYIAAEETIWDYAPSGTDTFTGENLTSLGSDSRVFFEQGATRIGGSY
KKLVYREYTDDSFTNRKQRGPDEEHLGILGPVIWAEVGDIIRVTFHNKGQFPLSIQPMGVRFTKENEGTYYGPDGRSSKQ
ASHVAPKETFTYEWTVPKEMGPTYADPVCLSKMYYSGVDLTKDIFTGLIGPMKICKKGSLLADGRQKDVDKEFYLFATVF
DENESLLLDDNIRMFTTAPENVDKEDEDFQESNKMHSMNGFMYGNLPGLNMCLGESIVWYLFSAGNEADVHGIYFSGNTY
LSKGERRDTANLFPHKSLTLLMTPDTEGSFDVECLTTDHYTGGMKQKYTVNQCKGQFEDVTLYQGERTYYIAAVEVEWDY
SPSRDWEMELHHLQEQNVSNAFLDKEEFFIGSKYKKVVYREFTDSTFREQVKRRAEEEHLGILGPLIHADVGDKVKVVFK
NMASRPYSIHAHGVKTKSSTVAPTLPGEVRTYIWQIPERSGAGTEDSPCIPWAYYSTVDRVKDLYSGLIGPLIVCRKSYV
KVFNPKKKMEFSLLFLVFDENESWYLDDNINTYSDHPEKVNKDNEEFIESNKMHAINGKMFGNLQGLTMHVGDEVNWYVM
AMGNEIDLHTVHFHGHSFQYKHRGIHSSDVFDLFPGTYQTLEMFPQTPGTWLLHCHVTDHIHAGMVTTYTVLPN
;
_entity_poly.pdbx_strand_id   A,B
#
loop_
_chem_comp.id
_chem_comp.type
_chem_comp.name
_chem_comp.formula
CA non-polymer 'CALCIUM ION' 'Ca 2'
CU non-polymer 'COPPER (II) ION' 'Cu 2'
NA non-polymer 'SODIUM ION' 'Na 1'
#
# COMPACT_ATOMS: atom_id res chain seq x y z
N ARG A 1 -39.99 34.80 24.38
CA ARG A 1 -39.84 35.53 23.11
C ARG A 1 -40.42 34.68 21.97
N GLU A 2 -41.09 35.32 21.00
CA GLU A 2 -41.43 34.70 19.71
C GLU A 2 -40.24 34.81 18.75
N LYS A 3 -39.68 33.65 18.34
CA LYS A 3 -38.49 33.56 17.45
C LYS A 3 -38.80 32.82 16.16
N HIS A 4 -38.17 33.28 15.07
CA HIS A 4 -38.21 32.55 13.79
C HIS A 4 -36.79 32.12 13.25
N TYR A 5 -36.76 30.93 12.63
CA TYR A 5 -35.54 30.31 12.11
C TYR A 5 -35.98 29.77 10.74
N TYR A 6 -35.30 30.21 9.66
CA TYR A 6 -35.54 29.64 8.30
C TYR A 6 -34.43 28.62 7.97
N ILE A 7 -34.83 27.37 7.73
CA ILE A 7 -33.93 26.24 7.53
C ILE A 7 -34.37 25.43 6.32
N GLY A 8 -33.41 25.16 5.44
CA GLY A 8 -33.64 24.47 4.19
C GLY A 8 -32.79 23.23 4.08
N ILE A 9 -33.46 22.17 3.68
CA ILE A 9 -32.80 20.93 3.39
C ILE A 9 -32.34 20.99 1.94
N THR A 10 -31.08 21.39 1.72
CA THR A 10 -30.39 21.29 0.41
C THR A 10 -29.58 19.97 0.30
N GLU A 11 -29.32 19.56 -0.94
CA GLU A 11 -28.38 18.46 -1.23
C GLU A 11 -27.03 19.02 -1.72
N ALA A 12 -25.94 18.38 -1.29
CA ALA A 12 -24.56 18.81 -1.63
C ALA A 12 -23.48 17.72 -1.44
N VAL A 13 -22.28 18.06 -1.92
CA VAL A 13 -21.13 17.19 -1.78
C VAL A 13 -20.30 17.76 -0.66
N TRP A 14 -19.98 16.88 0.26
CA TRP A 14 -19.41 17.26 1.51
C TRP A 14 -18.01 16.67 1.50
N ASP A 15 -17.05 17.56 1.76
CA ASP A 15 -15.65 17.15 1.84
C ASP A 15 -15.18 16.96 3.28
N TYR A 16 -14.92 15.68 3.62
CA TYR A 16 -14.43 15.25 4.94
C TYR A 16 -12.90 15.55 5.23
N ALA A 17 -12.17 16.16 4.29
CA ALA A 17 -10.82 16.70 4.59
C ALA A 17 -10.48 18.18 4.15
N SER A 18 -11.42 18.88 3.52
CA SER A 18 -11.32 20.33 3.15
C SER A 18 -9.91 20.90 3.16
N GLY A 19 -9.03 20.26 2.37
CA GLY A 19 -7.63 20.67 2.18
C GLY A 19 -6.86 20.95 3.45
N SER A 20 -5.64 21.47 3.35
CA SER A 20 -4.69 21.20 2.26
C SER A 20 -3.58 20.37 2.91
N GLU A 21 -3.96 19.41 3.75
CA GLU A 21 -3.10 18.92 4.82
C GLU A 21 -2.99 17.38 4.89
N GLU A 22 -1.77 16.83 5.02
CA GLU A 22 -0.48 17.53 5.38
C GLU A 22 -0.41 18.21 6.80
N LYS A 23 -0.81 17.39 7.79
CA LYS A 23 -0.57 17.59 9.22
C LYS A 23 0.08 16.33 9.81
N GLU A 24 0.54 16.49 11.03
CA GLU A 24 1.23 15.45 11.77
C GLU A 24 0.31 14.99 12.92
N LEU A 25 -0.34 13.86 12.70
CA LEU A 25 -1.30 13.27 13.65
C LEU A 25 -0.71 12.13 14.48
N ILE A 26 -1.45 11.78 15.53
CA ILE A 26 -1.04 10.73 16.45
C ILE A 26 -1.37 9.36 15.82
N SER A 27 -0.47 8.39 15.94
CA SER A 27 -0.68 6.97 15.58
C SER A 27 -1.33 6.74 14.19
N VAL A 28 -1.00 7.63 13.25
CA VAL A 28 -1.56 7.71 11.89
C VAL A 28 -0.42 7.93 10.90
N ASP A 29 -0.24 6.97 9.99
CA ASP A 29 0.67 7.11 8.82
C ASP A 29 -0.21 7.41 7.60
N THR A 30 0.38 7.62 6.43
CA THR A 30 -0.45 7.90 5.26
C THR A 30 -1.16 6.67 4.72
N GLU A 31 -0.79 5.47 5.16
CA GLU A 31 -1.59 4.28 4.88
C GLU A 31 -2.99 4.34 5.52
N GLN A 32 -3.01 4.74 6.80
CA GLN A 32 -4.27 4.95 7.52
C GLN A 32 -5.05 6.01 6.76
N SER A 33 -4.47 7.22 6.68
CA SER A 33 -4.95 8.37 5.88
C SER A 33 -5.62 7.90 4.57
N ASN A 34 -4.92 7.12 3.78
CA ASN A 34 -5.48 6.65 2.53
C ASN A 34 -6.62 5.65 2.67
N PHE A 35 -6.61 4.77 3.67
CA PHE A 35 -7.68 3.76 3.65
C PHE A 35 -9.06 4.36 3.41
N TYR A 36 -9.25 5.49 4.13
CA TYR A 36 -10.50 6.25 4.16
C TYR A 36 -10.66 7.27 3.06
N LEU A 37 -9.58 7.95 2.63
CA LEU A 37 -9.66 9.09 1.63
C LEU A 37 -9.22 8.87 0.07
N ARG A 38 -8.56 7.74 -0.23
CA ARG A 38 -8.54 7.12 -1.57
C ARG A 38 -9.84 6.34 -1.63
N ASN A 39 -10.73 6.46 -2.62
CA ASN A 39 -10.64 7.02 -3.97
C ASN A 39 -10.41 5.91 -5.00
N GLY A 40 -11.41 5.77 -5.91
CA GLY A 40 -11.89 4.52 -6.61
C GLY A 40 -10.83 3.77 -7.37
N PRO A 41 -11.11 2.64 -7.99
CA PRO A 41 -12.38 2.13 -8.44
C PRO A 41 -13.32 1.58 -7.44
N ASP A 42 -12.78 0.93 -6.43
CA ASP A 42 -13.55 0.15 -5.48
C ASP A 42 -13.61 0.94 -4.15
N ARG A 43 -13.62 2.28 -4.22
CA ARG A 43 -13.56 3.15 -3.03
C ARG A 43 -14.10 4.55 -3.32
N ILE A 44 -14.97 5.11 -2.47
CA ILE A 44 -15.65 6.36 -2.87
C ILE A 44 -14.76 7.53 -2.55
N GLY A 45 -13.95 7.35 -1.51
CA GLY A 45 -12.92 8.32 -1.11
C GLY A 45 -13.26 9.33 -0.03
N ARG A 46 -12.97 10.60 -0.31
CA ARG A 46 -13.02 11.68 0.68
C ARG A 46 -14.15 12.71 0.48
N LYS A 47 -14.87 12.61 -0.62
CA LYS A 47 -16.04 13.42 -0.75
C LYS A 47 -17.19 12.50 -1.06
N TYR A 48 -18.32 12.83 -0.39
CA TYR A 48 -19.61 12.23 -0.59
C TYR A 48 -20.77 13.29 -0.70
N LYS A 49 -21.83 12.91 -1.43
CA LYS A 49 -23.09 13.62 -1.41
C LYS A 49 -23.86 13.35 -0.12
N LYS A 50 -24.32 14.45 0.48
CA LYS A 50 -25.10 14.43 1.72
C LYS A 50 -26.23 15.45 1.58
N ALA A 51 -27.33 15.24 2.31
CA ALA A 51 -28.40 16.22 2.40
C ALA A 51 -28.16 16.92 3.72
N LEU A 52 -28.20 18.25 3.74
CA LEU A 52 -27.83 19.04 4.93
C LEU A 52 -28.75 20.25 5.19
N TYR A 53 -29.04 20.52 6.46
CA TYR A 53 -29.76 21.76 6.81
C TYR A 53 -28.92 23.00 6.52
N SER A 54 -29.57 24.10 6.13
CA SER A 54 -28.90 25.43 5.94
C SER A 54 -29.79 26.63 6.34
N GLU A 55 -29.21 27.71 6.87
CA GLU A 55 -30.00 28.87 7.35
C GLU A 55 -30.20 29.89 6.25
N TYR A 56 -31.35 30.58 6.27
CA TYR A 56 -31.74 31.61 5.26
C TYR A 56 -32.35 32.79 5.97
N THR A 57 -32.50 33.93 5.28
CA THR A 57 -33.06 35.11 5.96
C THR A 57 -34.58 35.06 5.98
N ASP A 58 -35.19 34.62 4.89
CA ASP A 58 -36.64 34.74 4.75
C ASP A 58 -37.20 33.43 4.44
N GLY A 59 -38.52 33.40 4.53
CA GLY A 59 -39.29 32.27 4.10
C GLY A 59 -39.50 32.24 2.60
N THR A 60 -38.82 33.17 1.92
CA THR A 60 -38.48 33.07 0.50
C THR A 60 -37.31 32.17 0.16
N PHE A 61 -36.36 32.06 1.11
CA PHE A 61 -35.22 31.16 0.98
C PHE A 61 -34.42 31.54 -0.26
N THR A 62 -34.12 32.83 -0.39
CA THR A 62 -33.40 33.32 -1.55
C THR A 62 -32.01 33.81 -1.22
N LYS A 63 -31.76 34.09 0.05
CA LYS A 63 -30.41 34.33 0.50
C LYS A 63 -30.12 33.55 1.77
N THR A 64 -28.85 33.15 1.91
CA THR A 64 -28.38 32.29 2.97
C THR A 64 -27.66 33.09 4.04
N ILE A 65 -27.35 32.38 5.12
CA ILE A 65 -26.46 32.81 6.19
C ILE A 65 -25.34 31.77 6.38
N ASP A 66 -24.11 32.25 6.44
CA ASP A 66 -22.99 31.34 6.42
C ASP A 66 -22.89 30.67 7.76
N LYS A 67 -22.81 29.33 7.71
CA LYS A 67 -22.57 28.54 8.88
C LYS A 67 -21.08 28.67 9.15
N PRO A 68 -20.67 29.19 10.33
CA PRO A 68 -19.29 29.07 10.80
C PRO A 68 -18.45 27.85 10.43
N ALA A 69 -17.18 28.14 10.14
CA ALA A 69 -16.19 27.17 9.72
C ALA A 69 -16.35 25.87 10.49
N TRP A 70 -16.30 26.06 11.80
CA TRP A 70 -16.22 24.96 12.75
C TRP A 70 -17.48 24.09 12.85
N LEU A 71 -18.59 24.59 12.34
CA LEU A 71 -19.82 23.81 12.31
C LEU A 71 -19.71 22.64 11.39
N GLY A 72 -19.00 22.80 10.28
CA GLY A 72 -18.90 21.71 9.34
C GLY A 72 -20.26 21.37 8.75
N LEU A 73 -20.67 20.10 8.87
CA LEU A 73 -21.87 19.60 8.17
C LEU A 73 -23.18 19.76 8.99
N LEU A 74 -23.02 20.01 10.29
CA LEU A 74 -24.09 20.35 11.20
C LEU A 74 -24.97 21.50 10.71
N GLY A 75 -26.31 21.31 10.76
CA GLY A 75 -27.32 22.40 10.67
C GLY A 75 -27.00 23.67 11.51
N PRO A 76 -27.70 24.80 11.25
CA PRO A 76 -27.32 26.02 11.98
C PRO A 76 -27.79 25.97 13.41
N VAL A 77 -27.26 26.85 14.25
CA VAL A 77 -27.57 26.78 15.68
C VAL A 77 -28.90 27.46 16.00
N ILE A 78 -29.80 26.72 16.66
CA ILE A 78 -31.03 27.28 17.20
C ILE A 78 -30.87 27.42 18.69
N LYS A 79 -30.71 28.67 19.15
CA LYS A 79 -30.80 29.02 20.57
C LYS A 79 -32.30 29.14 20.91
N ALA A 80 -32.68 28.72 22.13
CA ALA A 80 -34.03 28.98 22.71
C ALA A 80 -33.82 29.15 24.21
N GLU A 81 -34.40 30.21 24.77
CA GLU A 81 -34.56 30.37 26.22
C GLU A 81 -35.93 29.84 26.64
N VAL A 82 -36.05 29.57 27.93
CA VAL A 82 -37.28 29.01 28.53
C VAL A 82 -38.54 29.83 28.24
N GLY A 83 -39.59 29.12 27.81
CA GLY A 83 -40.86 29.74 27.43
C GLY A 83 -40.93 30.45 26.10
N ASP A 84 -39.80 30.51 25.37
CA ASP A 84 -39.77 31.08 24.05
C ASP A 84 -40.64 30.20 23.18
N LYS A 85 -41.24 30.82 22.17
CA LYS A 85 -41.90 30.09 21.12
C LYS A 85 -41.02 30.26 19.89
N VAL A 86 -40.52 29.14 19.41
CA VAL A 86 -39.59 29.11 18.31
C VAL A 86 -40.35 28.54 17.11
N SER A 87 -40.45 29.33 16.05
CA SER A 87 -41.08 28.91 14.82
C SER A 87 -40.01 28.60 13.77
N VAL A 88 -39.79 27.30 13.55
CA VAL A 88 -38.84 26.76 12.56
C VAL A 88 -39.56 26.53 11.22
N HIS A 89 -39.31 27.48 10.30
CA HIS A 89 -39.82 27.47 8.93
C HIS A 89 -38.88 26.55 8.14
N VAL A 90 -39.41 25.47 7.54
CA VAL A 90 -38.59 24.53 6.75
C VAL A 90 -39.01 24.51 5.28
N LYS A 91 -38.06 24.26 4.36
CA LYS A 91 -38.27 24.03 2.89
C LYS A 91 -37.38 22.86 2.46
N ASN A 92 -37.96 21.78 1.94
CA ASN A 92 -37.18 20.58 1.52
C ASN A 92 -36.83 20.64 0.03
N PHE A 93 -35.68 21.27 -0.23
CA PHE A 93 -35.09 21.34 -1.56
C PHE A 93 -34.48 20.01 -2.06
N ALA A 94 -34.23 19.05 -1.19
CA ALA A 94 -33.64 17.77 -1.59
C ALA A 94 -34.58 16.82 -2.34
N SER A 95 -34.03 15.71 -2.81
CA SER A 95 -34.74 14.74 -3.64
C SER A 95 -35.64 13.68 -2.96
N ARG A 96 -35.91 13.79 -1.65
CA ARG A 96 -36.72 12.78 -0.95
C ARG A 96 -37.39 13.29 0.34
N PRO A 97 -38.31 12.48 0.87
CA PRO A 97 -38.89 12.83 2.14
C PRO A 97 -37.91 12.94 3.34
N TYR A 98 -37.96 14.14 3.97
CA TYR A 98 -37.30 14.48 5.27
C TYR A 98 -38.16 15.35 6.28
N THR A 99 -37.63 15.60 7.48
CA THR A 99 -38.37 16.22 8.57
C THR A 99 -37.43 17.02 9.46
N PHE A 100 -37.99 17.62 10.51
CA PHE A 100 -37.25 18.39 11.52
C PHE A 100 -37.82 18.12 12.89
N HIS A 101 -37.15 17.26 13.62
CA HIS A 101 -37.63 16.78 14.91
C HIS A 101 -36.73 17.41 15.95
N ALA A 102 -37.31 18.08 16.95
CA ALA A 102 -36.50 18.71 17.98
C ALA A 102 -36.38 17.83 19.25
N HIS A 103 -35.57 18.25 20.24
CA HIS A 103 -35.33 17.43 21.42
C HIS A 103 -35.88 17.97 22.75
N GLY A 104 -35.19 18.97 23.32
CA GLY A 104 -35.41 19.39 24.75
C GLY A 104 -36.55 20.38 25.01
N VAL A 105 -37.65 20.10 24.30
CA VAL A 105 -38.58 21.10 23.88
C VAL A 105 -39.90 20.40 23.63
N THR A 106 -40.96 21.21 23.70
CA THR A 106 -42.35 20.80 23.69
C THR A 106 -43.06 21.04 22.38
N TYR A 107 -43.81 20.03 21.97
CA TYR A 107 -44.49 20.13 20.69
C TYR A 107 -45.73 19.24 20.65
N THR A 108 -46.75 19.71 19.91
CA THR A 108 -47.99 18.91 19.67
C THR A 108 -47.61 17.63 18.91
N LYS A 109 -48.57 16.76 18.62
CA LYS A 109 -48.25 15.64 17.72
C LYS A 109 -48.11 16.01 16.24
N ALA A 110 -48.35 17.29 15.92
CA ALA A 110 -48.10 17.78 14.59
C ALA A 110 -46.99 18.84 14.54
N ASN A 111 -46.11 18.86 15.53
CA ASN A 111 -44.82 19.57 15.40
C ASN A 111 -43.61 18.70 15.80
N GLU A 112 -43.86 17.38 15.82
CA GLU A 112 -42.88 16.41 16.26
C GLU A 112 -41.78 16.45 15.24
N GLY A 113 -42.16 16.09 14.01
CA GLY A 113 -41.29 15.99 12.86
C GLY A 113 -40.84 14.57 12.73
N ALA A 114 -41.78 13.62 12.89
CA ALA A 114 -41.41 12.20 12.99
C ALA A 114 -42.56 11.26 12.76
N ILE A 115 -42.25 10.10 12.23
CA ILE A 115 -43.26 9.24 11.70
C ILE A 115 -43.11 7.80 12.21
N TYR A 116 -44.09 7.40 13.02
CA TYR A 116 -44.28 6.02 13.47
C TYR A 116 -45.77 5.81 13.66
N PRO A 117 -46.19 4.60 14.05
CA PRO A 117 -47.58 4.44 14.48
C PRO A 117 -47.78 5.09 15.87
N ASP A 118 -48.54 6.19 15.87
CA ASP A 118 -48.90 6.98 17.05
C ASP A 118 -50.44 7.23 17.16
N ASN A 119 -51.24 6.43 16.40
CA ASN A 119 -52.73 6.53 16.22
C ASN A 119 -53.21 7.80 15.48
N THR A 120 -52.30 8.59 14.88
CA THR A 120 -52.60 9.96 14.36
C THR A 120 -53.08 9.97 12.88
N THR A 121 -53.58 11.12 12.42
CA THR A 121 -54.18 11.21 11.08
C THR A 121 -54.12 12.58 10.43
N ASP A 122 -53.98 12.57 9.10
CA ASP A 122 -54.23 13.73 8.21
C ASP A 122 -53.60 15.08 8.63
N PHE A 123 -54.20 15.73 9.63
CA PHE A 123 -53.80 17.05 10.16
C PHE A 123 -52.54 16.93 11.04
N GLN A 124 -52.23 15.70 11.48
CA GLN A 124 -51.09 15.37 12.37
C GLN A 124 -49.90 14.57 11.73
N ARG A 125 -49.97 14.41 10.40
CA ARG A 125 -48.92 13.81 9.59
C ARG A 125 -48.21 14.84 8.68
N ALA A 126 -48.68 16.10 8.71
CA ALA A 126 -48.01 17.23 8.03
C ALA A 126 -46.63 17.52 8.61
N ASP A 127 -46.46 17.32 9.91
CA ASP A 127 -45.13 17.18 10.52
C ASP A 127 -44.29 15.90 10.05
N ASP A 128 -44.96 14.78 9.93
CA ASP A 128 -44.29 13.49 9.91
C ASP A 128 -43.53 13.14 8.62
N LYS A 129 -43.68 13.90 7.52
CA LYS A 129 -43.03 13.57 6.21
C LYS A 129 -43.05 14.66 5.06
N LEU A 130 -42.11 15.61 5.08
CA LEU A 130 -41.98 16.66 4.05
C LEU A 130 -41.42 16.15 2.70
N PHE A 131 -42.32 15.89 1.75
CA PHE A 131 -41.92 15.44 0.40
C PHE A 131 -41.14 16.53 -0.36
N PRO A 132 -40.44 16.15 -1.45
CA PRO A 132 -39.50 17.06 -2.11
C PRO A 132 -40.17 18.32 -2.60
N GLY A 133 -39.68 19.46 -2.18
CA GLY A 133 -40.23 20.77 -2.58
C GLY A 133 -41.13 21.40 -1.53
N GLN A 134 -41.91 20.57 -0.84
CA GLN A 134 -42.83 21.06 0.17
C GLN A 134 -42.14 21.93 1.22
N GLN A 135 -42.89 22.90 1.71
CA GLN A 135 -42.49 23.80 2.79
C GLN A 135 -43.29 23.38 4.07
N TYR A 136 -42.75 23.60 5.28
CA TYR A 136 -43.52 23.31 6.53
C TYR A 136 -43.11 24.12 7.78
N LEU A 137 -44.09 24.41 8.65
CA LEU A 137 -43.85 25.12 9.91
C LEU A 137 -43.91 24.14 11.04
N TYR A 138 -42.79 24.09 11.74
CA TYR A 138 -42.62 23.39 12.98
C TYR A 138 -42.59 24.38 14.17
N VAL A 139 -43.50 24.17 15.11
CA VAL A 139 -43.72 25.12 16.19
C VAL A 139 -43.17 24.51 17.47
N LEU A 140 -42.24 25.23 18.07
CA LEU A 140 -41.58 24.75 19.25
C LEU A 140 -41.86 25.71 20.38
N ARG A 141 -42.05 25.16 21.57
CA ARG A 141 -42.15 25.95 22.78
C ARG A 141 -41.17 25.44 23.84
N ALA A 142 -40.50 26.37 24.53
CA ALA A 142 -39.40 25.99 25.44
C ALA A 142 -39.86 25.67 26.85
N ASN A 143 -40.70 24.64 26.96
CA ASN A 143 -41.61 24.52 28.10
C ASN A 143 -41.52 23.19 28.79
N GLU A 144 -40.40 22.47 28.64
CA GLU A 144 -40.17 21.30 29.48
C GLU A 144 -39.66 21.73 30.87
N PRO A 145 -39.26 20.78 31.77
CA PRO A 145 -38.41 21.10 32.97
C PRO A 145 -37.01 21.63 32.58
N SER A 146 -36.99 22.74 31.86
CA SER A 146 -36.12 22.87 30.66
C SER A 146 -34.61 22.68 30.92
N PRO A 147 -33.81 23.75 31.27
CA PRO A 147 -32.55 23.33 31.91
C PRO A 147 -32.80 23.04 33.37
N GLY A 148 -32.02 22.11 33.88
CA GLY A 148 -32.07 21.79 35.28
C GLY A 148 -31.68 22.96 36.16
N GLU A 149 -31.86 22.75 37.45
CA GLU A 149 -31.47 23.71 38.45
C GLU A 149 -29.94 23.60 38.57
N GLY A 150 -29.48 22.37 38.69
CA GLY A 150 -28.05 22.07 38.75
C GLY A 150 -27.35 21.99 37.39
N ASP A 151 -28.09 21.98 36.28
CA ASP A 151 -27.51 22.18 34.94
C ASP A 151 -27.09 23.64 34.77
N SER A 152 -26.19 23.90 33.82
CA SER A 152 -25.67 25.27 33.62
C SER A 152 -26.65 26.11 32.81
N ASN A 153 -26.29 27.37 32.57
CA ASN A 153 -27.23 28.34 31.95
C ASN A 153 -27.80 27.88 30.57
N CYS A 154 -27.01 27.11 29.83
CA CYS A 154 -27.34 26.64 28.48
C CYS A 154 -26.89 25.16 28.31
N VAL A 155 -27.69 24.31 27.69
CA VAL A 155 -27.31 22.88 27.54
C VAL A 155 -27.40 22.39 26.09
N THR A 156 -26.78 21.26 25.78
CA THR A 156 -26.67 20.82 24.38
C THR A 156 -27.92 20.06 24.00
N ARG A 157 -28.59 20.47 22.95
CA ARG A 157 -29.65 19.63 22.43
C ARG A 157 -29.55 19.69 20.95
N ILE A 158 -30.23 18.76 20.30
CA ILE A 158 -30.05 18.51 18.89
C ILE A 158 -31.37 18.49 18.16
N TYR A 159 -31.30 18.46 16.84
CA TYR A 159 -32.44 18.23 15.99
C TYR A 159 -32.03 17.47 14.80
N HIS A 160 -32.96 16.78 14.17
CA HIS A 160 -32.65 16.06 12.95
C HIS A 160 -33.88 15.49 12.31
N SER A 161 -33.76 15.04 11.07
CA SER A 161 -34.90 14.36 10.47
C SER A 161 -35.18 12.98 11.14
N HIS A 162 -36.46 12.62 11.19
CA HIS A 162 -36.86 11.35 11.78
C HIS A 162 -37.82 10.63 10.82
N VAL A 163 -37.44 10.45 9.55
CA VAL A 163 -38.22 9.53 8.67
C VAL A 163 -37.71 8.07 8.77
N ASP A 164 -36.43 7.84 8.48
CA ASP A 164 -35.67 6.74 9.10
C ASP A 164 -34.43 7.41 9.66
N ALA A 165 -34.44 7.67 10.96
CA ALA A 165 -33.52 8.63 11.60
C ALA A 165 -32.06 8.24 11.50
N PRO A 166 -31.79 6.96 11.63
CA PRO A 166 -30.41 6.59 11.38
C PRO A 166 -29.94 6.98 9.96
N LYS A 167 -30.74 6.58 8.96
CA LYS A 167 -30.48 6.84 7.53
C LYS A 167 -30.60 8.31 7.16
N ASP A 168 -31.41 9.08 7.89
CA ASP A 168 -31.46 10.54 7.71
C ASP A 168 -30.23 11.25 8.40
N ILE A 169 -29.78 10.66 9.50
CA ILE A 169 -28.65 11.20 10.23
C ILE A 169 -27.39 10.89 9.45
N ALA A 170 -27.22 9.64 9.09
CA ALA A 170 -26.18 9.24 8.16
C ALA A 170 -26.11 10.19 6.97
N SER A 171 -27.27 10.51 6.40
CA SER A 171 -27.32 11.30 5.19
C SER A 171 -26.95 12.76 5.39
N GLY A 172 -26.86 13.21 6.63
CA GLY A 172 -26.28 14.53 6.95
C GLY A 172 -27.12 15.51 7.74
N LEU A 173 -28.36 15.09 8.07
CA LEU A 173 -29.36 15.97 8.67
C LEU A 173 -29.27 15.85 10.14
N ILE A 174 -28.67 16.86 10.77
CA ILE A 174 -28.37 16.85 12.20
C ILE A 174 -27.80 18.21 12.54
N GLY A 175 -28.26 18.75 13.66
CA GLY A 175 -27.93 20.09 14.04
C GLY A 175 -28.28 20.42 15.47
N PRO A 176 -27.70 21.50 15.99
CA PRO A 176 -27.77 21.75 17.38
C PRO A 176 -28.89 22.74 17.75
N LEU A 177 -29.68 22.34 18.74
CA LEU A 177 -30.54 23.23 19.48
C LEU A 177 -29.89 23.51 20.84
N ILE A 178 -29.23 24.65 20.98
CA ILE A 178 -28.80 25.12 22.31
C ILE A 178 -30.00 25.65 23.09
N LEU A 179 -30.12 25.18 24.34
CA LEU A 179 -31.29 25.46 25.19
C LEU A 179 -30.86 26.12 26.48
N CYS A 180 -31.31 27.34 26.66
CA CYS A 180 -30.89 28.15 27.78
C CYS A 180 -32.00 28.51 28.75
N LYS A 181 -31.58 29.01 29.90
CA LYS A 181 -32.52 29.40 30.91
C LYS A 181 -33.03 30.75 30.52
N LYS A 182 -34.25 31.01 30.99
CA LYS A 182 -34.88 32.33 30.95
C LYS A 182 -33.98 33.10 31.89
N GLY A 183 -33.34 34.21 31.53
CA GLY A 183 -33.02 34.68 30.20
C GLY A 183 -31.51 34.97 30.23
N SER A 184 -30.72 33.95 29.94
CA SER A 184 -29.27 34.07 29.95
C SER A 184 -28.68 34.86 28.80
N LEU A 185 -29.44 35.03 27.71
CA LEU A 185 -28.86 35.46 26.41
C LEU A 185 -28.95 36.95 26.13
N HIS A 186 -27.78 37.59 25.96
CA HIS A 186 -27.62 38.94 25.36
C HIS A 186 -27.25 38.83 23.88
N LYS A 187 -28.19 39.12 22.99
CA LYS A 187 -27.98 39.11 21.52
C LYS A 187 -27.58 37.70 21.02
N GLU A 188 -28.41 36.71 21.34
CA GLU A 188 -28.20 35.28 21.00
C GLU A 188 -26.97 34.57 21.61
N LYS A 189 -26.26 35.21 22.54
CA LYS A 189 -25.01 34.69 23.17
C LYS A 189 -25.03 34.85 24.67
N GLU A 190 -25.00 33.71 25.36
CA GLU A 190 -24.87 33.63 26.83
C GLU A 190 -24.01 34.77 27.42
N GLU A 191 -24.61 35.64 28.23
CA GLU A 191 -23.89 36.74 28.91
C GLU A 191 -22.64 36.21 29.61
N ASN A 192 -21.51 36.90 29.43
CA ASN A 192 -20.21 36.52 30.00
C ASN A 192 -19.69 35.18 29.48
N ILE A 193 -20.01 34.82 28.24
CA ILE A 193 -19.29 33.79 27.49
C ILE A 193 -18.59 34.44 26.26
N ASP A 194 -17.32 34.10 26.12
CA ASP A 194 -16.50 34.69 25.09
C ASP A 194 -16.54 33.84 23.83
N GLN A 195 -16.71 32.52 23.95
CA GLN A 195 -16.70 31.60 22.81
C GLN A 195 -17.69 30.45 23.00
N GLU A 196 -18.49 30.16 21.96
CA GLU A 196 -19.50 29.08 21.99
C GLU A 196 -19.35 28.12 20.82
N PHE A 197 -18.98 26.87 21.10
CA PHE A 197 -18.69 25.86 20.05
C PHE A 197 -19.58 24.65 20.17
N VAL A 198 -19.70 23.91 19.09
CA VAL A 198 -20.53 22.73 19.04
C VAL A 198 -19.80 21.63 18.27
N LEU A 199 -19.74 20.44 18.84
CA LEU A 199 -18.96 19.35 18.26
C LEU A 199 -19.73 18.03 18.27
N MET A 200 -19.51 17.20 17.25
CA MET A 200 -20.22 15.93 17.07
C MET A 200 -19.19 14.79 16.82
N PHE A 201 -19.28 13.68 17.54
CA PHE A 201 -18.40 12.54 17.36
C PHE A 201 -19.35 11.39 17.17
N SER A 202 -20.25 11.34 16.20
CA SER A 202 -20.11 10.66 14.91
C SER A 202 -18.84 10.12 14.27
N VAL A 203 -18.79 8.79 14.31
CA VAL A 203 -18.31 7.89 13.24
C VAL A 203 -19.38 7.84 12.16
N VAL A 204 -19.30 8.79 11.23
CA VAL A 204 -20.41 9.02 10.28
C VAL A 204 -20.50 7.94 9.21
N ASP A 205 -21.22 6.86 9.48
CA ASP A 205 -21.30 5.71 8.54
C ASP A 205 -22.00 6.04 7.20
N GLU A 206 -21.21 6.57 6.26
CA GLU A 206 -21.72 6.93 4.93
C GLU A 206 -22.21 5.71 4.10
N ASN A 207 -21.95 4.46 4.56
CA ASN A 207 -22.68 3.26 4.04
C ASN A 207 -24.17 3.28 4.30
N LEU A 208 -24.59 3.94 5.38
CA LEU A 208 -26.01 3.90 5.74
C LEU A 208 -26.82 5.00 5.07
N SER A 209 -26.17 6.08 4.66
CA SER A 209 -26.81 7.14 3.87
C SER A 209 -27.80 6.66 2.80
N TRP A 210 -28.61 7.62 2.40
CA TRP A 210 -29.49 7.44 1.29
C TRP A 210 -28.69 7.59 0.02
N TYR A 211 -27.59 8.30 0.12
CA TYR A 211 -26.69 8.54 -1.00
C TYR A 211 -25.43 7.65 -0.99
N LEU A 212 -25.63 6.40 -1.33
CA LEU A 212 -24.54 5.48 -1.56
C LEU A 212 -24.60 5.16 -3.03
N GLU A 213 -25.79 4.80 -3.53
CA GLU A 213 -26.00 4.54 -4.94
C GLU A 213 -25.55 5.73 -5.76
N ASP A 214 -26.08 6.90 -5.45
CA ASP A 214 -25.61 8.15 -6.05
C ASP A 214 -24.09 8.35 -5.82
N ASN A 215 -23.59 7.99 -4.63
CA ASN A 215 -22.16 8.17 -4.32
C ASN A 215 -21.19 7.14 -4.97
N ILE A 216 -21.56 5.86 -5.08
CA ILE A 216 -20.72 4.86 -5.79
C ILE A 216 -20.66 5.17 -7.31
N LYS A 217 -21.82 5.30 -7.94
CA LYS A 217 -21.82 5.65 -9.34
C LYS A 217 -20.95 6.90 -9.55
N THR A 218 -21.18 7.98 -8.82
CA THR A 218 -20.45 9.26 -9.08
C THR A 218 -18.95 9.22 -8.79
N PHE A 219 -18.47 8.39 -7.86
CA PHE A 219 -17.07 8.47 -7.35
C PHE A 219 -16.20 7.24 -7.56
N CYS A 220 -16.74 6.05 -7.33
CA CYS A 220 -16.05 4.82 -7.67
C CYS A 220 -15.88 4.73 -9.19
N SER A 221 -14.63 4.73 -9.60
CA SER A 221 -14.34 4.71 -11.02
C SER A 221 -14.70 3.38 -11.73
N GLU A 222 -14.77 2.26 -11.01
CA GLU A 222 -15.26 1.01 -11.61
C GLU A 222 -16.28 0.43 -10.69
N PRO A 223 -17.57 0.82 -10.90
CA PRO A 223 -18.65 0.45 -10.01
C PRO A 223 -19.26 -0.94 -10.15
N GLU A 224 -18.60 -1.94 -10.71
CA GLU A 224 -19.09 -3.31 -10.48
C GLU A 224 -18.06 -4.08 -9.77
N LYS A 225 -16.95 -3.42 -9.44
CA LYS A 225 -15.98 -3.95 -8.52
C LYS A 225 -16.28 -3.35 -7.14
N VAL A 226 -17.56 -3.46 -6.75
CA VAL A 226 -18.10 -2.78 -5.57
C VAL A 226 -19.17 -3.66 -4.92
N ASP A 227 -18.66 -4.63 -4.15
CA ASP A 227 -19.44 -5.43 -3.22
C ASP A 227 -19.66 -4.58 -1.98
N LYS A 228 -20.91 -4.15 -1.78
CA LYS A 228 -21.22 -3.23 -0.68
C LYS A 228 -21.03 -3.90 0.68
N ASP A 229 -21.00 -5.24 0.69
CA ASP A 229 -20.59 -6.08 1.82
C ASP A 229 -19.08 -6.37 1.90
N ASN A 230 -18.22 -5.68 1.13
CA ASN A 230 -16.78 -5.92 1.26
C ASN A 230 -16.40 -5.30 2.58
N GLU A 231 -16.29 -6.15 3.62
CA GLU A 231 -15.78 -5.76 4.94
C GLU A 231 -14.97 -4.46 4.88
N ASP A 232 -13.99 -4.45 3.96
CA ASP A 232 -13.08 -3.34 3.78
C ASP A 232 -13.80 -2.09 3.22
N PHE A 233 -14.62 -2.30 2.20
CA PHE A 233 -15.31 -1.19 1.55
C PHE A 233 -16.18 -0.42 2.50
N GLN A 234 -16.93 -1.21 3.26
CA GLN A 234 -17.81 -0.71 4.28
C GLN A 234 -17.02 0.19 5.16
N GLU A 235 -15.93 -0.33 5.74
CA GLU A 235 -15.11 0.42 6.68
C GLU A 235 -14.42 1.67 6.05
N SER A 236 -14.16 1.63 4.73
CA SER A 236 -13.72 2.81 3.92
C SER A 236 -14.72 3.96 3.89
N ASN A 237 -16.00 3.66 4.14
CA ASN A 237 -17.06 4.68 4.28
C ASN A 237 -17.29 5.26 5.75
N ARG A 238 -16.59 4.72 6.75
CA ARG A 238 -16.73 5.14 8.15
C ARG A 238 -15.82 6.33 8.50
N MET A 239 -16.40 7.49 8.47
CA MET A 239 -15.65 8.71 8.62
C MET A 239 -15.57 9.10 10.09
N TYR A 240 -14.44 8.80 10.73
CA TYR A 240 -14.29 9.06 12.17
C TYR A 240 -14.00 10.53 12.33
N SER A 241 -15.00 11.31 12.74
CA SER A 241 -15.03 12.74 12.41
C SER A 241 -15.61 13.62 13.53
N ILE A 242 -15.29 14.90 13.48
CA ILE A 242 -15.76 15.91 14.44
C ILE A 242 -16.43 17.02 13.64
N ASN A 243 -17.75 16.97 13.56
CA ASN A 243 -18.54 17.84 12.69
C ASN A 243 -18.36 17.45 11.23
N GLY A 244 -18.02 16.17 11.01
CA GLY A 244 -17.63 15.64 9.69
C GLY A 244 -16.27 16.13 9.19
N TYR A 245 -15.28 16.22 10.08
CA TYR A 245 -13.91 16.58 9.68
C TYR A 245 -12.87 15.55 10.18
N THR A 246 -12.60 14.56 9.32
CA THR A 246 -11.68 13.47 9.62
C THR A 246 -10.27 13.93 9.48
N PHE A 247 -9.40 13.38 10.33
CA PHE A 247 -7.93 13.58 10.29
C PHE A 247 -7.48 15.05 10.50
N GLY A 248 -7.94 15.67 11.56
CA GLY A 248 -7.28 16.94 11.93
C GLY A 248 -7.69 18.10 11.10
N SER A 249 -8.73 17.90 10.32
CA SER A 249 -9.15 18.84 9.32
C SER A 249 -10.14 19.88 9.85
N LEU A 250 -10.75 19.64 11.01
CA LEU A 250 -11.72 20.58 11.53
C LEU A 250 -11.09 21.98 11.69
N PRO A 251 -11.60 22.99 10.98
CA PRO A 251 -11.09 24.38 11.03
C PRO A 251 -11.76 25.32 12.02
N GLY A 252 -11.28 26.55 12.12
CA GLY A 252 -12.02 27.60 12.85
C GLY A 252 -12.12 27.57 14.38
N LEU A 253 -11.43 26.65 15.06
CA LEU A 253 -11.40 26.60 16.52
C LEU A 253 -10.26 27.44 17.04
N SER A 254 -10.47 28.75 17.15
CA SER A 254 -9.51 29.63 17.86
C SER A 254 -10.13 30.50 18.95
N MET A 255 -9.39 30.70 20.04
CA MET A 255 -9.91 31.38 21.24
C MET A 255 -8.79 32.07 21.93
N CYS A 256 -9.04 33.26 22.47
CA CYS A 256 -7.99 34.01 23.17
C CYS A 256 -7.74 33.36 24.54
N ALA A 257 -6.54 33.53 25.10
CA ALA A 257 -6.27 32.98 26.43
C ALA A 257 -7.04 33.78 27.48
N GLU A 258 -7.43 33.09 28.53
CA GLU A 258 -8.34 33.63 29.54
C GLU A 258 -9.79 33.81 29.06
N ASP A 259 -10.18 33.39 27.85
CA ASP A 259 -11.61 33.39 27.42
C ASP A 259 -12.42 32.31 28.15
N ARG A 260 -13.67 32.64 28.49
CA ARG A 260 -14.59 31.66 29.01
C ARG A 260 -15.22 31.00 27.80
N VAL A 261 -14.98 29.71 27.65
CA VAL A 261 -15.50 28.93 26.52
C VAL A 261 -16.54 27.88 26.94
N LYS A 262 -17.69 27.94 26.31
CA LYS A 262 -18.63 26.85 26.46
C LYS A 262 -18.54 25.89 25.27
N TRP A 263 -18.47 24.61 25.57
CA TRP A 263 -18.40 23.58 24.54
C TRP A 263 -19.65 22.72 24.62
N TYR A 264 -20.38 22.63 23.51
CA TYR A 264 -21.63 21.89 23.48
C TYR A 264 -21.44 20.63 22.67
N LEU A 265 -21.08 19.56 23.35
CA LEU A 265 -20.69 18.29 22.73
C LEU A 265 -21.87 17.35 22.59
N PHE A 266 -21.82 16.46 21.60
CA PHE A 266 -22.69 15.28 21.58
C PHE A 266 -22.26 14.13 20.68
N GLY A 267 -22.54 12.92 21.13
CA GLY A 267 -22.32 11.75 20.34
C GLY A 267 -23.45 11.61 19.34
N MET A 268 -23.23 10.67 18.42
CA MET A 268 -24.19 10.32 17.38
C MET A 268 -23.79 9.04 16.59
N GLY A 269 -24.74 8.13 16.36
CA GLY A 269 -24.39 7.00 15.49
C GLY A 269 -24.79 5.61 15.87
N ASN A 270 -23.81 4.77 16.27
CA ASN A 270 -23.97 3.29 16.43
C ASN A 270 -23.03 2.63 17.49
N GLU A 271 -23.12 1.29 17.69
CA GLU A 271 -22.30 0.54 18.71
C GLU A 271 -20.82 0.92 18.70
N VAL A 272 -20.35 1.13 17.47
CA VAL A 272 -19.00 1.61 17.13
C VAL A 272 -18.63 2.98 17.77
N ASP A 273 -19.60 3.80 18.20
CA ASP A 273 -19.37 5.19 18.68
C ASP A 273 -19.23 5.25 20.18
N VAL A 274 -18.07 4.93 20.70
CA VAL A 274 -17.84 4.91 22.13
C VAL A 274 -16.78 5.92 22.31
N HIS A 275 -17.15 7.17 22.15
CA HIS A 275 -16.15 8.23 22.15
C HIS A 275 -15.65 8.60 23.55
N SER A 276 -14.62 9.44 23.58
CA SER A 276 -13.81 9.72 24.75
C SER A 276 -12.98 11.00 24.46
N ALA A 277 -13.68 12.11 24.26
CA ALA A 277 -13.03 13.34 23.79
C ALA A 277 -12.11 13.92 24.84
N LEU A 278 -10.91 14.32 24.42
CA LEU A 278 -9.93 14.95 25.28
C LEU A 278 -9.48 16.29 24.68
N PHE A 279 -9.55 17.34 25.48
CA PHE A 279 -9.04 18.62 25.03
C PHE A 279 -7.70 18.72 25.69
N HIS A 280 -6.65 18.58 24.88
CA HIS A 280 -5.27 18.41 25.37
C HIS A 280 -4.73 19.63 26.16
N GLY A 281 -4.12 19.32 27.32
CA GLY A 281 -3.49 20.29 28.25
C GLY A 281 -4.35 21.50 28.55
N GLN A 282 -5.58 21.21 29.00
CA GLN A 282 -6.67 22.19 29.17
C GLN A 282 -7.66 21.90 30.35
N ALA A 283 -8.20 22.99 30.92
CA ALA A 283 -9.04 23.00 32.13
C ALA A 283 -10.55 22.69 31.92
N LEU A 284 -11.04 21.50 32.28
CA LEU A 284 -12.49 21.19 32.07
C LEU A 284 -13.38 20.95 33.32
N THR A 285 -14.68 21.30 33.22
CA THR A 285 -15.69 21.07 34.30
C THR A 285 -17.12 20.93 33.78
N SER A 286 -17.82 19.90 34.23
CA SER A 286 -19.18 19.57 33.81
C SER A 286 -20.04 19.49 35.07
N LYS A 287 -20.98 20.42 35.24
CA LYS A 287 -21.87 20.46 36.42
C LYS A 287 -21.11 20.73 37.74
N ASN A 288 -20.10 21.59 37.67
CA ASN A 288 -19.21 21.89 38.82
C ASN A 288 -18.62 20.62 39.42
N TYR A 289 -18.17 19.76 38.53
CA TYR A 289 -17.29 18.65 38.82
C TYR A 289 -16.19 18.76 37.77
N HIS A 290 -14.97 18.42 38.12
CA HIS A 290 -13.88 18.33 37.14
C HIS A 290 -14.18 17.11 36.25
N THR A 291 -13.96 17.28 34.94
CA THR A 291 -13.84 16.17 33.94
C THR A 291 -12.52 16.31 33.11
N ASP A 292 -11.84 15.19 32.90
CA ASP A 292 -10.58 15.17 32.15
C ASP A 292 -10.96 14.72 30.75
N ILE A 293 -11.70 13.61 30.69
CA ILE A 293 -12.36 13.11 29.47
C ILE A 293 -13.81 13.62 29.36
N ILE A 294 -14.43 13.54 28.16
CA ILE A 294 -15.91 13.74 27.93
C ILE A 294 -16.40 12.59 27.07
N ASN A 295 -16.79 11.46 27.65
CA ASN A 295 -17.35 10.34 26.81
C ASN A 295 -18.64 10.76 26.11
N LEU A 296 -18.92 10.18 24.96
CA LEU A 296 -20.10 10.49 24.17
C LEU A 296 -20.47 9.24 23.41
N PHE A 297 -21.75 8.93 23.45
CA PHE A 297 -22.30 7.75 22.82
C PHE A 297 -23.42 8.33 21.92
N PRO A 298 -24.29 7.49 21.39
CA PRO A 298 -25.29 8.02 20.47
C PRO A 298 -26.29 8.91 21.13
N ALA A 299 -26.20 10.17 20.76
CA ALA A 299 -27.12 11.20 21.18
C ALA A 299 -26.91 11.59 22.65
N THR A 300 -25.72 11.32 23.16
CA THR A 300 -25.34 11.72 24.52
C THR A 300 -25.21 13.24 24.61
N LEU A 301 -26.04 13.89 25.40
CA LEU A 301 -26.04 15.35 25.38
C LEU A 301 -25.26 15.84 26.58
N ILE A 302 -24.44 16.88 26.41
CA ILE A 302 -23.61 17.40 27.51
C ILE A 302 -22.84 18.67 27.17
N ASP A 303 -22.85 19.62 28.09
CA ASP A 303 -22.03 20.84 27.96
C ASP A 303 -20.87 20.86 28.96
N VAL A 304 -19.84 21.64 28.66
CA VAL A 304 -18.74 21.89 29.60
C VAL A 304 -18.17 23.30 29.49
N SER A 305 -17.44 23.69 30.53
CA SER A 305 -16.81 25.00 30.58
C SER A 305 -15.30 24.87 30.59
N MET A 306 -14.67 25.88 30.01
CA MET A 306 -13.23 26.01 29.95
C MET A 306 -12.76 27.47 29.99
N VAL A 307 -11.79 27.74 30.86
CA VAL A 307 -10.97 28.90 30.66
C VAL A 307 -9.74 28.42 29.91
N ALA A 308 -9.59 29.03 28.74
CA ALA A 308 -8.61 28.62 27.75
C ALA A 308 -7.29 29.21 28.16
N GLN A 309 -6.36 28.30 28.45
CA GLN A 309 -5.02 28.68 28.88
C GLN A 309 -4.00 28.14 27.91
N ASN A 310 -2.75 28.57 28.12
CA ASN A 310 -1.56 27.99 27.49
C ASN A 310 -1.55 28.29 25.96
N PRO A 311 -1.22 29.55 25.56
CA PRO A 311 -1.27 29.84 24.11
C PRO A 311 -0.45 28.87 23.32
N GLY A 312 -0.98 28.48 22.17
CA GLY A 312 -0.34 27.47 21.39
C GLY A 312 -1.38 26.84 20.56
N VAL A 313 -1.12 25.59 20.20
CA VAL A 313 -2.04 24.84 19.40
C VAL A 313 -2.00 23.42 19.83
N TRP A 314 -3.20 22.89 20.09
CA TRP A 314 -3.38 21.68 20.81
C TRP A 314 -4.33 20.70 20.09
N MET A 315 -4.18 19.44 20.45
CA MET A 315 -4.97 18.38 19.87
C MET A 315 -6.29 18.30 20.61
N LEU A 316 -7.35 18.09 19.85
CA LEU A 316 -8.61 17.68 20.39
C LEU A 316 -8.76 16.31 19.77
N SER A 317 -8.27 15.32 20.48
CA SER A 317 -8.33 13.94 20.02
C SER A 317 -9.55 13.29 20.61
N CYS A 318 -9.82 12.06 20.19
CA CYS A 318 -10.68 11.16 20.97
C CYS A 318 -9.84 9.96 21.30
N GLN A 319 -9.68 9.62 22.58
CA GLN A 319 -8.72 8.55 22.98
C GLN A 319 -9.31 7.13 22.97
N ASN A 320 -10.45 6.93 22.26
CA ASN A 320 -10.81 5.57 21.84
C ASN A 320 -9.76 5.23 20.86
N LEU A 321 -9.01 4.17 21.13
CA LEU A 321 -7.80 3.95 20.35
C LEU A 321 -8.15 3.65 18.89
N ASN A 322 -9.07 2.73 18.65
CA ASN A 322 -9.49 2.41 17.29
C ASN A 322 -10.04 3.59 16.55
N HIS A 323 -10.75 4.46 17.25
CA HIS A 323 -11.15 5.75 16.69
C HIS A 323 -9.95 6.68 16.39
N LEU A 324 -8.92 6.65 17.26
CA LEU A 324 -7.80 7.62 17.22
C LEU A 324 -6.88 7.47 16.00
N LYS A 325 -6.65 6.22 15.64
CA LYS A 325 -5.93 5.84 14.44
C LYS A 325 -6.81 5.66 13.17
N ALA A 326 -8.09 5.99 13.25
CA ALA A 326 -8.88 6.30 12.06
C ALA A 326 -9.08 7.81 11.96
N GLY A 327 -8.24 8.51 12.72
CA GLY A 327 -7.95 9.91 12.51
C GLY A 327 -8.95 10.84 13.12
N LEU A 328 -9.42 10.49 14.32
CA LEU A 328 -10.49 11.25 14.93
C LEU A 328 -9.77 12.30 15.72
N GLN A 329 -9.28 13.29 14.99
CA GLN A 329 -8.40 14.30 15.53
C GLN A 329 -8.80 15.63 15.00
N ALA A 330 -8.45 16.66 15.77
CA ALA A 330 -8.51 18.03 15.25
C ALA A 330 -7.76 18.95 16.16
N PHE A 331 -7.57 20.16 15.69
CA PHE A 331 -6.70 21.06 16.42
C PHE A 331 -7.50 22.25 16.78
N PHE A 332 -7.19 22.78 17.96
CA PHE A 332 -7.67 24.07 18.37
C PHE A 332 -6.50 24.94 18.80
N GLN A 333 -6.71 26.21 18.63
CA GLN A 333 -5.63 27.10 18.37
C GLN A 333 -5.88 28.16 19.44
N VAL A 334 -5.24 28.00 20.61
CA VAL A 334 -5.37 28.99 21.72
C VAL A 334 -4.44 30.19 21.54
N ARG A 335 -5.06 31.35 21.30
CA ARG A 335 -4.37 32.60 20.92
C ARG A 335 -3.63 33.16 22.12
N ASP A 336 -2.79 34.16 21.87
CA ASP A 336 -2.21 34.95 22.92
C ASP A 336 -2.65 36.40 22.72
N CYS A 337 -3.94 36.65 22.89
CA CYS A 337 -4.49 38.00 22.71
C CYS A 337 -4.07 38.96 23.84
N ASN A 338 -3.21 38.51 24.78
CA ASN A 338 -2.65 39.37 25.83
C ASN A 338 -3.76 39.98 26.72
N LYS A 339 -4.66 39.10 27.20
CA LYS A 339 -5.66 39.46 28.20
C LYS A 339 -4.98 39.30 29.57
N PRO A 340 -5.31 40.17 30.56
CA PRO A 340 -4.63 40.09 31.85
C PRO A 340 -5.19 38.92 32.66
N SER A 341 -4.29 38.13 33.28
CA SER A 341 -4.59 36.85 33.93
C SER A 341 -4.79 37.02 35.45
N PRO A 342 -5.89 36.49 36.03
CA PRO A 342 -6.07 36.66 37.47
C PRO A 342 -5.21 35.65 38.23
N ASP A 343 -3.98 36.07 38.55
CA ASP A 343 -2.99 35.17 39.16
C ASP A 343 -2.98 35.26 40.67
N ASP A 344 -3.67 34.32 41.28
CA ASP A 344 -3.19 33.71 42.50
C ASP A 344 -1.97 32.86 42.02
N ASP A 345 -0.88 32.70 42.78
CA ASP A 345 -0.69 33.09 44.19
C ASP A 345 -1.32 32.08 45.16
N ILE A 346 -1.27 30.79 44.82
CA ILE A 346 -1.48 29.72 45.81
C ILE A 346 -0.24 29.77 46.69
N GLN A 347 -0.46 29.84 48.00
CA GLN A 347 0.61 29.93 48.99
C GLN A 347 1.15 28.49 49.23
N ASP A 348 2.43 28.36 49.61
CA ASP A 348 3.02 27.07 50.09
C ASP A 348 3.10 25.98 49.02
N ARG A 349 3.94 26.22 48.00
CA ARG A 349 3.93 25.45 46.75
C ARG A 349 4.92 24.28 46.80
N HIS A 350 4.38 23.07 46.86
CA HIS A 350 5.20 21.87 47.08
C HIS A 350 5.55 21.10 45.83
N VAL A 351 6.73 20.48 45.83
CA VAL A 351 7.32 19.88 44.65
C VAL A 351 7.43 18.36 44.83
N ARG A 352 6.66 17.60 44.06
CA ARG A 352 6.68 16.14 44.16
C ARG A 352 7.56 15.57 43.07
N HIS A 353 8.84 15.33 43.39
CA HIS A 353 9.84 14.83 42.41
C HIS A 353 9.93 13.29 42.46
N TYR A 354 9.58 12.61 41.35
CA TYR A 354 9.51 11.12 41.25
C TYR A 354 10.51 10.57 40.25
N TYR A 355 10.92 9.33 40.48
CA TYR A 355 11.96 8.72 39.70
C TYR A 355 11.40 7.43 39.19
N ILE A 356 11.01 7.44 37.92
CA ILE A 356 10.40 6.29 37.26
C ILE A 356 11.19 5.85 36.03
N ALA A 357 11.22 4.53 35.85
CA ALA A 357 11.91 3.94 34.74
C ALA A 357 10.93 3.06 34.04
N ALA A 358 11.06 2.99 32.73
CA ALA A 358 10.30 2.06 31.94
C ALA A 358 11.28 0.95 31.77
N GLU A 359 10.80 -0.27 31.89
CA GLU A 359 11.66 -1.43 31.77
C GLU A 359 10.83 -2.65 31.39
N GLU A 360 11.47 -3.80 31.29
CA GLU A 360 10.90 -4.97 30.68
C GLU A 360 10.54 -5.89 31.83
N THR A 361 9.58 -6.82 31.68
CA THR A 361 9.50 -8.13 32.46
C THR A 361 8.51 -9.03 31.76
N ILE A 362 8.37 -10.22 32.32
CA ILE A 362 7.30 -11.09 31.95
C ILE A 362 6.21 -10.98 33.04
N TRP A 363 4.97 -10.97 32.55
CA TRP A 363 3.71 -11.19 33.28
C TRP A 363 3.16 -12.41 32.51
N ASP A 364 2.55 -13.47 33.07
CA ASP A 364 1.93 -13.66 34.39
C ASP A 364 0.72 -12.85 34.70
N TYR A 365 -0.26 -13.07 33.82
CA TYR A 365 -1.62 -12.67 34.05
C TYR A 365 -2.25 -13.62 35.06
N ALA A 366 -1.75 -14.84 35.20
CA ALA A 366 -2.18 -15.72 36.31
C ALA A 366 -1.00 -16.42 37.04
N PRO A 367 -0.40 -15.75 38.06
CA PRO A 367 0.58 -16.39 38.94
C PRO A 367 0.20 -17.78 39.40
N SER A 368 -1.02 -17.92 39.87
CA SER A 368 -1.54 -19.21 40.32
C SER A 368 -1.82 -20.19 39.19
N GLY A 369 -2.01 -19.70 37.96
CA GLY A 369 -2.48 -20.56 36.84
C GLY A 369 -3.85 -21.25 37.06
N THR A 370 -4.66 -20.67 37.92
CA THR A 370 -5.92 -21.29 38.24
C THR A 370 -6.92 -20.19 38.40
N ASP A 371 -8.18 -20.63 38.53
CA ASP A 371 -9.31 -19.74 38.73
C ASP A 371 -9.72 -19.76 40.19
N THR A 372 -9.35 -18.73 40.95
CA THR A 372 -9.68 -18.71 42.37
C THR A 372 -11.18 -19.03 42.49
N PHE A 373 -12.00 -18.53 41.56
CA PHE A 373 -13.46 -18.72 41.59
C PHE A 373 -13.85 -20.20 41.35
N THR A 374 -13.75 -20.68 40.12
CA THR A 374 -14.14 -22.06 39.82
C THR A 374 -13.12 -23.13 40.33
N GLY A 375 -11.97 -22.72 40.87
CA GLY A 375 -10.90 -23.67 41.30
C GLY A 375 -9.96 -24.25 40.22
N GLU A 376 -10.43 -24.29 38.97
CA GLU A 376 -9.78 -25.05 37.90
C GLU A 376 -8.44 -24.45 37.43
N ASN A 377 -7.55 -25.35 36.96
CA ASN A 377 -6.36 -25.08 36.09
C ASN A 377 -6.99 -24.35 34.92
N LEU A 378 -6.48 -23.17 34.59
CA LEU A 378 -7.13 -22.32 33.55
C LEU A 378 -7.25 -23.01 32.18
N THR A 379 -6.39 -23.99 31.96
CA THR A 379 -6.23 -24.71 30.69
C THR A 379 -7.11 -26.00 30.54
N SER A 380 -8.08 -26.22 31.43
CA SER A 380 -8.89 -27.46 31.37
C SER A 380 -9.69 -27.54 30.11
N LEU A 381 -9.90 -28.77 29.64
CA LEU A 381 -10.32 -29.02 28.25
C LEU A 381 -11.82 -28.70 28.03
N GLY A 382 -12.09 -27.66 27.23
CA GLY A 382 -13.44 -27.11 27.06
C GLY A 382 -13.71 -25.77 27.76
N SER A 383 -12.86 -25.38 28.72
CA SER A 383 -13.06 -24.14 29.53
C SER A 383 -12.89 -22.82 28.74
N ASP A 384 -13.64 -21.81 29.14
CA ASP A 384 -13.65 -20.52 28.47
C ASP A 384 -12.32 -19.81 28.70
N SER A 385 -11.71 -20.08 29.85
CA SER A 385 -10.39 -19.54 30.25
C SER A 385 -9.18 -20.12 29.53
N ARG A 386 -9.38 -21.30 28.94
CA ARG A 386 -8.36 -22.02 28.17
C ARG A 386 -7.90 -21.23 26.93
N VAL A 387 -8.84 -20.94 26.03
CA VAL A 387 -8.65 -20.05 24.86
C VAL A 387 -7.53 -18.96 24.99
N PHE A 388 -7.49 -18.29 26.14
CA PHE A 388 -6.63 -17.13 26.39
C PHE A 388 -5.24 -17.61 26.80
N PHE A 389 -5.27 -18.67 27.64
CA PHE A 389 -4.11 -19.24 28.33
C PHE A 389 -3.43 -20.46 27.64
N GLU A 390 -4.12 -21.09 26.69
CA GLU A 390 -3.62 -22.25 25.92
C GLU A 390 -2.25 -21.98 25.28
N GLN A 391 -1.29 -22.92 25.42
CA GLN A 391 0.08 -22.78 24.86
C GLN A 391 0.48 -23.94 23.94
N GLY A 392 1.20 -23.62 22.86
CA GLY A 392 1.90 -24.62 22.03
C GLY A 392 2.26 -24.26 20.60
N ALA A 393 1.44 -24.75 19.67
CA ALA A 393 1.62 -24.52 18.24
C ALA A 393 1.76 -23.01 17.94
N THR A 394 0.62 -22.36 17.73
CA THR A 394 0.55 -20.96 17.34
C THR A 394 -0.31 -20.20 18.37
N ARG A 395 -0.03 -20.47 19.65
CA ARG A 395 -0.73 -19.85 20.78
C ARG A 395 0.29 -19.48 21.88
N ILE A 396 0.45 -18.19 22.16
CA ILE A 396 1.51 -17.70 23.07
C ILE A 396 1.13 -18.10 24.46
N GLY A 397 -0.14 -17.83 24.78
CA GLY A 397 -0.81 -18.36 25.96
C GLY A 397 -0.87 -17.41 27.13
N GLY A 398 -0.09 -17.74 28.16
CA GLY A 398 -0.30 -17.24 29.51
C GLY A 398 0.62 -16.15 30.01
N SER A 399 1.76 -15.97 29.33
CA SER A 399 2.75 -14.99 29.79
C SER A 399 3.35 -14.25 28.64
N TYR A 400 3.58 -12.95 28.86
CA TYR A 400 3.96 -11.97 27.82
C TYR A 400 5.06 -10.99 28.34
N LYS A 401 6.07 -10.78 27.51
CA LYS A 401 7.07 -9.79 27.78
C LYS A 401 6.31 -8.47 27.65
N LYS A 402 6.52 -7.59 28.62
CA LYS A 402 5.84 -6.31 28.63
C LYS A 402 6.80 -5.29 29.15
N LEU A 403 6.76 -4.10 28.58
CA LEU A 403 7.42 -2.96 29.20
C LEU A 403 6.47 -2.47 30.25
N VAL A 404 7.00 -2.06 31.40
CA VAL A 404 6.21 -1.56 32.53
C VAL A 404 6.95 -0.48 33.34
N TYR A 405 6.23 0.52 33.85
CA TYR A 405 6.89 1.56 34.62
C TYR A 405 7.15 1.01 36.02
N ARG A 406 8.24 1.45 36.63
CA ARG A 406 8.55 1.10 38.03
C ARG A 406 9.35 2.21 38.68
N GLU A 407 9.27 2.25 40.02
CA GLU A 407 9.78 3.41 40.77
C GLU A 407 11.19 3.14 41.29
N TYR A 408 12.01 4.19 41.27
CA TYR A 408 13.37 4.15 41.81
C TYR A 408 13.48 5.25 42.83
N THR A 409 14.47 5.13 43.69
CA THR A 409 14.66 6.07 44.79
C THR A 409 15.21 7.41 44.32
N ASP A 410 16.21 7.40 43.44
CA ASP A 410 16.77 8.67 42.95
C ASP A 410 17.38 8.58 41.56
N ASP A 411 17.87 9.75 41.14
CA ASP A 411 18.78 9.99 40.02
C ASP A 411 19.44 8.79 39.31
N SER A 412 20.26 8.03 40.04
CA SER A 412 20.89 6.81 39.52
C SER A 412 19.92 5.64 39.68
N PHE A 413 19.38 5.13 38.57
CA PHE A 413 18.33 4.09 38.63
C PHE A 413 18.92 2.74 38.98
N THR A 414 19.20 2.59 40.28
CA THR A 414 20.08 1.56 40.85
C THR A 414 19.38 0.75 41.96
N ASN A 415 18.86 1.44 42.98
CA ASN A 415 17.92 0.88 43.97
C ASN A 415 16.47 1.17 43.59
N ARG A 416 15.60 0.18 43.78
CA ARG A 416 14.16 0.33 43.52
C ARG A 416 13.52 1.25 44.59
N LYS A 417 12.21 1.11 44.80
CA LYS A 417 11.57 1.44 46.07
C LYS A 417 10.49 0.40 46.24
N GLN A 418 10.81 -0.69 46.92
CA GLN A 418 10.11 -1.97 46.70
C GLN A 418 8.60 -1.98 47.00
N ARG A 419 7.88 -2.80 46.21
CA ARG A 419 6.40 -2.87 46.26
C ARG A 419 6.00 -3.28 47.68
N GLY A 420 5.54 -2.29 48.47
CA GLY A 420 5.08 -2.44 49.87
C GLY A 420 3.83 -3.31 50.09
N PRO A 421 3.16 -3.17 51.26
CA PRO A 421 2.17 -4.22 51.61
C PRO A 421 0.83 -4.07 50.86
N ASP A 422 0.31 -2.85 50.92
CA ASP A 422 -0.99 -2.49 50.33
C ASP A 422 -0.81 -2.19 48.84
N GLU A 423 0.40 -1.84 48.40
CA GLU A 423 0.70 -1.71 46.94
C GLU A 423 0.76 -3.07 46.19
N GLU A 424 0.61 -4.19 46.91
CA GLU A 424 0.51 -5.54 46.34
C GLU A 424 -0.56 -5.65 45.22
N HIS A 425 -1.69 -4.93 45.35
CA HIS A 425 -2.74 -4.96 44.31
C HIS A 425 -2.44 -4.25 42.99
N LEU A 426 -1.47 -3.33 43.00
CA LEU A 426 -1.18 -2.52 41.80
C LEU A 426 -0.86 -3.42 40.60
N GLY A 427 0.09 -4.34 40.78
CA GLY A 427 0.44 -5.32 39.74
C GLY A 427 1.18 -4.69 38.59
N ILE A 428 0.55 -4.73 37.42
CA ILE A 428 1.14 -4.13 36.21
C ILE A 428 1.16 -2.58 36.21
N LEU A 429 0.20 -1.96 36.89
CA LEU A 429 0.21 -0.52 37.07
C LEU A 429 1.54 -0.04 37.63
N GLY A 430 2.02 1.05 37.04
CA GLY A 430 3.13 1.82 37.55
C GLY A 430 2.87 2.44 38.90
N PRO A 431 3.90 3.05 39.49
CA PRO A 431 3.71 3.61 40.81
C PRO A 431 2.82 4.83 40.71
N VAL A 432 2.05 5.05 41.76
CA VAL A 432 1.15 6.17 41.78
C VAL A 432 1.94 7.49 41.86
N ILE A 433 1.70 8.37 40.91
CA ILE A 433 2.11 9.76 41.10
C ILE A 433 0.96 10.45 41.83
N TRP A 434 1.29 11.33 42.76
CA TRP A 434 0.29 12.05 43.53
C TRP A 434 0.73 13.48 43.83
N ALA A 435 -0.27 14.37 43.95
CA ALA A 435 -0.02 15.74 44.40
C ALA A 435 -1.25 16.41 44.96
N GLU A 436 -1.01 17.59 45.53
CA GLU A 436 -2.07 18.50 45.98
C GLU A 436 -2.23 19.61 44.97
N VAL A 437 -3.36 20.29 45.04
CA VAL A 437 -3.60 21.50 44.25
C VAL A 437 -2.54 22.58 44.58
N GLY A 438 -1.89 23.12 43.54
CA GLY A 438 -0.88 24.20 43.68
C GLY A 438 0.58 23.75 43.57
N ASP A 439 0.75 22.43 43.53
CA ASP A 439 2.05 21.79 43.61
C ASP A 439 2.75 21.88 42.28
N ILE A 440 3.95 21.29 42.22
CA ILE A 440 4.75 21.14 41.00
C ILE A 440 5.25 19.69 40.93
N ILE A 441 4.54 18.83 40.20
CA ILE A 441 5.01 17.44 40.01
C ILE A 441 6.22 17.54 39.09
N ARG A 442 7.30 16.79 39.38
CA ARG A 442 8.37 16.49 38.38
C ARG A 442 8.70 15.00 38.31
N VAL A 443 8.90 14.47 37.10
CA VAL A 443 9.16 13.02 36.95
C VAL A 443 10.34 12.75 36.04
N THR A 444 11.43 12.38 36.68
CA THR A 444 12.62 11.93 36.02
C THR A 444 12.37 10.53 35.44
N PHE A 445 12.40 10.49 34.10
CA PHE A 445 12.11 9.29 33.35
C PHE A 445 13.32 8.74 32.60
N HIS A 446 13.64 7.48 32.88
CA HIS A 446 14.69 6.78 32.16
C HIS A 446 14.08 5.55 31.41
N ASN A 447 14.53 5.38 30.16
CA ASN A 447 14.09 4.27 29.30
C ASN A 447 15.05 3.10 29.39
N LYS A 448 14.53 1.90 29.54
CA LYS A 448 15.35 0.69 29.49
C LYS A 448 14.60 -0.35 28.71
N GLY A 449 14.15 0.05 27.51
CA GLY A 449 13.38 -0.82 26.62
C GLY A 449 14.01 -0.94 25.24
N GLN A 450 13.44 -1.78 24.39
CA GLN A 450 13.83 -1.81 22.97
C GLN A 450 13.40 -0.49 22.35
N PHE A 451 12.17 -0.06 22.57
CA PHE A 451 11.56 1.02 21.79
C PHE A 451 11.60 2.38 22.51
N PRO A 452 11.30 3.49 21.76
CA PRO A 452 11.28 4.81 22.40
C PRO A 452 9.93 5.13 23.03
N LEU A 453 9.99 5.90 24.12
CA LEU A 453 8.81 6.08 24.98
C LEU A 453 8.81 7.50 25.56
N SER A 454 7.78 7.79 26.35
CA SER A 454 7.54 9.09 27.01
C SER A 454 6.59 8.88 28.21
N ILE A 455 6.25 9.96 28.91
CA ILE A 455 5.14 9.93 29.86
C ILE A 455 4.20 11.07 29.54
N GLN A 456 2.99 10.73 29.05
CA GLN A 456 1.88 11.68 28.90
C GLN A 456 0.96 11.46 30.11
N PRO A 457 0.75 12.52 30.90
CA PRO A 457 -0.20 12.47 31.97
C PRO A 457 -1.62 12.75 31.44
N MET A 458 -2.62 12.58 32.31
CA MET A 458 -3.98 13.11 32.10
C MET A 458 -4.35 14.11 33.19
N GLY A 459 -4.82 15.28 32.77
CA GLY A 459 -5.39 16.28 33.69
C GLY A 459 -4.43 16.92 34.67
N VAL A 460 -3.27 17.34 34.19
CA VAL A 460 -2.36 18.27 34.90
C VAL A 460 -1.96 19.34 33.84
N ARG A 461 -1.23 20.39 34.20
CA ARG A 461 -0.79 21.34 33.16
C ARG A 461 0.63 20.98 32.74
N PHE A 462 0.95 21.16 31.46
CA PHE A 462 2.31 21.02 30.95
C PHE A 462 2.53 22.02 29.84
N THR A 463 3.67 22.74 29.83
CA THR A 463 3.98 23.64 28.68
C THR A 463 4.39 22.80 27.50
N LYS A 464 4.28 23.42 26.33
CA LYS A 464 4.40 22.73 25.05
C LYS A 464 5.54 21.76 25.16
N GLU A 465 6.67 22.26 25.69
CA GLU A 465 7.94 21.52 25.80
C GLU A 465 7.81 20.19 26.47
N ASN A 466 6.96 20.15 27.50
CA ASN A 466 6.79 18.95 28.33
C ASN A 466 5.81 17.92 27.78
N GLU A 467 5.04 18.29 26.76
CA GLU A 467 4.06 17.39 26.18
C GLU A 467 4.66 16.11 25.61
N GLY A 468 4.23 14.97 26.17
CA GLY A 468 4.71 13.65 25.81
C GLY A 468 3.99 12.89 24.69
N THR A 469 3.12 13.58 23.95
CA THR A 469 2.62 13.06 22.68
C THR A 469 3.04 14.06 21.62
N TYR A 470 3.58 13.59 20.48
CA TYR A 470 3.91 14.47 19.32
C TYR A 470 2.80 14.59 18.23
N TYR A 471 2.64 15.81 17.76
CA TYR A 471 1.68 16.16 16.75
C TYR A 471 2.07 17.61 16.26
N GLY A 472 1.48 18.03 15.16
CA GLY A 472 1.70 19.39 14.66
C GLY A 472 1.14 19.53 13.28
N PRO A 473 1.51 20.57 12.55
CA PRO A 473 2.42 21.62 13.01
C PRO A 473 1.88 22.42 14.18
N ASP A 474 2.62 22.48 15.29
CA ASP A 474 2.27 23.28 16.49
C ASP A 474 3.38 24.20 17.01
N GLY A 475 4.49 24.31 16.29
CA GLY A 475 5.65 25.12 16.70
C GLY A 475 6.59 24.57 17.78
N ARG A 476 6.63 23.26 17.94
CA ARG A 476 7.52 22.67 18.94
C ARG A 476 8.96 22.56 18.45
N SER A 477 9.89 23.14 19.21
CA SER A 477 11.32 23.00 18.94
C SER A 477 11.81 21.59 19.32
N SER A 478 11.87 21.29 20.61
CA SER A 478 12.35 19.99 21.14
C SER A 478 11.35 18.85 20.85
N LYS A 479 11.79 17.74 20.27
CA LYS A 479 10.93 16.54 20.21
C LYS A 479 11.28 15.59 21.36
N GLN A 480 12.07 16.07 22.36
CA GLN A 480 12.70 15.16 23.34
C GLN A 480 11.74 14.63 24.39
N ALA A 481 10.89 15.53 24.91
CA ALA A 481 9.77 15.17 25.78
C ALA A 481 8.88 14.03 25.23
N SER A 482 8.50 14.20 23.98
CA SER A 482 7.64 13.28 23.25
C SER A 482 8.32 12.01 22.70
N HIS A 483 9.65 12.02 22.63
CA HIS A 483 10.40 10.86 22.17
C HIS A 483 11.61 10.68 23.09
N VAL A 484 11.59 9.64 23.92
CA VAL A 484 12.76 9.35 24.78
C VAL A 484 13.37 8.05 24.28
N ALA A 485 14.69 8.12 24.03
CA ALA A 485 15.44 7.13 23.26
C ALA A 485 15.80 5.93 24.09
N PRO A 486 15.86 4.75 23.47
CA PRO A 486 15.85 3.49 24.24
C PRO A 486 16.87 3.31 25.34
N LYS A 487 17.77 4.27 25.56
CA LYS A 487 18.41 4.32 26.87
C LYS A 487 18.67 5.74 27.40
N GLU A 488 17.84 6.68 26.99
CA GLU A 488 17.94 8.08 27.43
C GLU A 488 17.08 8.37 28.70
N THR A 489 17.30 9.57 29.22
CA THR A 489 16.65 10.03 30.41
C THR A 489 16.19 11.48 30.20
N PHE A 490 14.93 11.75 30.54
CA PHE A 490 14.35 13.11 30.48
C PHE A 490 13.54 13.41 31.78
N THR A 491 13.48 14.68 32.15
CA THR A 491 12.64 15.19 33.25
C THR A 491 12.10 16.55 32.81
N TYR A 492 10.86 16.99 33.10
CA TYR A 492 9.48 16.42 32.98
C TYR A 492 8.70 17.16 34.04
N GLU A 493 8.36 18.42 33.74
CA GLU A 493 7.74 19.33 34.71
C GLU A 493 6.25 19.58 34.36
N TRP A 494 5.40 19.17 35.31
CA TRP A 494 3.98 19.43 35.31
C TRP A 494 3.63 20.31 36.51
N THR A 495 2.73 21.27 36.26
CA THR A 495 2.06 22.04 37.32
C THR A 495 0.64 21.48 37.56
N VAL A 496 0.07 21.86 38.70
CA VAL A 496 -1.27 21.42 39.10
C VAL A 496 -2.01 22.63 39.66
N PRO A 497 -2.28 23.64 38.80
CA PRO A 497 -3.01 24.78 39.29
C PRO A 497 -4.46 24.39 39.53
N LYS A 498 -5.06 25.09 40.50
CA LYS A 498 -6.45 24.94 41.02
C LYS A 498 -7.52 24.36 40.11
N GLU A 499 -7.55 24.84 38.87
CA GLU A 499 -8.53 24.43 37.84
C GLU A 499 -8.35 22.99 37.31
N MET A 500 -7.17 22.42 37.52
CA MET A 500 -6.92 21.03 37.14
C MET A 500 -7.20 20.02 38.26
N GLY A 501 -7.27 20.50 39.50
CA GLY A 501 -7.65 19.67 40.64
C GLY A 501 -9.15 19.70 40.90
N PRO A 502 -9.60 19.08 42.00
CA PRO A 502 -11.03 18.87 42.23
C PRO A 502 -11.69 20.12 42.77
N THR A 503 -12.99 20.23 42.48
CA THR A 503 -13.77 21.41 42.79
C THR A 503 -14.40 21.39 44.18
N TYR A 504 -15.08 22.51 44.47
CA TYR A 504 -16.04 22.65 45.56
C TYR A 504 -16.78 21.33 45.73
N ALA A 505 -17.62 20.93 44.77
CA ALA A 505 -18.45 19.71 44.93
C ALA A 505 -17.77 18.31 44.77
N ASP A 506 -16.49 18.27 44.35
CA ASP A 506 -15.77 17.02 43.93
C ASP A 506 -15.34 16.22 45.12
N PRO A 507 -14.98 14.93 44.94
CA PRO A 507 -14.30 14.23 46.02
C PRO A 507 -12.98 14.87 46.46
N VAL A 508 -12.29 14.22 47.38
CA VAL A 508 -11.11 14.82 48.02
C VAL A 508 -9.92 14.77 47.03
N CYS A 509 -9.80 13.59 46.44
CA CYS A 509 -8.81 13.27 45.45
C CYS A 509 -9.47 12.69 44.19
N LEU A 510 -8.98 13.14 43.03
CA LEU A 510 -9.49 12.72 41.74
C LEU A 510 -8.71 11.53 41.19
N SER A 511 -9.44 10.57 40.61
CA SER A 511 -8.81 9.47 39.89
C SER A 511 -8.35 9.99 38.55
N LYS A 512 -7.10 9.67 38.24
CA LYS A 512 -6.45 10.05 36.99
C LYS A 512 -5.46 8.94 36.62
N MET A 513 -4.81 9.12 35.46
CA MET A 513 -3.77 8.20 34.89
C MET A 513 -2.65 8.97 34.17
N TYR A 514 -1.53 8.27 33.99
CA TYR A 514 -0.44 8.70 33.10
C TYR A 514 -0.05 7.47 32.28
N TYR A 515 0.36 7.71 31.05
CA TYR A 515 0.67 6.62 30.13
C TYR A 515 1.91 7.03 29.33
N SER A 516 2.46 6.09 28.56
CA SER A 516 3.49 6.42 27.56
C SER A 516 2.89 6.92 26.23
N GLY A 517 3.40 8.05 25.73
CA GLY A 517 2.70 8.87 24.74
C GLY A 517 3.16 8.85 23.30
N VAL A 518 4.04 7.90 22.98
CA VAL A 518 4.58 7.80 21.63
C VAL A 518 3.45 7.33 20.70
N ASP A 519 3.12 6.05 20.79
CA ASP A 519 2.02 5.48 20.04
C ASP A 519 1.05 4.87 21.05
N LEU A 520 -0.01 5.62 21.34
CA LEU A 520 -0.95 5.20 22.38
C LEU A 520 -1.57 3.90 21.98
N THR A 521 -1.78 3.70 20.67
CA THR A 521 -2.48 2.49 20.19
C THR A 521 -1.71 1.19 20.42
N LYS A 522 -0.45 1.32 20.87
CA LYS A 522 0.38 0.20 21.32
C LYS A 522 1.06 0.34 22.70
N ASP A 523 1.48 1.55 23.12
CA ASP A 523 2.26 1.71 24.39
C ASP A 523 1.49 1.37 25.68
N ILE A 524 0.23 1.81 25.78
CA ILE A 524 -0.62 1.47 26.91
C ILE A 524 -0.76 -0.04 26.86
N PHE A 525 -1.33 -0.58 25.79
CA PHE A 525 -1.48 -2.06 25.70
C PHE A 525 -0.20 -2.90 25.97
N THR A 526 0.96 -2.26 25.91
CA THR A 526 2.29 -2.88 26.16
C THR A 526 2.66 -2.93 27.65
N GLY A 527 1.93 -2.19 28.48
CA GLY A 527 2.11 -2.14 29.94
C GLY A 527 2.52 -0.77 30.49
N LEU A 528 2.48 0.26 29.64
CA LEU A 528 3.00 1.56 30.01
C LEU A 528 1.86 2.46 30.41
N ILE A 529 1.40 2.23 31.65
CA ILE A 529 0.24 2.87 32.27
C ILE A 529 0.46 2.90 33.79
N GLY A 530 0.35 4.09 34.38
CA GLY A 530 0.32 4.22 35.82
C GLY A 530 -0.83 5.09 36.32
N PRO A 531 -1.30 4.88 37.56
CA PRO A 531 -2.27 5.76 38.22
C PRO A 531 -1.73 7.10 38.75
N MET A 532 -2.58 8.13 38.71
CA MET A 532 -2.25 9.46 39.22
C MET A 532 -3.45 9.85 40.12
N LYS A 533 -3.20 10.82 41.00
CA LYS A 533 -4.10 11.13 42.12
C LYS A 533 -3.82 12.55 42.58
N ILE A 534 -4.60 13.48 42.03
CA ILE A 534 -4.50 14.89 42.39
C ILE A 534 -5.61 15.24 43.38
N CYS A 535 -5.19 15.93 44.45
CA CYS A 535 -5.99 16.14 45.64
C CYS A 535 -6.07 17.59 46.01
N LYS A 536 -6.97 17.88 46.95
CA LYS A 536 -7.25 19.25 47.41
C LYS A 536 -6.11 19.73 48.26
N LYS A 537 -5.89 21.05 48.29
CA LYS A 537 -4.79 21.60 49.10
C LYS A 537 -4.81 21.04 50.53
N GLY A 538 -3.65 20.77 51.13
CA GLY A 538 -3.56 20.06 52.43
C GLY A 538 -4.50 18.88 52.76
N SER A 539 -4.84 18.02 51.80
CA SER A 539 -5.69 16.85 52.12
C SER A 539 -4.87 15.55 52.20
N LEU A 540 -3.54 15.72 52.22
CA LEU A 540 -2.61 14.61 52.08
C LEU A 540 -1.60 14.58 53.20
N LEU A 541 -1.31 13.35 53.64
CA LEU A 541 -0.23 13.06 54.58
C LEU A 541 1.07 13.21 53.82
N ALA A 542 2.12 13.66 54.52
CA ALA A 542 3.43 13.83 53.89
C ALA A 542 3.90 12.51 53.24
N ASP A 543 3.46 11.35 53.72
CA ASP A 543 3.76 10.09 53.05
C ASP A 543 2.95 9.93 51.76
N GLY A 544 1.78 10.58 51.68
CA GLY A 544 0.96 10.59 50.47
C GLY A 544 -0.43 9.95 50.60
N ARG A 545 -0.79 9.44 51.78
CA ARG A 545 -2.19 9.01 52.06
C ARG A 545 -3.16 10.19 52.19
N GLN A 546 -4.46 9.90 52.05
CA GLN A 546 -5.51 10.90 52.24
C GLN A 546 -5.72 11.00 53.75
N LYS A 547 -5.68 12.23 54.27
CA LYS A 547 -5.55 12.46 55.72
C LYS A 547 -6.49 11.70 56.62
N ASP A 548 -7.67 11.35 56.13
CA ASP A 548 -8.69 10.74 56.96
C ASP A 548 -9.19 9.42 56.36
N VAL A 549 -8.31 8.71 55.66
CA VAL A 549 -8.71 7.46 55.00
C VAL A 549 -7.70 6.36 55.24
N ASP A 550 -8.26 5.21 55.60
CA ASP A 550 -7.50 4.04 56.02
C ASP A 550 -6.77 3.49 54.80
N LYS A 551 -7.54 2.96 53.86
CA LYS A 551 -6.98 2.27 52.71
C LYS A 551 -7.49 2.87 51.38
N GLU A 552 -6.56 3.00 50.43
CA GLU A 552 -6.80 3.42 49.04
C GLU A 552 -6.43 2.25 48.06
N PHE A 553 -7.24 2.10 47.03
CA PHE A 553 -7.04 1.05 46.03
C PHE A 553 -7.10 1.70 44.68
N TYR A 554 -6.71 0.92 43.68
CA TYR A 554 -6.56 1.41 42.34
C TYR A 554 -6.98 0.30 41.44
N LEU A 555 -7.66 0.63 40.37
CA LEU A 555 -8.09 -0.42 39.50
C LEU A 555 -8.04 0.12 38.09
N PHE A 556 -7.57 -0.74 37.18
CA PHE A 556 -7.47 -0.46 35.78
C PHE A 556 -8.11 -1.64 35.06
N ALA A 557 -9.40 -1.54 34.79
CA ALA A 557 -10.09 -2.55 34.00
C ALA A 557 -9.92 -2.11 32.58
N THR A 558 -9.13 -2.90 31.86
CA THR A 558 -8.92 -2.73 30.42
C THR A 558 -8.83 -4.13 29.79
N VAL A 559 -9.11 -4.24 28.51
CA VAL A 559 -8.84 -5.47 27.78
C VAL A 559 -7.46 -5.33 27.13
N PHE A 560 -6.48 -6.09 27.61
CA PHE A 560 -5.11 -6.03 27.10
C PHE A 560 -4.96 -6.74 25.75
N ASP A 561 -5.03 -5.97 24.64
CA ASP A 561 -4.59 -6.45 23.29
C ASP A 561 -3.09 -6.62 23.47
N GLU A 562 -2.64 -7.87 23.54
CA GLU A 562 -1.23 -8.18 23.30
C GLU A 562 -1.02 -8.08 21.81
N ASN A 563 -2.11 -8.34 21.06
CA ASN A 563 -2.16 -8.16 19.61
C ASN A 563 -1.52 -6.87 19.09
N GLU A 564 -1.52 -5.81 19.88
CA GLU A 564 -0.84 -4.56 19.52
C GLU A 564 0.20 -4.17 20.56
N SER A 565 0.83 -5.14 21.20
CA SER A 565 1.94 -4.86 22.10
C SER A 565 3.06 -4.46 21.14
N LEU A 566 3.89 -3.49 21.53
CA LEU A 566 5.19 -3.33 20.86
C LEU A 566 5.93 -4.67 20.68
N LEU A 567 5.75 -5.61 21.62
CA LEU A 567 6.51 -6.84 21.67
C LEU A 567 5.66 -8.02 21.28
N LEU A 568 4.72 -7.89 20.34
CA LEU A 568 4.01 -9.09 19.87
C LEU A 568 5.06 -10.00 19.25
N ASP A 569 5.87 -9.39 18.37
CA ASP A 569 6.95 -10.06 17.69
C ASP A 569 7.77 -10.79 18.73
N ASP A 570 8.55 -10.04 19.50
CA ASP A 570 9.32 -10.57 20.64
C ASP A 570 8.68 -11.78 21.43
N ASN A 571 7.35 -11.73 21.61
CA ASN A 571 6.60 -12.79 22.29
C ASN A 571 6.38 -13.98 21.39
N ILE A 572 6.15 -13.78 20.09
CA ILE A 572 5.88 -14.94 19.21
C ILE A 572 7.19 -15.77 19.16
N ARG A 573 8.33 -15.09 18.98
CA ARG A 573 9.66 -15.70 19.14
C ARG A 573 9.75 -16.43 20.46
N MET A 574 9.57 -15.69 21.55
CA MET A 574 9.89 -16.17 22.90
C MET A 574 8.94 -17.29 23.44
N PHE A 575 7.74 -17.50 22.88
CA PHE A 575 6.74 -18.47 23.47
C PHE A 575 5.96 -19.39 22.53
N THR A 576 5.95 -19.14 21.23
CA THR A 576 5.39 -20.12 20.31
C THR A 576 6.52 -21.01 19.84
N THR A 577 6.22 -22.29 19.72
CA THR A 577 7.16 -23.26 19.18
C THR A 577 6.69 -23.72 17.77
N ALA A 578 5.85 -22.93 17.10
CA ALA A 578 5.77 -22.95 15.64
C ALA A 578 5.74 -21.51 15.02
N PRO A 579 6.63 -20.56 15.53
CA PRO A 579 6.57 -19.11 15.17
C PRO A 579 6.35 -18.73 13.70
N GLU A 580 6.60 -19.69 12.80
CA GLU A 580 6.49 -19.47 11.38
C GLU A 580 5.03 -19.61 10.96
N ASN A 581 4.32 -20.49 11.65
CA ASN A 581 2.88 -20.67 11.45
C ASN A 581 1.96 -19.59 12.07
N VAL A 582 2.50 -18.71 12.92
CA VAL A 582 1.71 -17.64 13.57
C VAL A 582 1.16 -16.61 12.55
N ASP A 583 -0.13 -16.77 12.23
CA ASP A 583 -0.90 -15.85 11.39
C ASP A 583 -1.44 -14.71 12.25
N LYS A 584 -0.80 -13.53 12.21
CA LYS A 584 -1.21 -12.41 13.10
C LYS A 584 -2.65 -11.92 12.92
N GLU A 585 -3.20 -12.08 11.69
CA GLU A 585 -4.59 -11.72 11.31
C GLU A 585 -5.62 -12.87 11.43
N ASP A 586 -5.31 -13.88 12.23
CA ASP A 586 -6.22 -14.97 12.46
C ASP A 586 -7.04 -14.60 13.67
N GLU A 587 -8.36 -14.52 13.47
CA GLU A 587 -9.30 -14.19 14.54
C GLU A 587 -8.99 -15.00 15.78
N ASP A 588 -9.01 -16.33 15.62
CA ASP A 588 -8.81 -17.25 16.74
C ASP A 588 -7.44 -17.02 17.45
N PHE A 589 -6.40 -16.63 16.70
CA PHE A 589 -5.09 -16.21 17.28
C PHE A 589 -5.28 -14.94 18.09
N GLN A 590 -5.89 -13.95 17.44
CA GLN A 590 -6.05 -12.63 18.05
C GLN A 590 -6.74 -12.73 19.40
N GLU A 591 -7.78 -13.55 19.46
CA GLU A 591 -8.42 -13.85 20.72
C GLU A 591 -7.40 -14.30 21.79
N SER A 592 -6.55 -15.32 21.51
CA SER A 592 -5.56 -15.84 22.52
C SER A 592 -4.78 -14.78 23.32
N ASN A 593 -4.66 -13.59 22.71
CA ASN A 593 -3.83 -12.51 23.22
C ASN A 593 -4.70 -11.26 23.48
N LYS A 594 -5.89 -11.49 24.06
CA LYS A 594 -6.81 -10.44 24.59
C LYS A 594 -7.08 -10.66 26.07
N MET A 595 -6.21 -10.11 26.91
CA MET A 595 -6.16 -10.43 28.33
C MET A 595 -7.10 -9.53 29.10
N HIS A 596 -8.37 -9.94 29.09
CA HIS A 596 -9.43 -9.31 29.85
C HIS A 596 -9.11 -9.26 31.35
N SER A 597 -8.57 -8.15 31.83
CA SER A 597 -7.91 -8.08 33.14
C SER A 597 -8.29 -6.88 34.04
N MET A 598 -7.83 -6.94 35.28
CA MET A 598 -7.81 -5.80 36.17
C MET A 598 -6.46 -5.73 36.83
N ASN A 599 -5.76 -4.61 36.69
CA ASN A 599 -4.37 -4.47 37.15
C ASN A 599 -3.46 -5.55 36.59
N GLY A 600 -3.83 -6.01 35.39
CA GLY A 600 -3.19 -7.15 34.80
C GLY A 600 -3.22 -8.41 35.64
N PHE A 601 -4.37 -8.76 36.20
CA PHE A 601 -4.60 -10.09 36.74
C PHE A 601 -5.93 -10.57 36.19
N MET A 602 -6.10 -11.88 36.17
CA MET A 602 -7.31 -12.48 35.64
C MET A 602 -7.73 -13.65 36.50
N TYR A 603 -8.93 -14.13 36.22
CA TYR A 603 -9.51 -15.26 36.93
C TYR A 603 -9.16 -15.44 38.42
N GLY A 604 -9.29 -14.35 39.18
CA GLY A 604 -9.31 -14.39 40.66
C GLY A 604 -7.99 -14.06 41.30
N ASN A 605 -7.01 -13.81 40.46
CA ASN A 605 -5.64 -13.85 40.92
C ASN A 605 -5.09 -12.48 41.44
N LEU A 606 -5.94 -11.49 41.64
CA LEU A 606 -5.41 -10.19 42.05
C LEU A 606 -5.17 -10.26 43.56
N PRO A 607 -3.91 -10.03 44.00
CA PRO A 607 -3.69 -9.87 45.43
C PRO A 607 -3.92 -8.44 45.82
N GLY A 608 -3.82 -8.14 47.12
CA GLY A 608 -3.73 -6.78 47.66
C GLY A 608 -5.02 -6.15 48.15
N LEU A 609 -6.18 -6.65 47.71
CA LEU A 609 -7.47 -5.97 47.93
C LEU A 609 -8.07 -6.35 49.28
N ASN A 610 -7.40 -5.84 50.30
CA ASN A 610 -7.65 -6.23 51.66
C ASN A 610 -7.79 -5.05 52.60
N MET A 611 -8.86 -5.14 53.40
CA MET A 611 -9.37 -4.06 54.24
C MET A 611 -10.15 -4.64 55.46
N CYS A 612 -10.17 -3.88 56.55
CA CYS A 612 -10.89 -4.26 57.73
C CYS A 612 -12.29 -3.67 57.70
N LEU A 613 -13.30 -4.41 58.20
CA LEU A 613 -14.67 -3.89 58.42
C LEU A 613 -14.70 -2.43 58.86
N GLY A 614 -15.62 -1.65 58.29
CA GLY A 614 -15.88 -0.27 58.74
C GLY A 614 -14.75 0.76 58.64
N GLU A 615 -13.70 0.45 57.89
CA GLU A 615 -12.64 1.42 57.59
C GLU A 615 -13.10 2.41 56.47
N SER A 616 -12.52 3.62 56.46
CA SER A 616 -12.65 4.52 55.31
C SER A 616 -11.88 3.95 54.12
N ILE A 617 -12.64 3.46 53.13
CA ILE A 617 -12.07 2.94 51.91
C ILE A 617 -12.34 3.94 50.80
N VAL A 618 -11.28 4.23 50.04
CA VAL A 618 -11.35 5.10 48.87
C VAL A 618 -10.78 4.36 47.63
N TRP A 619 -11.66 3.77 46.82
CA TRP A 619 -11.26 3.16 45.53
C TRP A 619 -11.14 4.20 44.40
N TYR A 620 -10.02 4.16 43.66
CA TYR A 620 -9.81 4.98 42.46
C TYR A 620 -9.79 4.11 41.17
N LEU A 621 -10.82 4.20 40.33
CA LEU A 621 -10.92 3.38 39.08
C LEU A 621 -10.63 4.13 37.79
N PHE A 622 -10.09 3.44 36.80
CA PHE A 622 -9.90 3.99 35.46
C PHE A 622 -9.74 2.88 34.43
N SER A 623 -9.84 3.27 33.14
CA SER A 623 -9.77 2.35 32.00
C SER A 623 -9.18 3.04 30.78
N ALA A 624 -8.75 2.23 29.81
CA ALA A 624 -8.32 2.70 28.48
C ALA A 624 -8.54 1.59 27.42
N GLY A 625 -8.70 2.00 26.17
CA GLY A 625 -8.81 1.09 25.05
C GLY A 625 -9.73 1.60 23.96
N ASN A 626 -10.68 0.75 23.61
CA ASN A 626 -11.49 0.98 22.45
C ASN A 626 -12.96 0.64 22.77
N GLU A 627 -13.82 0.72 21.77
CA GLU A 627 -15.24 0.41 21.89
C GLU A 627 -15.68 -1.01 22.40
N ALA A 628 -14.73 -1.82 22.85
CA ALA A 628 -15.08 -3.01 23.62
C ALA A 628 -14.61 -2.90 25.09
N ASP A 629 -13.92 -1.79 25.44
CA ASP A 629 -13.77 -1.33 26.85
C ASP A 629 -15.00 -0.48 27.37
N VAL A 630 -16.19 -1.07 27.31
CA VAL A 630 -17.34 -0.67 28.16
C VAL A 630 -17.28 -1.67 29.34
N HIS A 631 -17.52 -1.20 30.55
CA HIS A 631 -17.33 -2.05 31.72
C HIS A 631 -18.42 -1.74 32.74
N GLY A 632 -18.72 -2.72 33.59
CA GLY A 632 -19.48 -2.50 34.82
C GLY A 632 -18.81 -3.15 36.02
N ILE A 633 -17.91 -2.40 36.70
CA ILE A 633 -17.13 -2.86 37.87
C ILE A 633 -17.96 -2.93 39.17
N TYR A 634 -18.68 -4.04 39.32
CA TYR A 634 -19.62 -4.29 40.42
C TYR A 634 -18.92 -4.96 41.59
N PHE A 635 -19.03 -4.33 42.74
CA PHE A 635 -18.55 -4.90 43.96
C PHE A 635 -19.80 -5.61 44.52
N SER A 636 -19.76 -6.94 44.71
CA SER A 636 -20.88 -7.63 45.37
C SER A 636 -20.81 -7.29 46.85
N GLY A 637 -21.96 -7.29 47.52
CA GLY A 637 -22.01 -7.16 48.98
C GLY A 637 -21.97 -5.76 49.55
N ASN A 638 -21.00 -4.94 49.13
CA ASN A 638 -20.87 -3.54 49.59
C ASN A 638 -21.29 -2.53 48.50
N THR A 639 -21.48 -1.25 48.88
CA THR A 639 -21.73 -0.13 47.92
C THR A 639 -20.78 1.06 48.19
N TYR A 640 -20.83 2.06 47.31
CA TYR A 640 -20.01 3.27 47.44
C TYR A 640 -20.91 4.51 47.18
N LEU A 641 -20.39 5.66 47.61
CA LEU A 641 -20.96 6.97 47.27
C LEU A 641 -19.93 7.78 46.50
N SER A 642 -20.38 8.38 45.39
CA SER A 642 -19.55 9.20 44.51
C SER A 642 -20.36 10.42 44.18
N LYS A 643 -19.89 11.60 44.58
CA LYS A 643 -20.65 12.83 44.28
C LYS A 643 -22.14 12.67 44.65
N GLY A 644 -22.35 12.13 45.86
CA GLY A 644 -23.68 12.05 46.46
C GLY A 644 -24.64 11.05 45.85
N GLU A 645 -24.14 10.15 45.01
CA GLU A 645 -25.01 9.16 44.44
C GLU A 645 -24.59 7.74 44.86
N ARG A 646 -25.56 6.86 44.95
CA ARG A 646 -25.33 5.52 45.43
C ARG A 646 -25.45 4.52 44.31
N ARG A 647 -24.36 3.80 44.08
CA ARG A 647 -24.41 2.58 43.28
C ARG A 647 -23.37 1.65 43.89
N ASP A 648 -23.29 0.46 43.31
CA ASP A 648 -22.27 -0.52 43.63
C ASP A 648 -21.41 -0.87 42.44
N THR A 649 -21.77 -0.33 41.27
CA THR A 649 -21.26 -0.79 39.98
C THR A 649 -20.72 0.43 39.25
N ALA A 650 -19.41 0.40 38.86
CA ALA A 650 -18.69 1.48 38.12
C ALA A 650 -18.69 1.32 36.55
N ASN A 651 -19.41 2.18 35.86
CA ASN A 651 -19.40 2.14 34.43
C ASN A 651 -18.15 2.85 34.02
N LEU A 652 -17.29 2.09 33.33
CA LEU A 652 -15.99 2.56 32.84
C LEU A 652 -15.82 2.51 31.28
N PHE A 653 -15.00 3.46 30.77
CA PHE A 653 -14.66 3.63 29.35
C PHE A 653 -13.20 4.08 29.18
N PRO A 654 -12.72 4.07 27.94
CA PRO A 654 -11.46 4.71 27.61
C PRO A 654 -11.22 6.14 28.20
N HIS A 655 -10.26 6.20 29.13
CA HIS A 655 -9.79 7.42 29.85
C HIS A 655 -10.78 8.03 30.87
N LYS A 656 -11.84 7.26 31.15
CA LYS A 656 -12.75 7.52 32.24
C LYS A 656 -11.98 7.25 33.52
N SER A 657 -12.28 8.01 34.57
CA SER A 657 -11.69 7.80 35.88
C SER A 657 -12.69 8.16 36.98
N LEU A 658 -13.01 7.20 37.85
CA LEU A 658 -14.00 7.36 38.93
C LEU A 658 -13.34 7.27 40.31
N THR A 659 -13.61 8.24 41.19
CA THR A 659 -13.26 8.18 42.64
C THR A 659 -14.47 7.69 43.45
N LEU A 660 -14.37 6.49 44.04
CA LEU A 660 -15.45 5.89 44.88
C LEU A 660 -15.18 5.91 46.41
N LEU A 661 -16.14 6.41 47.21
CA LEU A 661 -16.00 6.46 48.66
C LEU A 661 -16.87 5.34 49.25
N MET A 662 -16.22 4.45 50.03
CA MET A 662 -16.83 3.25 50.63
C MET A 662 -16.37 3.10 52.09
N THR A 663 -17.29 2.67 52.96
CA THR A 663 -16.98 2.22 54.33
C THR A 663 -17.65 0.83 54.41
N PRO A 664 -16.88 -0.27 54.45
CA PRO A 664 -17.48 -1.58 54.17
C PRO A 664 -18.04 -2.28 55.40
N ASP A 665 -19.26 -2.82 55.27
CA ASP A 665 -20.03 -3.21 56.46
C ASP A 665 -20.07 -4.70 56.74
N THR A 666 -20.30 -5.50 55.70
CA THR A 666 -20.33 -6.97 55.86
C THR A 666 -18.87 -7.50 55.74
N GLU A 667 -18.56 -8.50 56.56
CA GLU A 667 -17.24 -9.11 56.67
C GLU A 667 -17.18 -10.35 55.75
N GLY A 668 -16.07 -10.50 54.99
CA GLY A 668 -15.88 -11.66 54.09
C GLY A 668 -15.01 -11.52 52.85
N SER A 669 -15.16 -12.49 51.93
CA SER A 669 -14.46 -12.56 50.61
C SER A 669 -15.42 -12.41 49.38
N PHE A 670 -15.48 -11.15 48.94
CA PHE A 670 -16.45 -10.66 47.98
C PHE A 670 -15.79 -10.41 46.65
N ASP A 671 -16.61 -10.18 45.63
CA ASP A 671 -16.17 -10.16 44.23
C ASP A 671 -16.24 -8.77 43.62
N VAL A 672 -15.09 -8.23 43.22
CA VAL A 672 -15.00 -7.16 42.18
C VAL A 672 -15.08 -7.83 40.79
N GLU A 673 -15.97 -7.39 39.92
CA GLU A 673 -16.04 -7.97 38.57
C GLU A 673 -16.67 -7.02 37.53
N CYS A 674 -16.43 -7.29 36.24
CA CYS A 674 -17.10 -6.58 35.13
C CYS A 674 -18.41 -7.34 34.85
N LEU A 675 -19.50 -6.61 34.93
CA LEU A 675 -20.75 -7.20 34.61
C LEU A 675 -20.80 -7.55 33.11
N THR A 676 -20.10 -6.76 32.29
CA THR A 676 -20.07 -6.94 30.83
C THR A 676 -19.78 -8.40 30.50
N THR A 677 -20.80 -9.11 29.98
CA THR A 677 -20.79 -10.59 29.79
C THR A 677 -19.44 -11.21 29.48
N ASP A 678 -18.85 -10.68 28.41
CA ASP A 678 -17.64 -11.22 27.82
C ASP A 678 -16.44 -11.06 28.73
N HIS A 679 -16.37 -9.95 29.48
CA HIS A 679 -15.22 -9.71 30.40
C HIS A 679 -15.24 -10.73 31.55
N TYR A 680 -16.44 -11.16 31.94
CA TYR A 680 -16.59 -12.07 33.08
C TYR A 680 -16.08 -13.41 32.61
N THR A 681 -16.77 -13.97 31.62
CA THR A 681 -16.38 -15.25 31.04
C THR A 681 -14.87 -15.26 30.60
N GLY A 682 -14.37 -14.11 30.14
CA GLY A 682 -12.95 -13.91 29.74
C GLY A 682 -11.93 -13.53 30.81
N GLY A 683 -12.39 -13.58 32.07
CA GLY A 683 -11.52 -13.60 33.21
C GLY A 683 -11.37 -12.31 33.96
N MET A 684 -12.29 -11.36 33.77
CA MET A 684 -12.25 -10.06 34.48
C MET A 684 -13.12 -10.24 35.71
N LYS A 685 -12.49 -10.70 36.80
CA LYS A 685 -13.15 -10.93 38.10
C LYS A 685 -12.10 -11.21 39.15
N GLN A 686 -12.12 -10.45 40.23
CA GLN A 686 -11.09 -10.54 41.30
C GLN A 686 -11.80 -10.71 42.63
N LYS A 687 -11.05 -10.65 43.73
CA LYS A 687 -11.62 -10.72 45.08
C LYS A 687 -11.08 -9.60 45.98
N TYR A 688 -11.93 -9.16 46.90
CA TYR A 688 -11.52 -8.27 47.98
C TYR A 688 -12.08 -8.81 49.25
N THR A 689 -11.43 -8.37 50.32
CA THR A 689 -11.62 -8.98 51.60
C THR A 689 -11.66 -8.00 52.76
N VAL A 690 -12.79 -8.09 53.48
CA VAL A 690 -13.11 -7.29 54.63
C VAL A 690 -12.89 -8.20 55.84
N ASN A 691 -11.87 -7.89 56.65
CA ASN A 691 -11.43 -8.73 57.79
C ASN A 691 -11.77 -8.08 59.13
N GLN A 692 -11.83 -8.89 60.19
CA GLN A 692 -12.17 -8.40 61.54
C GLN A 692 -10.90 -8.01 62.26
N CYS A 693 -10.53 -6.73 62.20
CA CYS A 693 -9.25 -6.27 62.77
C CYS A 693 -9.38 -5.68 64.18
N LYS A 694 -10.61 -5.60 64.67
CA LYS A 694 -10.87 -5.68 66.12
C LYS A 694 -12.25 -6.33 66.35
N GLY A 695 -13.32 -5.74 65.79
CA GLY A 695 -14.70 -6.29 65.79
C GLY A 695 -15.80 -5.37 66.35
N GLN A 696 -16.33 -5.68 67.57
CA GLN A 696 -16.16 -6.97 68.31
C GLN A 696 -17.36 -7.39 69.23
N PHE A 697 -18.56 -7.49 68.67
CA PHE A 697 -19.63 -8.41 69.15
C PHE A 697 -19.86 -9.35 67.93
N GLU A 698 -20.72 -8.95 66.97
CA GLU A 698 -20.74 -9.50 65.58
C GLU A 698 -21.87 -8.90 64.66
N ASP A 699 -22.10 -7.58 64.69
CA ASP A 699 -23.18 -6.89 63.91
C ASP A 699 -22.95 -5.39 63.54
N VAL A 700 -21.78 -4.84 63.90
CA VAL A 700 -21.54 -3.38 64.15
C VAL A 700 -22.64 -2.27 63.70
N THR A 701 -24.00 -2.53 63.75
CA THR A 701 -25.12 -1.46 63.88
C THR A 701 -26.68 -1.77 63.85
N LEU A 702 -27.36 -1.94 62.69
CA LEU A 702 -28.89 -1.80 62.68
C LEU A 702 -29.81 -2.46 61.53
N TYR A 703 -31.09 -2.65 61.93
CA TYR A 703 -32.26 -3.04 61.06
C TYR A 703 -33.57 -2.59 61.83
N GLN A 704 -34.77 -2.68 61.20
CA GLN A 704 -36.17 -2.43 61.80
C GLN A 704 -37.25 -3.51 61.39
N GLY A 705 -38.17 -3.21 60.41
CA GLY A 705 -39.29 -4.11 59.93
C GLY A 705 -38.95 -5.50 59.38
N GLU A 706 -39.83 -6.18 58.59
CA GLU A 706 -39.59 -7.57 57.94
C GLU A 706 -40.64 -8.14 56.90
N ARG A 707 -40.33 -8.04 55.62
CA ARG A 707 -41.31 -8.25 54.55
C ARG A 707 -41.02 -9.47 53.69
N THR A 708 -42.09 -10.10 53.19
CA THR A 708 -42.01 -11.44 52.66
C THR A 708 -42.68 -11.53 51.28
N TYR A 709 -41.88 -11.44 50.22
CA TYR A 709 -42.39 -11.66 48.86
C TYR A 709 -42.20 -13.12 48.50
N TYR A 710 -43.24 -13.79 47.95
CA TYR A 710 -43.04 -15.22 47.56
C TYR A 710 -42.78 -15.37 46.05
N ILE A 711 -41.50 -15.53 45.69
CA ILE A 711 -41.01 -15.51 44.30
C ILE A 711 -40.70 -16.91 43.79
N ALA A 712 -40.87 -17.14 42.49
CA ALA A 712 -40.54 -18.43 41.89
C ALA A 712 -39.92 -18.30 40.51
N ALA A 713 -38.94 -19.17 40.24
CA ALA A 713 -38.30 -19.25 38.94
C ALA A 713 -39.05 -20.24 38.00
N VAL A 714 -39.70 -19.77 36.93
CA VAL A 714 -40.34 -20.65 35.90
C VAL A 714 -40.39 -19.90 34.57
N GLU A 715 -40.57 -20.45 33.36
CA GLU A 715 -40.00 -21.62 32.68
C GLU A 715 -41.13 -21.76 31.61
N VAL A 716 -40.97 -21.10 30.46
CA VAL A 716 -42.13 -20.76 29.61
C VAL A 716 -41.86 -20.31 28.17
N GLU A 717 -42.87 -20.47 27.30
CA GLU A 717 -42.86 -19.85 25.96
C GLU A 717 -42.97 -18.35 26.07
N TRP A 718 -41.81 -17.71 25.88
CA TRP A 718 -41.66 -16.28 25.67
C TRP A 718 -41.59 -15.94 24.16
N ASP A 719 -42.66 -15.40 23.60
CA ASP A 719 -42.61 -14.73 22.30
C ASP A 719 -42.05 -13.31 22.57
N TYR A 720 -41.12 -12.84 21.73
CA TYR A 720 -40.50 -11.51 21.89
C TYR A 720 -41.34 -10.44 21.16
N SER A 721 -42.09 -10.86 20.15
CA SER A 721 -42.91 -9.95 19.32
C SER A 721 -44.10 -10.74 18.73
N PRO A 722 -45.17 -10.90 19.52
CA PRO A 722 -46.37 -11.66 19.07
C PRO A 722 -47.22 -11.01 17.97
N SER A 723 -47.40 -9.71 18.00
CA SER A 723 -47.90 -9.01 16.82
C SER A 723 -46.69 -8.60 16.01
N ARG A 724 -46.94 -8.27 14.75
CA ARG A 724 -46.00 -7.52 13.95
C ARG A 724 -46.59 -6.30 13.33
N ASP A 725 -47.87 -6.02 13.58
CA ASP A 725 -48.57 -4.94 12.86
C ASP A 725 -47.88 -3.59 13.06
N TRP A 726 -47.16 -3.41 14.19
CA TRP A 726 -46.47 -2.14 14.46
C TRP A 726 -45.31 -1.95 13.52
N GLU A 727 -44.45 -2.95 13.53
CA GLU A 727 -43.33 -3.04 12.63
C GLU A 727 -43.82 -2.82 11.19
N MET A 728 -44.87 -3.55 10.80
CA MET A 728 -45.48 -3.43 9.47
C MET A 728 -45.95 -2.02 9.12
N GLU A 729 -46.63 -1.33 10.04
CA GLU A 729 -47.04 0.06 9.77
C GLU A 729 -45.82 1.00 9.70
N LEU A 730 -44.85 0.77 10.58
CA LEU A 730 -43.64 1.59 10.59
C LEU A 730 -43.07 1.63 9.20
N HIS A 731 -42.76 0.44 8.70
CA HIS A 731 -42.07 0.29 7.44
C HIS A 731 -42.97 0.79 6.30
N HIS A 732 -44.29 0.58 6.37
CA HIS A 732 -45.24 1.15 5.38
C HIS A 732 -45.20 2.68 5.40
N LEU A 733 -45.09 3.25 6.58
CA LEU A 733 -45.03 4.69 6.65
C LEU A 733 -43.73 5.22 6.02
N GLN A 734 -42.58 4.59 6.29
CA GLN A 734 -41.30 5.12 5.74
C GLN A 734 -41.10 4.70 4.27
N GLU A 735 -42.02 3.87 3.73
CA GLU A 735 -41.99 3.38 2.35
C GLU A 735 -40.77 2.47 2.13
N GLN A 736 -40.43 1.66 3.14
CA GLN A 736 -39.31 0.70 3.09
C GLN A 736 -39.87 -0.73 3.07
N ASN A 737 -39.11 -1.70 2.54
CA ASN A 737 -39.64 -3.06 2.36
C ASN A 737 -39.17 -3.94 3.51
N VAL A 738 -37.84 -4.06 3.64
CA VAL A 738 -37.13 -4.71 4.77
C VAL A 738 -37.69 -6.00 5.43
N SER A 739 -36.84 -7.01 5.51
CA SER A 739 -37.10 -8.15 6.36
C SER A 739 -36.11 -8.05 7.51
N ASN A 740 -36.41 -8.83 8.54
CA ASN A 740 -35.76 -8.73 9.82
C ASN A 740 -35.02 -10.02 10.17
N ALA A 741 -33.73 -9.86 10.45
CA ALA A 741 -32.80 -10.95 10.78
C ALA A 741 -33.24 -11.82 11.95
N PHE A 742 -33.91 -11.18 12.91
CA PHE A 742 -34.09 -11.73 14.24
C PHE A 742 -35.40 -12.50 14.32
N LEU A 743 -36.40 -11.89 13.65
CA LEU A 743 -37.80 -12.23 13.77
C LEU A 743 -38.28 -13.10 12.60
N ASP A 744 -37.89 -12.75 11.36
CA ASP A 744 -38.32 -13.53 10.17
C ASP A 744 -37.78 -14.94 10.29
N LYS A 745 -38.55 -15.91 9.82
CA LYS A 745 -38.32 -17.31 10.20
C LYS A 745 -37.36 -18.03 9.23
N GLU A 746 -37.40 -17.60 7.96
CA GLU A 746 -36.43 -18.01 6.96
C GLU A 746 -36.68 -19.47 6.59
N GLU A 747 -35.64 -20.15 6.12
CA GLU A 747 -35.66 -21.60 5.98
C GLU A 747 -35.44 -22.21 7.37
N PHE A 748 -34.21 -22.11 7.85
CA PHE A 748 -33.77 -22.91 9.00
C PHE A 748 -33.88 -22.21 10.36
N PHE A 749 -34.16 -20.90 10.32
CA PHE A 749 -34.04 -20.03 11.49
C PHE A 749 -35.24 -20.06 12.39
N ILE A 750 -35.04 -19.54 13.60
CA ILE A 750 -36.00 -19.60 14.68
C ILE A 750 -37.11 -18.56 14.54
N GLY A 751 -36.71 -17.29 14.67
CA GLY A 751 -37.62 -16.17 14.62
C GLY A 751 -37.76 -15.60 16.02
N SER A 752 -38.99 -15.67 16.56
CA SER A 752 -39.47 -14.90 17.74
C SER A 752 -39.77 -15.66 19.06
N LYS A 753 -40.25 -16.89 19.02
CA LYS A 753 -40.60 -17.61 20.26
C LYS A 753 -39.44 -18.45 20.73
N TYR A 754 -39.04 -18.26 21.99
CA TYR A 754 -37.94 -19.01 22.61
C TYR A 754 -38.38 -19.47 24.05
N LYS A 755 -38.03 -20.69 24.44
CA LYS A 755 -38.11 -21.17 25.83
C LYS A 755 -37.14 -20.35 26.72
N LYS A 756 -37.68 -19.80 27.81
CA LYS A 756 -36.93 -18.97 28.75
C LYS A 756 -37.33 -19.27 30.20
N VAL A 757 -36.50 -18.88 31.16
CA VAL A 757 -36.84 -19.01 32.61
C VAL A 757 -37.01 -17.64 33.31
N VAL A 758 -38.26 -17.26 33.53
CA VAL A 758 -38.63 -15.95 34.07
C VAL A 758 -38.87 -16.04 35.60
N TYR A 759 -38.44 -15.04 36.36
CA TYR A 759 -38.93 -14.91 37.72
C TYR A 759 -40.44 -14.52 37.72
N ARG A 760 -41.16 -15.08 38.72
CA ARG A 760 -42.57 -14.72 39.06
C ARG A 760 -42.91 -14.71 40.61
N GLU A 761 -43.98 -13.97 40.95
CA GLU A 761 -44.49 -13.87 42.34
C GLU A 761 -45.65 -14.84 42.57
N PHE A 762 -45.63 -15.40 43.77
CA PHE A 762 -46.60 -16.36 44.18
C PHE A 762 -47.13 -15.94 45.52
N THR A 763 -48.39 -16.33 45.76
CA THR A 763 -49.21 -15.81 46.86
C THR A 763 -48.86 -16.41 48.25
N ASP A 764 -48.79 -17.72 48.34
CA ASP A 764 -48.57 -18.40 49.62
C ASP A 764 -47.14 -18.82 49.58
N SER A 765 -46.68 -19.67 50.49
CA SER A 765 -45.42 -20.42 50.26
C SER A 765 -45.72 -21.85 49.73
N THR A 766 -46.95 -22.07 49.27
CA THR A 766 -47.32 -23.30 48.56
C THR A 766 -47.10 -23.16 47.05
N PHE A 767 -47.10 -21.93 46.56
CA PHE A 767 -46.93 -21.66 45.14
C PHE A 767 -47.97 -22.35 44.25
N ARG A 768 -49.17 -22.61 44.74
CA ARG A 768 -50.15 -23.19 43.86
C ARG A 768 -50.84 -22.07 43.11
N GLU A 769 -50.65 -20.83 43.56
CA GLU A 769 -51.27 -19.64 42.97
C GLU A 769 -50.24 -18.57 42.63
N GLN A 770 -50.10 -18.29 41.34
CA GLN A 770 -49.18 -17.27 40.87
C GLN A 770 -49.97 -15.98 40.84
N VAL A 771 -49.40 -14.94 41.48
CA VAL A 771 -49.93 -13.54 41.46
C VAL A 771 -50.35 -13.16 40.04
N LYS A 772 -51.54 -12.60 39.87
CA LYS A 772 -51.93 -12.12 38.56
C LYS A 772 -51.29 -10.72 38.38
N ARG A 773 -50.84 -10.51 37.13
CA ARG A 773 -50.06 -9.33 36.72
C ARG A 773 -51.12 -8.24 36.60
N ARG A 774 -50.90 -7.13 37.29
CA ARG A 774 -51.94 -6.08 37.45
C ARG A 774 -52.52 -5.47 36.11
N ALA A 775 -52.37 -4.18 35.90
CA ALA A 775 -52.75 -3.56 34.60
C ALA A 775 -51.74 -2.50 34.27
N GLU A 776 -51.30 -1.78 35.29
CA GLU A 776 -50.05 -1.02 35.23
C GLU A 776 -48.83 -1.74 35.83
N GLU A 777 -48.97 -3.07 35.97
CA GLU A 777 -47.83 -3.98 36.07
C GLU A 777 -47.53 -4.63 34.69
N GLU A 778 -48.54 -4.68 33.80
CA GLU A 778 -48.47 -5.40 32.50
C GLU A 778 -47.32 -4.94 31.56
N HIS A 779 -46.88 -3.70 31.76
CA HIS A 779 -45.72 -3.20 31.05
C HIS A 779 -44.40 -3.89 31.41
N LEU A 780 -44.28 -4.50 32.58
CA LEU A 780 -42.99 -5.17 32.94
C LEU A 780 -42.41 -6.33 32.04
N GLY A 781 -43.30 -7.14 31.40
CA GLY A 781 -42.93 -8.34 30.59
C GLY A 781 -41.97 -9.39 31.20
N ILE A 782 -40.84 -9.61 30.51
CA ILE A 782 -39.85 -10.62 30.92
C ILE A 782 -39.30 -10.32 32.30
N LEU A 783 -39.40 -9.08 32.76
CA LEU A 783 -39.01 -8.78 34.12
C LEU A 783 -39.72 -9.66 35.13
N GLY A 784 -39.03 -9.89 36.25
CA GLY A 784 -39.62 -10.51 37.41
C GLY A 784 -40.51 -9.51 38.13
N PRO A 785 -41.18 -9.96 39.19
CA PRO A 785 -42.02 -9.07 39.94
C PRO A 785 -41.24 -7.95 40.58
N LEU A 786 -41.88 -6.80 40.58
CA LEU A 786 -41.35 -5.64 41.24
C LEU A 786 -41.19 -5.98 42.74
N ILE A 787 -40.09 -5.53 43.31
CA ILE A 787 -39.84 -5.66 44.75
C ILE A 787 -39.58 -4.26 45.37
N HIS A 788 -40.54 -3.75 46.17
CA HIS A 788 -40.37 -2.52 46.98
C HIS A 788 -39.79 -2.84 48.35
N ALA A 789 -39.13 -1.85 48.92
CA ALA A 789 -38.46 -1.96 50.23
C ALA A 789 -38.15 -0.56 50.64
N ASP A 790 -37.95 -0.36 51.93
CA ASP A 790 -37.81 0.97 52.48
C ASP A 790 -36.60 0.95 53.38
N VAL A 791 -35.93 2.10 53.47
CA VAL A 791 -34.58 2.21 54.10
C VAL A 791 -34.71 1.83 55.55
N GLY A 792 -34.47 0.56 55.82
CA GLY A 792 -34.74 0.01 57.13
C GLY A 792 -35.15 -1.45 57.13
N ASP A 793 -35.89 -1.86 56.12
CA ASP A 793 -36.53 -3.14 56.23
C ASP A 793 -35.52 -4.28 56.30
N LYS A 794 -36.08 -5.47 56.24
CA LYS A 794 -35.40 -6.67 55.76
C LYS A 794 -36.37 -7.29 54.74
N VAL A 795 -35.85 -8.02 53.76
CA VAL A 795 -36.74 -8.69 52.80
C VAL A 795 -36.42 -10.18 52.81
N LYS A 796 -37.41 -10.96 53.25
CA LYS A 796 -37.46 -12.41 53.04
C LYS A 796 -37.97 -12.55 51.58
N VAL A 797 -37.12 -13.17 50.74
CA VAL A 797 -37.60 -13.76 49.51
C VAL A 797 -37.60 -15.24 49.74
N VAL A 798 -38.79 -15.80 49.62
CA VAL A 798 -38.97 -17.22 49.52
C VAL A 798 -39.11 -17.54 48.05
N PHE A 799 -38.19 -18.42 47.64
CA PHE A 799 -37.84 -18.70 46.25
C PHE A 799 -38.00 -20.18 46.01
N LYS A 800 -39.02 -20.58 45.24
CA LYS A 800 -39.08 -21.93 44.68
C LYS A 800 -38.39 -21.97 43.31
N ASN A 801 -37.60 -23.02 43.06
CA ASN A 801 -37.01 -23.27 41.75
C ASN A 801 -37.93 -24.17 40.90
N MET A 802 -38.97 -23.60 40.33
CA MET A 802 -39.93 -24.36 39.54
C MET A 802 -39.42 -24.51 38.09
N ALA A 803 -38.11 -24.78 38.01
CA ALA A 803 -37.32 -24.77 36.78
C ALA A 803 -36.57 -26.09 36.77
N SER A 804 -35.74 -26.29 35.75
CA SER A 804 -35.09 -27.58 35.56
C SER A 804 -33.58 -27.58 35.67
N ARG A 805 -32.97 -26.60 36.33
CA ARG A 805 -31.56 -26.71 36.75
C ARG A 805 -31.25 -25.63 37.76
N PRO A 806 -30.19 -25.82 38.62
CA PRO A 806 -29.88 -24.80 39.67
C PRO A 806 -29.88 -23.29 39.26
N TYR A 807 -30.71 -22.49 39.93
CA TYR A 807 -30.69 -21.02 39.88
C TYR A 807 -30.58 -20.51 41.31
N SER A 808 -30.48 -19.20 41.44
CA SER A 808 -30.50 -18.55 42.74
C SER A 808 -31.34 -17.25 42.61
N ILE A 809 -31.16 -16.33 43.56
CA ILE A 809 -31.68 -14.97 43.44
C ILE A 809 -30.98 -14.06 44.46
N HIS A 810 -30.70 -12.84 44.00
CA HIS A 810 -29.85 -11.87 44.71
C HIS A 810 -29.89 -10.46 44.01
N ALA A 811 -29.59 -9.40 44.76
CA ALA A 811 -29.87 -8.03 44.36
C ALA A 811 -28.69 -7.11 44.65
N HIS A 812 -28.56 -6.08 43.82
CA HIS A 812 -27.48 -5.13 43.98
C HIS A 812 -27.96 -4.24 45.14
N GLY A 813 -27.02 -3.55 45.81
CA GLY A 813 -27.33 -2.56 46.88
C GLY A 813 -27.70 -3.18 48.23
N VAL A 814 -28.74 -4.03 48.22
CA VAL A 814 -29.07 -5.05 49.25
C VAL A 814 -27.84 -5.57 50.05
N LYS A 815 -28.02 -5.94 51.31
CA LYS A 815 -26.97 -6.55 52.18
C LYS A 815 -27.33 -7.99 52.64
N THR A 816 -26.34 -8.85 52.85
CA THR A 816 -26.58 -10.18 53.48
C THR A 816 -25.47 -10.45 54.49
N LYS A 817 -25.45 -11.71 54.97
CA LYS A 817 -24.81 -12.09 56.24
C LYS A 817 -23.29 -12.34 56.16
N SER A 818 -22.83 -13.16 55.20
CA SER A 818 -21.42 -13.09 54.70
C SER A 818 -21.30 -13.61 53.24
N SER A 819 -20.11 -13.51 52.65
CA SER A 819 -19.89 -13.44 51.17
C SER A 819 -20.24 -14.66 50.30
N THR A 820 -21.52 -15.03 50.27
CA THR A 820 -21.97 -16.26 49.58
C THR A 820 -23.47 -16.25 49.30
N VAL A 821 -23.82 -16.84 48.17
CA VAL A 821 -25.20 -17.08 47.82
C VAL A 821 -25.42 -18.58 47.77
N ALA A 822 -26.64 -18.98 48.05
CA ALA A 822 -27.02 -20.37 48.02
C ALA A 822 -27.66 -20.73 46.67
N PRO A 823 -27.22 -21.85 46.07
CA PRO A 823 -27.98 -22.35 44.91
C PRO A 823 -29.32 -22.96 45.33
N THR A 824 -30.24 -23.12 44.38
CA THR A 824 -31.59 -23.62 44.72
C THR A 824 -32.05 -24.71 43.71
N LEU A 825 -31.84 -25.98 44.07
CA LEU A 825 -32.07 -27.13 43.13
C LEU A 825 -33.55 -27.23 42.68
N PRO A 826 -33.84 -27.78 41.46
CA PRO A 826 -35.22 -27.80 40.92
C PRO A 826 -36.20 -28.49 41.84
N GLY A 827 -37.47 -28.04 41.84
CA GLY A 827 -38.42 -28.45 42.88
C GLY A 827 -38.19 -27.86 44.29
N GLU A 828 -36.94 -27.93 44.82
CA GLU A 828 -36.55 -27.34 46.14
C GLU A 828 -36.90 -25.82 46.28
N VAL A 829 -37.22 -25.38 47.52
CA VAL A 829 -37.60 -23.97 47.84
C VAL A 829 -36.87 -23.40 49.09
N ARG A 830 -36.40 -22.15 48.97
CA ARG A 830 -35.42 -21.53 49.86
C ARG A 830 -35.68 -20.03 50.14
N THR A 831 -35.20 -19.57 51.30
CA THR A 831 -35.37 -18.21 51.81
C THR A 831 -34.08 -17.40 51.79
N TYR A 832 -34.18 -16.13 51.38
CA TYR A 832 -33.05 -15.20 51.38
C TYR A 832 -33.29 -13.95 52.28
N ILE A 833 -32.30 -13.67 53.14
CA ILE A 833 -32.24 -12.49 54.03
C ILE A 833 -31.56 -11.31 53.29
N TRP A 834 -32.36 -10.46 52.61
CA TRP A 834 -31.89 -9.14 52.09
C TRP A 834 -32.16 -8.04 53.12
N GLN A 835 -31.13 -7.69 53.88
CA GLN A 835 -31.12 -6.47 54.71
C GLN A 835 -31.12 -5.21 53.85
N ILE A 836 -31.70 -4.11 54.31
CA ILE A 836 -31.75 -2.89 53.52
C ILE A 836 -31.32 -1.65 54.32
N PRO A 837 -30.08 -1.60 54.81
CA PRO A 837 -29.51 -0.46 55.60
C PRO A 837 -29.62 0.94 55.00
N GLU A 838 -28.87 1.88 55.59
CA GLU A 838 -28.82 3.24 55.02
C GLU A 838 -28.07 3.18 53.72
N ARG A 839 -27.01 2.36 53.70
CA ARG A 839 -26.23 2.17 52.48
C ARG A 839 -26.88 1.30 51.35
N SER A 840 -28.19 1.02 51.43
CA SER A 840 -28.89 0.40 50.32
C SER A 840 -29.93 1.27 49.63
N GLY A 841 -30.20 2.47 50.13
CA GLY A 841 -31.18 3.36 49.52
C GLY A 841 -30.52 4.67 49.20
N ALA A 842 -31.33 5.63 48.77
CA ALA A 842 -30.83 6.92 48.25
C ALA A 842 -29.66 7.48 49.08
N GLY A 843 -28.73 8.16 48.43
CA GLY A 843 -27.74 9.00 49.10
C GLY A 843 -28.18 10.43 49.07
N THR A 844 -27.33 11.31 49.61
CA THR A 844 -27.61 12.74 49.77
C THR A 844 -28.41 13.28 48.59
N GLU A 845 -27.77 13.16 47.42
CA GLU A 845 -28.27 13.70 46.17
C GLU A 845 -29.08 12.70 45.34
N ASP A 846 -29.35 11.48 45.84
CA ASP A 846 -30.23 10.56 45.12
C ASP A 846 -31.65 10.90 45.42
N SER A 847 -32.46 10.82 44.36
CA SER A 847 -33.92 10.82 44.47
C SER A 847 -34.32 9.52 45.18
N PRO A 848 -35.37 9.59 46.01
CA PRO A 848 -35.60 8.67 47.14
C PRO A 848 -35.76 7.19 46.85
N CYS A 849 -36.64 6.89 45.91
CA CYS A 849 -36.65 5.56 45.32
C CYS A 849 -35.60 5.36 44.22
N ILE A 850 -34.68 4.43 44.47
CA ILE A 850 -33.63 4.03 43.52
C ILE A 850 -33.76 2.56 43.24
N PRO A 851 -33.60 2.14 41.97
CA PRO A 851 -33.77 0.73 41.68
C PRO A 851 -32.42 -0.02 41.70
N TRP A 852 -32.54 -1.34 41.78
CA TRP A 852 -31.42 -2.26 41.56
C TRP A 852 -31.95 -3.42 40.76
N ALA A 853 -31.01 -4.23 40.31
CA ALA A 853 -31.35 -5.43 39.66
C ALA A 853 -31.23 -6.53 40.72
N TYR A 854 -32.20 -7.43 40.66
CA TYR A 854 -32.09 -8.75 41.21
C TYR A 854 -32.12 -9.76 40.03
N TYR A 855 -31.25 -10.77 40.10
CA TYR A 855 -30.83 -11.62 38.96
C TYR A 855 -30.37 -12.95 39.46
N SER A 856 -30.33 -13.99 38.62
CA SER A 856 -29.75 -15.28 39.09
C SER A 856 -28.23 -15.18 39.28
N THR A 857 -27.65 -15.98 40.20
CA THR A 857 -26.16 -16.08 40.35
C THR A 857 -25.59 -17.49 40.48
N VAL A 858 -26.27 -18.45 39.87
CA VAL A 858 -25.64 -19.73 39.65
C VAL A 858 -24.61 -19.44 38.56
N ASP A 859 -25.11 -19.08 37.39
CA ASP A 859 -24.29 -18.81 36.21
C ASP A 859 -24.63 -17.39 35.74
N ARG A 860 -23.83 -16.41 36.20
CA ARG A 860 -24.21 -15.00 36.05
C ARG A 860 -24.79 -14.66 34.69
N VAL A 861 -24.11 -15.20 33.69
CA VAL A 861 -24.29 -14.85 32.29
C VAL A 861 -25.35 -15.70 31.59
N LYS A 862 -25.29 -17.00 31.80
CA LYS A 862 -26.15 -17.90 31.03
C LYS A 862 -27.53 -17.84 31.66
N ASP A 863 -27.57 -17.70 32.99
CA ASP A 863 -28.82 -17.52 33.71
C ASP A 863 -29.50 -16.20 33.26
N LEU A 864 -28.89 -15.04 33.56
CA LEU A 864 -29.33 -13.74 33.01
C LEU A 864 -29.89 -13.75 31.52
N TYR A 865 -29.15 -14.26 30.56
CA TYR A 865 -29.69 -14.30 29.19
C TYR A 865 -30.87 -15.28 29.04
N SER A 866 -30.98 -16.23 29.97
CA SER A 866 -32.01 -17.25 29.84
C SER A 866 -33.42 -16.73 30.11
N GLY A 867 -33.50 -15.61 30.86
CA GLY A 867 -34.76 -14.94 31.31
C GLY A 867 -34.85 -14.32 32.74
N LEU A 868 -33.85 -14.60 33.62
CA LEU A 868 -33.89 -14.29 35.08
C LEU A 868 -33.31 -12.94 35.50
N ILE A 869 -34.18 -11.93 35.37
CA ILE A 869 -33.92 -10.50 35.72
C ILE A 869 -35.15 -9.76 36.35
N GLY A 870 -34.90 -8.99 37.43
CA GLY A 870 -35.95 -8.17 38.04
C GLY A 870 -35.51 -6.89 38.77
N PRO A 871 -36.50 -6.02 39.08
CA PRO A 871 -36.22 -4.71 39.66
C PRO A 871 -36.45 -4.69 41.14
N LEU A 872 -35.53 -4.12 41.90
CA LEU A 872 -35.70 -3.94 43.33
C LEU A 872 -35.55 -2.46 43.66
N ILE A 873 -36.62 -1.86 44.20
CA ILE A 873 -36.62 -0.43 44.47
C ILE A 873 -36.57 -0.17 45.96
N VAL A 874 -35.70 0.75 46.36
CA VAL A 874 -35.30 0.94 47.74
C VAL A 874 -35.46 2.44 48.16
N CYS A 875 -36.70 2.67 48.62
CA CYS A 875 -37.26 3.98 48.88
C CYS A 875 -36.95 4.46 50.28
N ARG A 876 -36.64 5.76 50.44
CA ARG A 876 -36.35 6.34 51.76
C ARG A 876 -37.69 6.54 52.48
N LYS A 877 -37.86 5.69 53.53
CA LYS A 877 -38.70 5.86 54.75
C LYS A 877 -39.05 7.30 54.88
N SER A 878 -40.24 7.68 54.46
CA SER A 878 -40.50 9.12 54.25
C SER A 878 -40.68 9.82 55.53
N TYR A 879 -41.87 9.72 56.09
CA TYR A 879 -42.29 10.68 57.06
C TYR A 879 -43.64 10.34 57.76
N VAL A 880 -43.68 10.85 58.98
CA VAL A 880 -44.90 11.38 59.56
C VAL A 880 -45.58 12.19 58.39
N LYS A 881 -44.85 13.18 57.86
CA LYS A 881 -45.32 14.20 56.88
C LYS A 881 -46.26 13.76 55.72
N VAL A 882 -46.18 14.46 54.57
CA VAL A 882 -47.37 15.11 53.88
C VAL A 882 -48.56 14.17 53.49
N PHE A 883 -49.70 14.80 53.13
CA PHE A 883 -51.04 14.17 53.17
C PHE A 883 -51.78 14.33 51.84
N ASN A 884 -52.26 15.56 51.58
CA ASN A 884 -53.36 15.90 50.63
C ASN A 884 -52.90 15.76 49.18
N PRO A 885 -53.78 15.25 48.26
CA PRO A 885 -53.48 14.50 47.01
C PRO A 885 -52.08 14.63 46.38
N LYS A 886 -51.63 13.52 45.78
CA LYS A 886 -50.41 13.46 44.97
C LYS A 886 -50.68 13.13 43.49
N LYS A 887 -51.19 11.92 43.27
CA LYS A 887 -51.05 11.13 42.02
C LYS A 887 -49.57 10.70 41.79
N LYS A 888 -49.38 9.54 41.18
CA LYS A 888 -48.06 8.88 41.11
C LYS A 888 -48.17 7.61 40.24
N MET A 889 -47.18 7.34 39.42
CA MET A 889 -47.10 6.11 38.64
C MET A 889 -45.64 5.63 38.70
N GLU A 890 -45.42 4.36 38.35
CA GLU A 890 -44.07 3.78 38.23
C GLU A 890 -43.95 2.89 37.01
N PHE A 891 -42.78 2.92 36.39
CA PHE A 891 -42.46 2.06 35.27
C PHE A 891 -41.01 1.55 35.36
N SER A 892 -40.83 0.23 35.42
CA SER A 892 -39.48 -0.30 35.31
C SER A 892 -39.18 -0.70 33.86
N LEU A 893 -38.06 -0.17 33.33
CA LEU A 893 -37.57 -0.42 31.97
C LEU A 893 -36.16 -1.00 32.02
N LEU A 894 -36.00 -2.14 31.34
CA LEU A 894 -34.75 -2.88 31.28
C LEU A 894 -34.35 -2.99 29.82
N PHE A 895 -33.20 -2.38 29.50
CA PHE A 895 -32.69 -2.40 28.12
C PHE A 895 -31.59 -3.48 27.98
N LEU A 896 -31.89 -4.49 27.13
CA LEU A 896 -31.03 -5.67 26.97
C LEU A 896 -31.27 -6.32 25.63
N VAL A 897 -30.16 -6.53 24.93
CA VAL A 897 -30.09 -7.35 23.75
C VAL A 897 -29.87 -8.75 24.31
N PHE A 898 -30.96 -9.52 24.31
CA PHE A 898 -30.97 -10.88 24.85
C PHE A 898 -30.28 -11.90 23.91
N ASP A 899 -29.02 -12.26 24.23
CA ASP A 899 -28.24 -13.31 23.50
C ASP A 899 -28.76 -14.73 23.71
N GLU A 900 -29.78 -15.10 22.89
CA GLU A 900 -30.45 -16.43 22.97
C GLU A 900 -29.50 -17.56 22.72
N ASN A 901 -28.45 -17.28 21.93
CA ASN A 901 -27.32 -18.19 21.71
C ASN A 901 -26.62 -18.57 23.03
N GLU A 902 -26.72 -17.76 24.07
CA GLU A 902 -26.18 -18.11 25.40
C GLU A 902 -27.17 -18.87 26.39
N SER A 903 -28.41 -19.09 25.92
CA SER A 903 -29.52 -19.66 26.72
C SER A 903 -29.20 -21.09 27.09
N TRP A 904 -29.46 -21.51 28.33
CA TRP A 904 -29.45 -22.96 28.63
C TRP A 904 -30.51 -23.69 27.82
N TYR A 905 -31.46 -22.93 27.28
CA TYR A 905 -32.64 -23.48 26.66
C TYR A 905 -32.42 -23.44 25.17
N LEU A 906 -31.17 -23.24 24.73
CA LEU A 906 -30.87 -23.13 23.32
C LEU A 906 -31.11 -24.43 22.53
N ASP A 907 -30.55 -25.54 23.03
CA ASP A 907 -30.76 -26.88 22.45
C ASP A 907 -32.24 -27.06 22.08
N ASP A 908 -33.05 -26.95 23.14
CA ASP A 908 -34.48 -27.20 23.09
C ASP A 908 -35.13 -26.15 22.18
N ASN A 909 -34.70 -24.90 22.31
CA ASN A 909 -35.13 -23.82 21.41
C ASN A 909 -35.00 -24.22 19.94
N ILE A 910 -33.84 -24.79 19.61
CA ILE A 910 -33.55 -25.03 18.23
C ILE A 910 -34.44 -26.18 17.76
N ASN A 911 -34.32 -27.33 18.43
CA ASN A 911 -35.13 -28.53 18.11
C ASN A 911 -36.58 -28.16 17.86
N THR A 912 -37.11 -27.37 18.81
CA THR A 912 -38.53 -27.07 18.92
C THR A 912 -39.03 -26.14 17.84
N TYR A 913 -38.32 -25.03 17.65
CA TYR A 913 -38.87 -23.92 16.87
C TYR A 913 -38.46 -23.94 15.37
N SER A 914 -37.23 -24.30 15.03
CA SER A 914 -36.75 -24.25 13.61
C SER A 914 -37.42 -25.24 12.65
N ASP A 915 -37.57 -24.84 11.38
CA ASP A 915 -38.21 -25.71 10.36
C ASP A 915 -37.35 -26.95 10.06
N HIS A 916 -36.03 -26.81 10.09
CA HIS A 916 -35.09 -27.92 9.89
C HIS A 916 -33.99 -27.78 10.95
N PRO A 917 -34.11 -28.51 12.09
CA PRO A 917 -33.06 -28.55 13.16
C PRO A 917 -31.62 -29.04 12.80
N GLU A 918 -31.47 -29.59 11.61
CA GLU A 918 -30.21 -30.15 11.13
C GLU A 918 -29.35 -29.01 10.57
N LYS A 919 -29.98 -28.15 9.74
CA LYS A 919 -29.30 -27.01 9.03
C LYS A 919 -28.71 -25.92 9.98
N VAL A 920 -28.93 -26.07 11.29
CA VAL A 920 -28.48 -25.08 12.23
C VAL A 920 -27.05 -25.35 12.57
N ASN A 921 -26.21 -24.59 11.90
CA ASN A 921 -24.81 -24.57 12.26
C ASN A 921 -24.77 -23.57 13.39
N LYS A 922 -24.43 -24.06 14.60
CA LYS A 922 -24.45 -23.21 15.78
C LYS A 922 -23.42 -22.07 15.85
N ASP A 923 -22.34 -22.18 15.08
CA ASP A 923 -21.32 -21.12 14.96
C ASP A 923 -21.52 -20.23 13.74
N ASN A 924 -22.40 -20.67 12.82
CA ASN A 924 -22.99 -19.83 11.75
C ASN A 924 -23.26 -18.43 12.29
N GLU A 925 -22.74 -17.39 11.65
CA GLU A 925 -23.03 -16.03 12.14
C GLU A 925 -24.11 -15.30 11.34
N GLU A 926 -24.90 -16.05 10.57
CA GLU A 926 -26.24 -15.64 10.14
C GLU A 926 -27.18 -15.88 11.31
N PHE A 927 -26.80 -16.82 12.17
CA PHE A 927 -27.62 -17.43 13.18
C PHE A 927 -27.37 -16.78 14.53
N ILE A 928 -26.10 -16.58 14.85
CA ILE A 928 -25.74 -15.74 15.99
C ILE A 928 -26.36 -14.31 15.88
N GLU A 929 -26.70 -13.90 14.66
CA GLU A 929 -27.61 -12.77 14.43
C GLU A 929 -29.10 -13.09 14.78
N SER A 930 -29.79 -14.02 14.10
CA SER A 930 -31.23 -14.30 14.37
C SER A 930 -31.68 -14.44 15.86
N ASN A 931 -30.70 -14.72 16.72
CA ASN A 931 -30.90 -15.02 18.14
C ASN A 931 -30.33 -13.95 19.13
N LYS A 932 -29.84 -12.83 18.59
CA LYS A 932 -29.53 -11.63 19.37
C LYS A 932 -30.80 -10.74 19.40
N MET A 933 -31.56 -10.79 20.50
CA MET A 933 -32.88 -10.18 20.56
C MET A 933 -32.85 -8.82 21.31
N HIS A 934 -33.06 -7.75 20.53
CA HIS A 934 -32.87 -6.33 20.92
C HIS A 934 -34.14 -5.73 21.51
N ALA A 935 -34.20 -5.67 22.84
CA ALA A 935 -35.47 -5.49 23.49
C ALA A 935 -35.42 -4.76 24.78
N ILE A 936 -36.54 -4.09 25.03
CA ILE A 936 -36.76 -3.39 26.26
C ILE A 936 -37.72 -4.32 26.95
N ASN A 937 -37.37 -4.76 28.16
CA ASN A 937 -38.23 -5.66 28.96
C ASN A 937 -38.65 -6.89 28.10
N GLY A 938 -37.71 -7.52 27.40
CA GLY A 938 -38.04 -8.67 26.53
C GLY A 938 -39.07 -8.45 25.40
N LYS A 939 -39.31 -7.22 25.00
CA LYS A 939 -40.23 -6.97 23.93
C LYS A 939 -39.77 -5.92 22.96
N MET A 940 -40.29 -6.10 21.75
CA MET A 940 -39.82 -5.44 20.56
C MET A 940 -40.94 -4.84 19.73
N PHE A 941 -40.60 -3.78 19.01
CA PHE A 941 -41.38 -3.27 17.87
C PHE A 941 -42.83 -2.99 18.26
N GLY A 942 -42.93 -2.18 19.31
CA GLY A 942 -44.21 -1.76 19.84
C GLY A 942 -45.04 -2.85 20.51
N ASN A 943 -44.44 -3.98 20.87
CA ASN A 943 -45.16 -5.06 21.58
C ASN A 943 -44.79 -5.06 23.06
N LEU A 944 -44.29 -3.92 23.55
CA LEU A 944 -44.15 -3.65 24.99
C LEU A 944 -45.26 -2.67 25.22
N GLN A 945 -46.32 -3.09 25.93
CA GLN A 945 -47.52 -2.23 26.05
C GLN A 945 -47.94 -1.79 27.45
N GLY A 946 -48.88 -0.83 27.48
CA GLY A 946 -49.35 -0.29 28.75
C GLY A 946 -48.28 0.49 29.48
N LEU A 947 -47.41 1.11 28.71
CA LEU A 947 -46.80 2.29 29.24
C LEU A 947 -47.88 3.29 28.98
N THR A 948 -48.75 3.48 29.97
CA THR A 948 -49.85 4.43 29.81
C THR A 948 -50.01 5.30 31.02
N MET A 949 -50.24 6.59 30.77
CA MET A 949 -50.37 7.59 31.82
C MET A 949 -51.23 8.76 31.35
N HIS A 950 -51.41 9.71 32.29
CA HIS A 950 -52.32 10.87 32.18
C HIS A 950 -51.56 12.16 32.38
N VAL A 951 -52.11 13.24 31.81
CA VAL A 951 -51.49 14.57 31.94
C VAL A 951 -51.42 14.97 33.41
N GLY A 952 -50.30 15.58 33.76
CA GLY A 952 -50.04 15.97 35.12
C GLY A 952 -49.60 14.89 36.11
N ASP A 953 -49.47 13.61 35.71
CA ASP A 953 -49.04 12.55 36.68
C ASP A 953 -47.61 12.80 37.15
N GLU A 954 -47.14 11.98 38.10
CA GLU A 954 -45.72 12.01 38.51
C GLU A 954 -45.18 10.62 38.29
N VAL A 955 -44.46 10.49 37.17
CA VAL A 955 -43.93 9.23 36.72
C VAL A 955 -42.47 9.17 37.17
N ASN A 956 -42.14 8.01 37.77
CA ASN A 956 -40.75 7.62 37.99
C ASN A 956 -40.55 6.43 37.03
N TRP A 957 -39.60 6.59 36.08
CA TRP A 957 -39.16 5.50 35.25
C TRP A 957 -37.86 4.94 35.87
N TYR A 958 -37.89 3.63 36.18
CA TYR A 958 -36.74 2.89 36.74
C TYR A 958 -36.10 2.25 35.55
N VAL A 959 -35.06 2.91 35.03
CA VAL A 959 -34.38 2.38 33.86
C VAL A 959 -33.12 1.70 34.35
N MET A 960 -32.94 0.51 33.78
CA MET A 960 -31.75 -0.30 33.96
C MET A 960 -31.30 -0.95 32.62
N ALA A 961 -30.01 -1.27 32.56
CA ALA A 961 -29.45 -2.02 31.45
C ALA A 961 -28.40 -3.03 31.90
N MET A 962 -28.51 -4.23 31.34
CA MET A 962 -27.59 -5.30 31.62
C MET A 962 -27.03 -5.89 30.33
N GLY A 963 -25.97 -6.69 30.47
CA GLY A 963 -25.51 -7.60 29.42
C GLY A 963 -24.05 -7.52 28.95
N ASN A 964 -23.89 -7.38 27.65
CA ASN A 964 -22.63 -7.62 26.95
C ASN A 964 -21.83 -6.35 26.77
N GLU A 965 -20.88 -6.34 25.86
CA GLU A 965 -20.27 -5.08 25.39
C GLU A 965 -21.16 -4.26 24.42
N ILE A 966 -21.88 -4.97 23.52
CA ILE A 966 -22.87 -4.40 22.54
C ILE A 966 -23.98 -3.65 23.26
N ASP A 967 -24.17 -3.94 24.56
CA ASP A 967 -25.29 -3.42 25.38
C ASP A 967 -25.01 -2.04 26.00
N LEU A 968 -24.39 -1.14 25.27
CA LEU A 968 -24.52 0.28 25.58
C LEU A 968 -25.81 0.78 24.91
N HIS A 969 -26.64 1.44 25.71
CA HIS A 969 -27.94 1.91 25.26
C HIS A 969 -28.25 3.35 25.64
N THR A 970 -28.85 4.10 24.73
CA THR A 970 -29.17 5.51 25.00
C THR A 970 -30.69 5.79 24.92
N VAL A 971 -31.26 6.16 26.07
CA VAL A 971 -32.69 6.15 26.22
C VAL A 971 -33.22 7.51 25.92
N HIS A 972 -34.11 7.56 24.91
CA HIS A 972 -34.76 8.79 24.45
C HIS A 972 -36.27 8.63 24.41
N PHE A 973 -36.90 9.61 25.06
CA PHE A 973 -38.34 9.71 25.12
C PHE A 973 -38.72 10.86 24.19
N HIS A 974 -39.59 10.54 23.24
CA HIS A 974 -40.19 11.60 22.40
C HIS A 974 -41.23 12.39 23.20
N GLY A 975 -41.34 13.68 22.93
CA GLY A 975 -42.43 14.46 23.52
C GLY A 975 -41.92 15.14 24.76
N HIS A 976 -41.39 14.34 25.68
CA HIS A 976 -41.03 14.81 27.00
C HIS A 976 -39.53 14.75 27.28
N SER A 977 -39.06 15.72 28.07
CA SER A 977 -37.79 15.63 28.81
C SER A 977 -38.00 14.79 30.10
N PHE A 978 -37.00 14.78 30.98
CA PHE A 978 -37.13 14.28 32.34
C PHE A 978 -36.06 14.92 33.20
N GLN A 979 -36.06 14.62 34.50
CA GLN A 979 -34.96 14.97 35.39
C GLN A 979 -34.46 13.73 36.09
N TYR A 980 -33.27 13.90 36.69
CA TYR A 980 -32.64 12.89 37.58
C TYR A 980 -31.99 13.64 38.72
N LYS A 981 -31.46 12.88 39.69
CA LYS A 981 -31.02 13.40 41.01
C LYS A 981 -32.17 14.02 41.87
N HIS A 982 -31.97 14.10 43.19
CA HIS A 982 -33.05 14.44 44.16
C HIS A 982 -33.69 15.75 43.76
N ARG A 983 -35.00 15.88 43.97
CA ARG A 983 -35.74 17.03 43.48
C ARG A 983 -35.90 16.94 41.95
N GLY A 984 -34.80 17.16 41.23
CA GLY A 984 -34.79 17.11 39.76
C GLY A 984 -33.87 18.19 39.23
N ILE A 985 -32.62 18.14 39.65
CA ILE A 985 -31.68 19.23 39.45
C ILE A 985 -30.95 19.11 38.13
N HIS A 986 -30.98 17.93 37.50
CA HIS A 986 -30.45 17.73 36.14
C HIS A 986 -31.58 17.27 35.19
N SER A 987 -31.82 18.05 34.11
CA SER A 987 -32.73 17.68 33.01
C SER A 987 -31.96 17.24 31.76
N SER A 988 -32.52 16.27 31.02
CA SER A 988 -31.97 15.76 29.72
C SER A 988 -33.09 15.03 29.01
N ASP A 989 -32.96 14.66 27.72
CA ASP A 989 -33.91 13.66 27.15
C ASP A 989 -33.27 12.48 26.44
N VAL A 990 -32.05 12.21 26.85
CA VAL A 990 -31.35 11.03 26.47
C VAL A 990 -30.64 10.59 27.71
N PHE A 991 -30.99 9.43 28.26
CA PHE A 991 -30.19 8.93 29.38
C PHE A 991 -29.34 7.76 28.96
N ASP A 992 -28.07 7.85 29.34
CA ASP A 992 -27.00 6.95 28.93
C ASP A 992 -26.95 5.71 29.83
N LEU A 993 -27.12 4.54 29.23
CA LEU A 993 -27.05 3.26 29.95
C LEU A 993 -25.99 2.28 29.44
N PHE A 994 -25.45 1.55 30.41
CA PHE A 994 -24.48 0.48 30.18
C PHE A 994 -24.81 -0.64 31.16
N PRO A 995 -24.08 -1.74 31.10
CA PRO A 995 -24.43 -2.78 32.06
C PRO A 995 -24.00 -2.36 33.47
N GLY A 996 -24.98 -2.33 34.38
CA GLY A 996 -24.77 -1.89 35.78
C GLY A 996 -25.24 -0.47 36.10
N THR A 997 -25.79 0.18 35.06
CA THR A 997 -26.41 1.47 35.22
C THR A 997 -27.87 1.18 35.49
N TYR A 998 -28.28 1.67 36.67
CA TYR A 998 -29.65 1.72 37.09
C TYR A 998 -29.89 3.16 37.55
N GLN A 999 -31.03 3.75 37.09
CA GLN A 999 -31.46 5.15 37.44
C GLN A 999 -32.96 5.44 37.40
N THR A 1000 -33.34 6.31 38.35
CA THR A 1000 -34.66 6.85 38.47
C THR A 1000 -34.71 8.12 37.70
N LEU A 1001 -35.67 8.13 36.78
CA LEU A 1001 -35.91 9.23 35.86
C LEU A 1001 -37.28 9.83 36.14
N GLU A 1002 -37.28 11.07 36.68
CA GLU A 1002 -38.51 11.78 37.06
C GLU A 1002 -39.05 12.52 35.83
N MET A 1003 -40.25 12.13 35.41
CA MET A 1003 -40.94 12.74 34.29
C MET A 1003 -42.32 13.22 34.74
N PHE A 1004 -42.72 14.33 34.14
CA PHE A 1004 -43.94 15.05 34.50
C PHE A 1004 -44.74 15.21 33.19
N PRO A 1005 -45.45 14.15 32.74
CA PRO A 1005 -46.17 14.22 31.46
C PRO A 1005 -47.10 15.39 31.36
N GLN A 1006 -47.25 15.93 30.17
CA GLN A 1006 -48.11 17.10 29.95
C GLN A 1006 -48.65 17.28 28.51
N THR A 1007 -48.64 16.25 27.70
CA THR A 1007 -49.09 16.42 26.36
C THR A 1007 -49.75 15.22 25.82
N PRO A 1008 -51.00 15.44 25.44
CA PRO A 1008 -51.73 14.30 24.99
C PRO A 1008 -51.14 13.80 23.70
N GLY A 1009 -51.03 12.48 23.57
CA GLY A 1009 -50.68 11.82 22.31
C GLY A 1009 -49.87 10.57 22.58
N THR A 1010 -49.59 9.77 21.56
CA THR A 1010 -48.78 8.60 21.77
C THR A 1010 -47.39 8.81 21.26
N TRP A 1011 -46.42 8.54 22.12
CA TRP A 1011 -45.05 8.99 21.94
C TRP A 1011 -44.10 7.81 21.92
N LEU A 1012 -43.02 7.99 21.19
CA LEU A 1012 -42.00 6.99 20.96
C LEU A 1012 -40.85 6.95 22.02
N LEU A 1013 -40.36 5.75 22.28
CA LEU A 1013 -39.31 5.52 23.26
C LEU A 1013 -38.30 4.55 22.64
N HIS A 1014 -37.22 5.10 22.07
CA HIS A 1014 -36.13 4.27 21.52
C HIS A 1014 -34.82 4.44 22.24
N CYS A 1015 -34.01 3.41 22.03
CA CYS A 1015 -32.58 3.46 22.15
C CYS A 1015 -32.12 4.30 20.97
N HIS A 1016 -31.21 5.27 21.13
CA HIS A 1016 -30.76 6.13 19.98
C HIS A 1016 -29.57 5.57 19.22
N VAL A 1017 -29.11 4.35 19.56
CA VAL A 1017 -28.04 3.69 18.79
C VAL A 1017 -28.66 2.99 17.56
N THR A 1018 -27.96 3.15 16.44
CA THR A 1018 -28.51 2.98 15.10
C THR A 1018 -28.92 1.55 14.91
N ASP A 1019 -28.07 0.65 15.36
CA ASP A 1019 -28.35 -0.79 15.23
C ASP A 1019 -29.60 -1.21 16.03
N HIS A 1020 -29.74 -0.66 17.23
CA HIS A 1020 -30.84 -1.07 18.08
C HIS A 1020 -32.21 -0.54 17.56
N ILE A 1021 -32.33 0.73 17.13
CA ILE A 1021 -33.62 1.20 16.52
C ILE A 1021 -34.12 0.24 15.42
N HIS A 1022 -33.13 -0.19 14.64
CA HIS A 1022 -33.37 -0.95 13.43
C HIS A 1022 -33.62 -2.39 13.80
N ALA A 1023 -33.04 -2.84 14.92
CA ALA A 1023 -33.24 -4.19 15.45
C ALA A 1023 -34.61 -4.35 16.13
N GLY A 1024 -35.15 -3.25 16.68
CA GLY A 1024 -36.47 -3.24 17.35
C GLY A 1024 -36.58 -2.86 18.83
N MET A 1025 -35.46 -2.51 19.45
CA MET A 1025 -35.42 -1.88 20.76
C MET A 1025 -36.11 -0.48 20.69
N VAL A 1026 -37.43 -0.58 20.67
CA VAL A 1026 -38.32 0.54 20.54
C VAL A 1026 -39.76 0.18 20.94
N THR A 1027 -40.46 1.23 21.38
CA THR A 1027 -41.87 1.17 21.72
C THR A 1027 -42.47 2.58 21.87
N THR A 1028 -43.76 2.64 22.19
CA THR A 1028 -44.43 3.88 22.53
C THR A 1028 -45.07 3.85 23.91
N TYR A 1029 -45.16 5.03 24.50
CA TYR A 1029 -45.92 5.22 25.71
C TYR A 1029 -47.00 6.26 25.34
N THR A 1030 -48.22 6.08 25.87
CA THR A 1030 -49.34 7.04 25.72
C THR A 1030 -49.59 7.97 26.95
N VAL A 1031 -49.70 9.26 26.69
CA VAL A 1031 -50.10 10.26 27.67
C VAL A 1031 -51.49 10.79 27.28
N LEU A 1032 -52.39 10.79 28.27
CA LEU A 1032 -53.84 11.06 28.10
C LEU A 1032 -54.38 12.31 28.77
N PRO A 1033 -55.47 12.86 28.21
CA PRO A 1033 -55.79 14.23 28.55
C PRO A 1033 -56.74 14.34 29.76
N ASN A 1034 -56.33 13.82 30.92
CA ASN A 1034 -57.14 13.83 32.16
C ASN A 1034 -58.47 13.06 32.15
N ARG B 1 1.32 -5.59 -58.02
CA ARG B 1 -0.12 -5.32 -57.93
C ARG B 1 -0.37 -3.83 -57.59
N GLU B 2 -1.49 -3.30 -58.04
CA GLU B 2 -1.98 -2.01 -57.56
C GLU B 2 -2.85 -2.26 -56.30
N LYS B 3 -2.53 -1.54 -55.21
CA LYS B 3 -3.23 -1.70 -53.92
C LYS B 3 -3.76 -0.39 -53.34
N HIS B 4 -4.97 -0.46 -52.77
CA HIS B 4 -5.58 0.67 -52.02
C HIS B 4 -6.02 0.33 -50.56
N TYR B 5 -5.36 1.02 -49.60
CA TYR B 5 -5.63 0.93 -48.15
C TYR B 5 -6.19 2.27 -47.67
N TYR B 6 -7.18 2.21 -46.78
CA TYR B 6 -7.79 3.40 -46.17
C TYR B 6 -7.62 3.42 -44.64
N ILE B 7 -7.17 4.54 -44.10
CA ILE B 7 -6.77 4.63 -42.70
C ILE B 7 -7.15 5.99 -42.08
N GLY B 8 -7.95 5.96 -41.02
CA GLY B 8 -8.25 7.17 -40.24
C GLY B 8 -7.37 7.37 -39.00
N ILE B 9 -7.01 8.62 -38.73
CA ILE B 9 -6.42 8.97 -37.44
C ILE B 9 -7.51 9.50 -36.51
N THR B 10 -8.01 8.62 -35.63
CA THR B 10 -9.08 8.88 -34.66
C THR B 10 -8.46 8.99 -33.25
N GLU B 11 -9.19 9.64 -32.35
CA GLU B 11 -8.81 9.73 -30.92
C GLU B 11 -9.71 8.83 -30.11
N ALA B 12 -9.11 8.19 -29.10
CA ALA B 12 -9.83 7.26 -28.23
C ALA B 12 -9.17 7.02 -26.87
N VAL B 13 -9.97 6.45 -25.97
CA VAL B 13 -9.48 5.98 -24.72
C VAL B 13 -9.15 4.56 -25.01
N TRP B 14 -7.91 4.22 -24.70
CA TRP B 14 -7.40 2.87 -24.89
C TRP B 14 -7.33 2.23 -23.50
N ASP B 15 -7.76 0.97 -23.44
CA ASP B 15 -7.73 0.24 -22.18
C ASP B 15 -6.59 -0.77 -22.10
N TYR B 16 -5.62 -0.49 -21.25
CA TYR B 16 -4.46 -1.35 -21.07
C TYR B 16 -4.64 -2.66 -20.27
N ALA B 17 -5.81 -2.94 -19.69
CA ALA B 17 -6.02 -4.23 -19.02
C ALA B 17 -7.39 -4.84 -19.30
N SER B 18 -7.83 -4.70 -20.55
CA SER B 18 -9.20 -5.04 -21.00
C SER B 18 -9.74 -6.41 -20.55
N GLY B 19 -10.96 -6.34 -19.98
CA GLY B 19 -11.92 -7.42 -19.67
C GLY B 19 -11.59 -8.87 -19.33
N SER B 20 -10.46 -9.16 -18.69
CA SER B 20 -9.82 -8.31 -17.67
C SER B 20 -8.51 -8.96 -17.16
N GLU B 21 -8.72 -10.15 -16.57
CA GLU B 21 -7.97 -10.71 -15.43
C GLU B 21 -8.95 -11.75 -14.78
N GLU B 22 -8.79 -12.22 -13.54
CA GLU B 22 -7.52 -12.26 -12.82
C GLU B 22 -6.70 -13.38 -13.46
N LYS B 23 -5.40 -13.11 -13.55
CA LYS B 23 -4.43 -14.01 -14.11
C LYS B 23 -3.43 -14.23 -13.00
N GLU B 24 -2.70 -15.35 -13.08
CA GLU B 24 -1.58 -15.64 -12.19
C GLU B 24 -0.28 -15.42 -12.96
N LEU B 25 0.39 -14.30 -12.65
CA LEU B 25 1.56 -13.82 -13.41
C LEU B 25 2.85 -14.03 -12.62
N ILE B 26 3.98 -13.81 -13.30
CA ILE B 26 5.30 -14.15 -12.80
C ILE B 26 5.98 -12.93 -12.17
N SER B 27 6.27 -13.06 -10.87
CA SER B 27 6.77 -11.96 -10.02
C SER B 27 5.85 -10.73 -9.93
N VAL B 28 4.54 -10.98 -10.05
CA VAL B 28 3.52 -9.95 -9.95
C VAL B 28 2.47 -10.32 -8.90
N ASP B 29 2.48 -9.54 -7.83
CA ASP B 29 1.42 -9.53 -6.82
C ASP B 29 0.75 -8.17 -6.99
N THR B 30 -0.41 -7.99 -6.36
CA THR B 30 -1.29 -6.88 -6.70
C THR B 30 -0.71 -5.51 -6.38
N GLU B 31 0.25 -5.45 -5.46
CA GLU B 31 1.11 -4.25 -5.24
C GLU B 31 1.61 -3.62 -6.56
N GLN B 32 2.28 -4.45 -7.37
CA GLN B 32 2.89 -4.04 -8.66
C GLN B 32 1.75 -3.60 -9.55
N SER B 33 0.85 -4.56 -9.79
CA SER B 33 -0.38 -4.42 -10.57
C SER B 33 -1.02 -3.04 -10.39
N ASN B 34 -1.28 -2.71 -9.14
CA ASN B 34 -1.94 -1.44 -8.83
C ASN B 34 -1.11 -0.25 -9.18
N PHE B 35 0.21 -0.35 -9.07
CA PHE B 35 1.01 0.83 -9.34
C PHE B 35 0.76 1.43 -10.71
N TYR B 36 0.56 0.54 -11.69
CA TYR B 36 0.41 0.89 -13.09
C TYR B 36 -1.04 1.01 -13.59
N LEU B 37 -1.97 0.36 -12.91
CA LEU B 37 -3.35 0.29 -13.38
C LEU B 37 -4.52 1.02 -12.61
N ARG B 38 -4.24 1.87 -11.64
CA ARG B 38 -5.26 2.26 -10.67
C ARG B 38 -4.73 3.35 -9.78
N ASN B 39 -5.49 4.36 -9.42
CA ASN B 39 -6.31 5.20 -10.28
C ASN B 39 -6.26 6.57 -9.52
N GLY B 40 -6.91 7.65 -9.98
CA GLY B 40 -6.91 9.01 -9.31
C GLY B 40 -6.74 8.99 -7.80
N PRO B 41 -6.20 10.02 -7.13
CA PRO B 41 -6.18 11.40 -7.52
C PRO B 41 -4.83 11.90 -7.97
N ASP B 42 -3.78 11.08 -7.86
CA ASP B 42 -2.44 11.42 -8.36
C ASP B 42 -1.94 10.29 -9.33
N ARG B 43 -2.88 9.58 -10.00
CA ARG B 43 -2.58 8.45 -10.94
C ARG B 43 -3.67 8.33 -12.03
N ILE B 44 -3.30 8.03 -13.26
CA ILE B 44 -4.28 8.07 -14.34
C ILE B 44 -5.02 6.73 -14.46
N GLY B 45 -4.48 5.73 -13.76
CA GLY B 45 -4.94 4.37 -13.89
C GLY B 45 -4.52 3.60 -15.16
N ARG B 46 -5.49 2.90 -15.75
CA ARG B 46 -5.21 2.02 -16.85
C ARG B 46 -5.93 2.39 -18.14
N LYS B 47 -6.53 3.56 -18.13
CA LYS B 47 -7.20 4.02 -19.31
C LYS B 47 -6.52 5.32 -19.59
N TYR B 48 -5.93 5.43 -20.79
CA TYR B 48 -5.44 6.71 -21.31
C TYR B 48 -6.07 7.03 -22.69
N LYS B 49 -6.08 8.32 -23.01
CA LYS B 49 -6.35 8.81 -24.33
C LYS B 49 -5.09 8.69 -25.23
N LYS B 50 -5.40 8.18 -26.43
CA LYS B 50 -4.43 7.88 -27.47
C LYS B 50 -5.06 8.28 -28.79
N ALA B 51 -4.20 8.57 -29.77
CA ALA B 51 -4.61 8.76 -31.15
C ALA B 51 -4.33 7.44 -31.79
N LEU B 52 -5.27 6.89 -32.55
CA LEU B 52 -5.05 5.56 -33.11
C LEU B 52 -5.37 5.52 -34.58
N TYR B 53 -4.62 4.69 -35.30
CA TYR B 53 -4.93 4.39 -36.69
C TYR B 53 -6.02 3.33 -36.72
N SER B 54 -7.02 3.53 -37.59
CA SER B 54 -8.18 2.64 -37.74
C SER B 54 -8.34 2.37 -39.21
N GLU B 55 -8.67 1.14 -39.59
CA GLU B 55 -8.89 0.82 -41.01
C GLU B 55 -10.35 1.06 -41.45
N TYR B 56 -10.54 1.67 -42.62
CA TYR B 56 -11.87 1.92 -43.23
C TYR B 56 -12.02 1.18 -44.58
N THR B 57 -13.21 1.21 -45.19
CA THR B 57 -13.42 0.65 -46.56
C THR B 57 -13.28 1.70 -47.68
N ASP B 58 -14.04 2.80 -47.64
CA ASP B 58 -13.98 3.80 -48.70
C ASP B 58 -13.11 4.94 -48.31
N GLY B 59 -12.75 5.76 -49.29
CA GLY B 59 -12.20 7.10 -49.02
C GLY B 59 -13.21 8.07 -48.45
N THR B 60 -14.48 7.65 -48.46
CA THR B 60 -15.61 8.26 -47.72
C THR B 60 -15.51 8.13 -46.19
N PHE B 61 -14.64 7.25 -45.71
CA PHE B 61 -14.38 7.06 -44.27
C PHE B 61 -15.63 6.89 -43.43
N THR B 62 -16.68 6.36 -44.05
CA THR B 62 -17.93 6.13 -43.33
C THR B 62 -17.78 4.84 -42.51
N LYS B 63 -17.89 3.66 -43.15
CA LYS B 63 -17.77 2.40 -42.41
C LYS B 63 -16.30 1.99 -42.22
N THR B 64 -16.09 1.08 -41.25
CA THR B 64 -14.76 0.62 -40.81
C THR B 64 -14.50 -0.84 -41.14
N ILE B 65 -13.25 -1.23 -40.89
CA ILE B 65 -12.77 -2.61 -40.96
C ILE B 65 -12.21 -3.04 -39.60
N ASP B 66 -12.62 -4.23 -39.20
CA ASP B 66 -12.35 -4.70 -37.86
C ASP B 66 -10.91 -5.13 -37.78
N LYS B 67 -10.21 -4.58 -36.79
CA LYS B 67 -8.90 -5.06 -36.39
C LYS B 67 -9.13 -6.36 -35.60
N PRO B 68 -8.25 -7.37 -35.72
CA PRO B 68 -8.41 -8.52 -34.81
C PRO B 68 -8.05 -8.23 -33.36
N ALA B 69 -8.31 -9.21 -32.52
CA ALA B 69 -8.18 -9.03 -31.09
C ALA B 69 -6.74 -8.69 -30.67
N TRP B 70 -5.85 -9.58 -31.11
CA TRP B 70 -4.44 -9.61 -30.73
C TRP B 70 -3.68 -8.42 -31.25
N LEU B 71 -4.21 -7.80 -32.29
CA LEU B 71 -3.58 -6.61 -32.85
C LEU B 71 -3.41 -5.47 -31.85
N GLY B 72 -4.34 -5.31 -30.92
CA GLY B 72 -4.24 -4.31 -29.88
C GLY B 72 -4.37 -2.93 -30.46
N LEU B 73 -3.57 -2.01 -29.92
CA LEU B 73 -3.71 -0.59 -30.25
C LEU B 73 -3.18 -0.26 -31.63
N LEU B 74 -2.26 -1.10 -32.10
CA LEU B 74 -1.54 -0.92 -33.39
C LEU B 74 -2.51 -0.72 -34.53
N GLY B 75 -2.11 0.09 -35.52
CA GLY B 75 -2.81 0.25 -36.80
C GLY B 75 -3.12 -1.07 -37.50
N PRO B 76 -3.80 -1.03 -38.65
CA PRO B 76 -4.07 -2.31 -39.35
C PRO B 76 -2.85 -2.81 -40.12
N VAL B 77 -2.82 -4.10 -40.40
CA VAL B 77 -1.71 -4.66 -41.16
C VAL B 77 -1.89 -4.25 -42.62
N ILE B 78 -0.88 -3.55 -43.16
CA ILE B 78 -0.72 -3.32 -44.60
C ILE B 78 0.27 -4.37 -45.11
N LYS B 79 -0.20 -5.24 -46.00
CA LYS B 79 0.69 -6.15 -46.71
C LYS B 79 1.11 -5.41 -47.99
N ALA B 80 2.37 -5.58 -48.40
CA ALA B 80 2.79 -5.22 -49.76
C ALA B 80 3.76 -6.29 -50.26
N GLU B 81 3.51 -6.76 -51.49
CA GLU B 81 4.47 -7.59 -52.20
C GLU B 81 5.43 -6.68 -52.98
N VAL B 82 6.57 -7.23 -53.42
CA VAL B 82 7.58 -6.48 -54.18
C VAL B 82 7.13 -5.98 -55.56
N GLY B 83 7.36 -4.69 -55.80
CA GLY B 83 6.88 -4.03 -56.99
C GLY B 83 5.38 -3.87 -57.02
N ASP B 84 4.76 -3.83 -55.84
CA ASP B 84 3.35 -3.43 -55.70
C ASP B 84 3.37 -1.89 -55.59
N LYS B 85 2.29 -1.25 -56.06
CA LYS B 85 2.04 0.17 -55.78
C LYS B 85 0.91 0.21 -54.77
N VAL B 86 1.29 0.66 -53.57
CA VAL B 86 0.40 0.70 -52.41
C VAL B 86 0.07 2.15 -52.14
N SER B 87 -1.19 2.51 -52.46
CA SER B 87 -1.73 3.84 -52.19
C SER B 87 -2.54 3.90 -50.86
N VAL B 88 -2.01 4.66 -49.89
CA VAL B 88 -2.60 4.79 -48.57
C VAL B 88 -3.40 6.12 -48.56
N HIS B 89 -4.74 6.01 -48.46
CA HIS B 89 -5.68 7.14 -48.34
C HIS B 89 -5.92 7.41 -46.84
N VAL B 90 -5.84 8.66 -46.40
CA VAL B 90 -5.75 8.99 -44.94
C VAL B 90 -6.48 10.27 -44.51
N LYS B 91 -7.36 10.19 -43.50
CA LYS B 91 -8.01 11.38 -42.90
C LYS B 91 -7.70 11.50 -41.41
N ASN B 92 -7.41 12.73 -40.95
CA ASN B 92 -7.05 13.00 -39.54
C ASN B 92 -8.21 13.52 -38.75
N PHE B 93 -8.93 12.61 -38.13
CA PHE B 93 -10.03 12.97 -37.25
C PHE B 93 -9.59 13.63 -35.91
N ALA B 94 -8.42 13.28 -35.40
CA ALA B 94 -7.90 13.88 -34.16
C ALA B 94 -7.82 15.42 -34.11
N SER B 95 -7.50 15.87 -32.90
CA SER B 95 -7.47 17.26 -32.49
C SER B 95 -6.19 18.01 -32.83
N ARG B 96 -5.18 17.29 -33.28
CA ARG B 96 -3.91 17.90 -33.64
C ARG B 96 -3.40 17.24 -34.91
N PRO B 97 -2.34 17.85 -35.49
CA PRO B 97 -1.85 17.36 -36.78
C PRO B 97 -0.94 16.09 -36.74
N TYR B 98 -1.16 15.20 -37.71
CA TYR B 98 -0.38 13.95 -37.79
C TYR B 98 -0.10 13.54 -39.26
N THR B 99 0.70 12.49 -39.44
CA THR B 99 1.22 12.05 -40.76
C THR B 99 1.18 10.53 -40.89
N PHE B 100 1.67 10.05 -42.03
CA PHE B 100 2.00 8.62 -42.30
C PHE B 100 3.44 8.52 -42.87
N HIS B 101 4.45 8.05 -42.11
CA HIS B 101 5.84 7.73 -42.66
C HIS B 101 5.97 6.23 -42.72
N ALA B 102 6.42 5.69 -43.85
CA ALA B 102 6.61 4.23 -43.98
C ALA B 102 8.10 3.77 -43.74
N HIS B 103 8.36 2.47 -43.87
CA HIS B 103 9.73 1.99 -43.70
C HIS B 103 10.37 1.21 -44.87
N GLY B 104 9.98 -0.03 -45.09
CA GLY B 104 10.73 -0.92 -46.03
C GLY B 104 10.41 -0.74 -47.50
N VAL B 105 10.29 0.52 -47.89
CA VAL B 105 9.51 0.88 -49.06
C VAL B 105 10.07 2.22 -49.64
N THR B 106 9.91 2.41 -50.97
CA THR B 106 10.38 3.62 -51.72
C THR B 106 9.29 4.68 -51.91
N TYR B 107 9.67 5.92 -51.67
CA TYR B 107 8.68 6.97 -51.73
C TYR B 107 9.35 8.27 -52.16
N THR B 108 8.55 9.13 -52.82
CA THR B 108 9.05 10.49 -53.24
C THR B 108 9.38 11.34 -51.97
N LYS B 109 9.49 12.66 -52.02
CA LYS B 109 9.53 13.49 -50.77
C LYS B 109 8.12 13.99 -50.29
N ALA B 110 7.17 13.92 -51.21
CA ALA B 110 5.78 14.28 -50.94
C ALA B 110 4.93 13.04 -50.63
N ASN B 111 5.54 11.84 -50.57
CA ASN B 111 4.88 10.64 -50.00
C ASN B 111 5.59 10.06 -48.70
N GLU B 112 6.46 10.87 -48.10
CA GLU B 112 7.33 10.50 -46.98
C GLU B 112 6.59 10.58 -45.69
N GLY B 113 5.86 11.69 -45.50
CA GLY B 113 5.14 12.03 -44.28
C GLY B 113 6.09 12.33 -43.13
N ALA B 114 6.95 13.34 -43.30
CA ALA B 114 7.80 13.83 -42.19
C ALA B 114 8.37 15.28 -42.25
N ILE B 115 8.21 15.95 -41.13
CA ILE B 115 8.51 17.33 -41.09
C ILE B 115 9.88 17.41 -40.46
N TYR B 116 10.77 17.95 -41.28
CA TYR B 116 12.10 18.37 -40.88
C TYR B 116 12.69 19.24 -42.01
N PRO B 117 13.85 19.91 -41.75
CA PRO B 117 14.47 20.79 -42.74
C PRO B 117 15.17 20.00 -43.86
N ASP B 118 14.39 19.77 -44.91
CA ASP B 118 14.79 18.98 -46.04
C ASP B 118 14.78 19.80 -47.29
N ASN B 119 14.70 21.12 -47.14
CA ASN B 119 14.92 22.00 -48.27
C ASN B 119 13.82 21.79 -49.34
N THR B 120 12.58 21.47 -48.91
CA THR B 120 11.43 21.26 -49.83
C THR B 120 10.29 22.31 -49.65
N THR B 121 9.26 22.27 -50.51
CA THR B 121 8.19 23.30 -50.46
C THR B 121 6.87 22.90 -51.12
N ASP B 122 5.80 23.57 -50.67
CA ASP B 122 4.45 23.48 -51.25
C ASP B 122 4.06 22.04 -51.41
N PHE B 123 3.75 21.56 -52.62
CA PHE B 123 3.13 20.23 -52.73
C PHE B 123 4.08 19.05 -52.26
N GLN B 124 5.37 19.37 -52.02
CA GLN B 124 6.36 18.49 -51.37
C GLN B 124 6.34 18.50 -49.82
N ARG B 125 5.18 18.69 -49.22
CA ARG B 125 5.07 19.15 -47.82
C ARG B 125 3.67 18.95 -47.21
N ALA B 126 2.62 18.94 -48.03
CA ALA B 126 1.29 18.41 -47.65
C ALA B 126 1.35 17.00 -47.09
N ASP B 127 2.31 16.22 -47.57
CA ASP B 127 2.64 14.94 -46.94
C ASP B 127 3.00 15.11 -45.47
N ASP B 128 3.91 16.05 -45.17
CA ASP B 128 4.66 16.09 -43.90
C ASP B 128 3.91 16.66 -42.65
N LYS B 129 2.57 16.84 -42.72
CA LYS B 129 1.69 17.42 -41.60
C LYS B 129 0.17 17.60 -41.99
N LEU B 130 -0.66 16.59 -41.70
CA LEU B 130 -2.14 16.70 -41.91
C LEU B 130 -2.84 17.33 -40.71
N PHE B 131 -3.29 18.55 -40.92
CA PHE B 131 -3.98 19.26 -39.88
C PHE B 131 -5.31 18.54 -39.63
N PRO B 132 -5.89 18.72 -38.42
CA PRO B 132 -7.16 18.05 -38.09
C PRO B 132 -8.19 18.29 -39.18
N GLY B 133 -8.60 17.24 -39.86
CA GLY B 133 -9.62 17.31 -40.92
C GLY B 133 -9.02 16.97 -42.27
N GLN B 134 -7.77 17.41 -42.46
CA GLN B 134 -7.11 17.33 -43.74
C GLN B 134 -6.94 15.85 -44.09
N GLN B 135 -7.43 15.51 -45.28
CA GLN B 135 -7.20 14.22 -45.92
C GLN B 135 -5.86 14.26 -46.72
N TYR B 136 -5.22 13.11 -46.91
CA TYR B 136 -4.12 12.98 -47.89
C TYR B 136 -4.12 11.64 -48.61
N LEU B 137 -3.47 11.62 -49.78
CA LEU B 137 -3.15 10.39 -50.47
C LEU B 137 -1.65 10.21 -50.37
N TYR B 138 -1.24 9.12 -49.73
CA TYR B 138 0.16 8.69 -49.65
C TYR B 138 0.39 7.58 -50.69
N VAL B 139 1.51 7.65 -51.41
CA VAL B 139 1.82 6.75 -52.53
C VAL B 139 3.10 5.97 -52.22
N LEU B 140 3.03 4.64 -52.26
CA LEU B 140 4.17 3.76 -51.95
C LEU B 140 4.47 2.76 -53.09
N ARG B 141 5.75 2.44 -53.25
CA ARG B 141 6.15 1.34 -54.10
C ARG B 141 7.17 0.47 -53.42
N ALA B 142 7.04 -0.85 -53.54
CA ALA B 142 7.87 -1.83 -52.79
C ALA B 142 9.15 -2.19 -53.54
N ASN B 143 10.07 -1.23 -53.60
CA ASN B 143 11.13 -1.25 -54.60
C ASN B 143 12.48 -0.93 -54.04
N GLU B 144 12.65 -1.11 -52.73
CA GLU B 144 14.01 -1.20 -52.21
C GLU B 144 14.54 -2.67 -52.48
N PRO B 145 15.79 -3.06 -52.08
CA PRO B 145 16.18 -4.50 -52.05
C PRO B 145 15.29 -5.21 -51.05
N SER B 146 14.07 -5.49 -51.49
CA SER B 146 12.91 -5.34 -50.63
C SER B 146 13.05 -6.35 -49.52
N PRO B 147 12.57 -7.62 -49.68
CA PRO B 147 13.15 -8.56 -48.70
C PRO B 147 14.46 -9.06 -49.24
N GLY B 148 15.28 -9.59 -48.35
CA GLY B 148 16.56 -10.18 -48.75
C GLY B 148 16.41 -11.55 -49.40
N GLU B 149 17.49 -12.02 -50.01
CA GLU B 149 17.53 -13.35 -50.59
C GLU B 149 17.69 -14.43 -49.51
N GLY B 150 18.52 -14.11 -48.52
CA GLY B 150 18.65 -14.90 -47.30
C GLY B 150 17.66 -14.58 -46.20
N ASP B 151 16.76 -13.62 -46.43
CA ASP B 151 15.61 -13.34 -45.57
C ASP B 151 14.42 -14.22 -45.90
N SER B 152 13.45 -14.27 -44.97
CA SER B 152 12.23 -15.09 -45.12
C SER B 152 11.24 -14.37 -46.04
N ASN B 153 10.20 -15.10 -46.52
CA ASN B 153 9.41 -14.67 -47.71
C ASN B 153 8.70 -13.31 -47.54
N CYS B 154 8.30 -13.04 -46.28
CA CYS B 154 7.70 -11.79 -45.78
C CYS B 154 8.50 -11.29 -44.58
N VAL B 155 8.53 -9.96 -44.37
CA VAL B 155 9.24 -9.31 -43.22
C VAL B 155 8.51 -8.16 -42.46
N THR B 156 9.01 -7.85 -41.26
CA THR B 156 8.38 -6.88 -40.38
C THR B 156 8.89 -5.52 -40.75
N ARG B 157 7.98 -4.67 -41.17
CA ARG B 157 8.30 -3.28 -41.32
C ARG B 157 7.12 -2.56 -40.75
N ILE B 158 7.27 -1.26 -40.55
CA ILE B 158 6.33 -0.45 -39.78
C ILE B 158 6.05 0.94 -40.36
N TYR B 159 5.01 1.55 -39.80
CA TYR B 159 4.65 2.92 -40.08
C TYR B 159 4.12 3.63 -38.82
N HIS B 160 4.49 4.89 -38.73
CA HIS B 160 3.95 5.75 -37.72
C HIS B 160 3.85 7.16 -38.27
N SER B 161 3.27 8.05 -37.48
CA SER B 161 3.30 9.49 -37.75
C SER B 161 4.66 10.12 -37.29
N HIS B 162 4.97 11.26 -37.91
CA HIS B 162 6.29 11.87 -37.86
C HIS B 162 6.31 13.41 -37.83
N VAL B 163 5.55 13.97 -36.91
CA VAL B 163 5.57 15.42 -36.68
C VAL B 163 6.59 15.74 -35.55
N ASP B 164 6.44 15.06 -34.41
CA ASP B 164 7.56 14.76 -33.44
C ASP B 164 7.34 13.28 -33.16
N ALA B 165 8.04 12.44 -33.89
CA ALA B 165 7.62 11.07 -34.02
C ALA B 165 7.61 10.31 -32.72
N PRO B 166 8.50 10.64 -31.76
CA PRO B 166 8.40 9.97 -30.44
C PRO B 166 7.05 10.27 -29.76
N LYS B 167 6.72 11.55 -29.64
CA LYS B 167 5.44 12.01 -29.13
C LYS B 167 4.30 11.44 -29.96
N ASP B 168 4.44 11.34 -31.27
CA ASP B 168 3.33 10.86 -32.10
C ASP B 168 3.09 9.37 -31.86
N ILE B 169 4.15 8.66 -31.50
CA ILE B 169 4.05 7.23 -31.31
C ILE B 169 3.57 6.93 -29.91
N ALA B 170 4.19 7.57 -28.92
CA ALA B 170 3.75 7.42 -27.54
C ALA B 170 2.25 7.68 -27.44
N SER B 171 1.76 8.62 -28.25
CA SER B 171 0.34 8.87 -28.38
C SER B 171 -0.41 7.84 -29.21
N GLY B 172 0.21 6.70 -29.55
CA GLY B 172 -0.48 5.54 -30.12
C GLY B 172 -0.51 5.34 -31.62
N LEU B 173 0.12 6.26 -32.37
CA LEU B 173 0.18 6.18 -33.83
C LEU B 173 1.35 5.35 -34.40
N ILE B 174 1.12 4.05 -34.56
CA ILE B 174 2.15 3.08 -34.93
C ILE B 174 1.40 1.86 -35.41
N GLY B 175 1.98 1.16 -36.37
CA GLY B 175 1.33 0.05 -37.02
C GLY B 175 2.20 -0.66 -38.03
N PRO B 176 1.80 -1.85 -38.48
CA PRO B 176 2.74 -2.68 -39.11
C PRO B 176 2.49 -2.79 -40.62
N LEU B 177 3.60 -2.74 -41.37
CA LEU B 177 3.65 -2.91 -42.81
C LEU B 177 4.41 -4.21 -43.09
N ILE B 178 3.69 -5.32 -43.29
CA ILE B 178 4.34 -6.59 -43.62
C ILE B 178 4.67 -6.52 -45.11
N LEU B 179 5.91 -6.92 -45.44
CA LEU B 179 6.51 -6.72 -46.76
C LEU B 179 6.97 -8.04 -47.37
N CYS B 180 6.30 -8.46 -48.44
CA CYS B 180 6.55 -9.78 -48.98
C CYS B 180 7.22 -9.78 -50.33
N LYS B 181 7.78 -10.94 -50.67
CA LYS B 181 8.38 -11.17 -51.96
C LYS B 181 7.29 -11.44 -52.98
N LYS B 182 7.45 -10.92 -54.20
CA LYS B 182 6.47 -11.16 -55.28
C LYS B 182 6.57 -12.63 -55.54
N GLY B 183 5.49 -13.41 -55.65
CA GLY B 183 4.20 -13.22 -55.03
C GLY B 183 4.16 -14.39 -54.04
N SER B 184 4.21 -14.05 -52.75
CA SER B 184 4.11 -15.04 -51.69
C SER B 184 2.64 -15.24 -51.22
N LEU B 185 1.71 -14.40 -51.69
CA LEU B 185 0.38 -14.22 -51.07
C LEU B 185 -0.85 -14.76 -51.85
N HIS B 186 -1.72 -15.50 -51.14
CA HIS B 186 -3.02 -15.95 -51.64
C HIS B 186 -4.05 -15.14 -50.88
N LYS B 187 -4.56 -14.07 -51.51
CA LYS B 187 -5.51 -13.13 -50.88
C LYS B 187 -4.98 -12.68 -49.53
N GLU B 188 -3.90 -11.93 -49.58
CA GLU B 188 -3.26 -11.31 -48.40
C GLU B 188 -2.54 -12.21 -47.33
N LYS B 189 -2.64 -13.54 -47.40
CA LYS B 189 -1.96 -14.46 -46.43
C LYS B 189 -0.92 -15.32 -47.12
N GLU B 190 0.26 -15.44 -46.52
CA GLU B 190 1.37 -16.18 -47.10
C GLU B 190 1.05 -17.68 -47.25
N GLU B 191 1.22 -18.24 -48.46
CA GLU B 191 0.95 -19.69 -48.75
C GLU B 191 1.74 -20.62 -47.86
N ASN B 192 1.11 -21.70 -47.39
CA ASN B 192 1.66 -22.54 -46.29
C ASN B 192 2.06 -21.80 -45.02
N ILE B 193 1.39 -20.69 -44.69
CA ILE B 193 1.41 -20.20 -43.33
C ILE B 193 -0.03 -20.29 -42.85
N ASP B 194 -0.18 -20.76 -41.62
CA ASP B 194 -1.46 -21.03 -41.03
C ASP B 194 -1.90 -19.81 -40.25
N GLN B 195 -1.04 -19.39 -39.32
CA GLN B 195 -1.29 -18.23 -38.47
C GLN B 195 -0.27 -17.13 -38.74
N GLU B 196 -0.70 -15.88 -38.59
CA GLU B 196 0.20 -14.73 -38.64
C GLU B 196 -0.08 -13.81 -37.41
N PHE B 197 0.96 -13.42 -36.67
CA PHE B 197 0.82 -12.47 -35.55
C PHE B 197 1.82 -11.30 -35.62
N VAL B 198 1.46 -10.16 -35.02
CA VAL B 198 2.29 -8.93 -35.03
C VAL B 198 2.37 -8.37 -33.61
N LEU B 199 3.56 -8.34 -33.03
CA LEU B 199 3.67 -7.98 -31.63
C LEU B 199 4.63 -6.85 -31.49
N MET B 200 4.27 -5.84 -30.72
CA MET B 200 5.15 -4.70 -30.42
C MET B 200 5.59 -4.76 -28.94
N PHE B 201 6.87 -4.53 -28.63
CA PHE B 201 7.36 -4.40 -27.23
C PHE B 201 8.28 -3.13 -26.87
N SER B 202 7.95 -2.00 -26.20
CA SER B 202 6.75 -1.18 -26.17
C SER B 202 6.51 -0.85 -24.73
N VAL B 203 7.31 0.07 -24.24
CA VAL B 203 7.07 0.69 -22.93
C VAL B 203 6.42 2.00 -23.34
N VAL B 204 5.09 2.01 -23.36
CA VAL B 204 4.34 3.15 -23.91
C VAL B 204 4.32 4.28 -22.86
N ASP B 205 5.33 5.14 -22.89
CA ASP B 205 5.52 6.15 -21.85
C ASP B 205 4.54 7.30 -22.16
N GLU B 206 3.43 7.31 -21.41
CA GLU B 206 2.33 8.24 -21.62
C GLU B 206 2.64 9.60 -21.10
N ASN B 207 3.73 9.76 -20.33
CA ASN B 207 4.29 11.12 -20.07
C ASN B 207 4.62 11.88 -21.35
N LEU B 208 5.00 11.10 -22.36
CA LEU B 208 5.36 11.64 -23.63
C LEU B 208 4.20 11.92 -24.52
N SER B 209 3.07 11.24 -24.29
CA SER B 209 1.89 11.37 -25.14
C SER B 209 1.50 12.84 -25.16
N TRP B 210 0.91 13.21 -26.28
CA TRP B 210 0.38 14.56 -26.47
C TRP B 210 -0.83 14.75 -25.56
N TYR B 211 -1.54 13.64 -25.30
CA TYR B 211 -2.74 13.65 -24.50
C TYR B 211 -2.47 13.36 -23.02
N LEU B 212 -1.50 14.03 -22.41
CA LEU B 212 -1.21 13.82 -20.98
C LEU B 212 -2.11 14.79 -20.24
N GLU B 213 -2.03 16.07 -20.60
CA GLU B 213 -2.89 17.05 -19.96
C GLU B 213 -4.34 16.55 -19.97
N ASP B 214 -4.95 16.40 -21.15
CA ASP B 214 -6.28 15.77 -21.35
C ASP B 214 -6.48 14.42 -20.59
N ASN B 215 -5.41 13.69 -20.29
CA ASN B 215 -5.52 12.47 -19.46
C ASN B 215 -5.51 12.80 -17.97
N ILE B 216 -4.72 13.79 -17.53
CA ILE B 216 -4.73 14.16 -16.10
C ILE B 216 -6.10 14.75 -15.73
N LYS B 217 -6.43 15.95 -16.26
CA LYS B 217 -7.77 16.53 -16.08
C LYS B 217 -8.84 15.44 -16.08
N THR B 218 -8.89 14.64 -17.14
CA THR B 218 -9.94 13.62 -17.27
C THR B 218 -9.94 12.53 -16.16
N PHE B 219 -8.81 12.05 -15.68
CA PHE B 219 -8.80 10.82 -14.83
C PHE B 219 -8.23 10.94 -13.43
N CYS B 220 -7.50 12.02 -13.15
CA CYS B 220 -6.96 12.29 -11.82
C CYS B 220 -7.93 13.21 -11.08
N SER B 221 -8.60 12.64 -10.11
CA SER B 221 -9.70 13.30 -9.44
C SER B 221 -9.28 14.50 -8.67
N GLU B 222 -7.99 14.62 -8.32
CA GLU B 222 -7.50 15.84 -7.67
C GLU B 222 -6.30 16.28 -8.50
N PRO B 223 -6.55 17.04 -9.59
CA PRO B 223 -5.49 17.29 -10.53
C PRO B 223 -4.71 18.58 -10.23
N GLU B 224 -4.35 18.84 -9.00
CA GLU B 224 -3.09 19.55 -8.77
C GLU B 224 -2.16 18.82 -7.82
N LYS B 225 -2.63 17.68 -7.30
CA LYS B 225 -1.90 16.81 -6.38
C LYS B 225 -1.04 15.87 -7.25
N VAL B 226 -0.37 16.50 -8.22
CA VAL B 226 0.03 15.82 -9.45
C VAL B 226 1.16 16.65 -10.03
N ASP B 227 2.38 16.25 -9.63
CA ASP B 227 3.65 16.82 -10.13
C ASP B 227 4.07 15.95 -11.28
N LYS B 228 4.15 16.53 -12.49
CA LYS B 228 4.53 15.74 -13.67
C LYS B 228 5.95 15.21 -13.59
N ASP B 229 6.79 15.93 -12.86
CA ASP B 229 8.15 15.55 -12.53
C ASP B 229 8.29 14.57 -11.37
N ASN B 230 7.19 14.14 -10.72
CA ASN B 230 7.29 13.09 -9.68
C ASN B 230 7.74 11.79 -10.39
N GLU B 231 8.91 11.30 -9.93
CA GLU B 231 9.54 10.09 -10.46
C GLU B 231 8.52 8.97 -10.52
N ASP B 232 7.85 8.75 -9.38
CA ASP B 232 6.83 7.69 -9.26
C ASP B 232 5.60 7.95 -10.11
N PHE B 233 5.21 9.23 -10.22
CA PHE B 233 4.07 9.61 -11.05
C PHE B 233 4.31 9.15 -12.44
N GLN B 234 5.46 9.58 -12.95
CA GLN B 234 5.85 9.32 -14.33
C GLN B 234 5.79 7.83 -14.57
N GLU B 235 6.41 7.08 -13.65
CA GLU B 235 6.58 5.64 -13.82
C GLU B 235 5.22 4.93 -13.89
N SER B 236 4.26 5.37 -13.08
CA SER B 236 2.86 4.93 -13.16
C SER B 236 2.25 5.03 -14.61
N ASN B 237 2.77 6.02 -15.36
CA ASN B 237 2.34 6.31 -16.72
C ASN B 237 3.17 5.59 -17.82
N ARG B 238 3.98 4.60 -17.42
CA ARG B 238 4.74 3.77 -18.34
C ARG B 238 4.13 2.37 -18.36
N MET B 239 3.60 2.05 -19.52
CA MET B 239 2.73 0.92 -19.63
C MET B 239 3.51 -0.19 -20.33
N TYR B 240 3.92 -1.18 -19.53
CA TYR B 240 4.84 -2.21 -20.04
C TYR B 240 4.10 -3.25 -20.85
N SER B 241 3.80 -2.93 -22.10
CA SER B 241 2.78 -3.62 -22.88
C SER B 241 3.25 -4.50 -24.04
N ILE B 242 2.33 -5.32 -24.55
CA ILE B 242 2.50 -5.96 -25.85
C ILE B 242 1.37 -5.58 -26.74
N ASN B 243 1.55 -4.58 -27.60
CA ASN B 243 0.40 -4.08 -28.42
C ASN B 243 -0.59 -3.26 -27.55
N GLY B 244 -0.04 -2.73 -26.46
CA GLY B 244 -0.86 -2.11 -25.43
C GLY B 244 -1.68 -3.04 -24.55
N TYR B 245 -1.22 -4.28 -24.31
CA TYR B 245 -1.84 -5.14 -23.30
C TYR B 245 -0.88 -5.55 -22.15
N THR B 246 -1.00 -4.83 -21.01
CA THR B 246 -0.18 -5.04 -19.80
C THR B 246 -0.80 -6.11 -18.92
N PHE B 247 0.06 -6.90 -18.26
CA PHE B 247 -0.34 -7.90 -17.28
C PHE B 247 -1.26 -8.94 -17.90
N GLY B 248 -0.80 -9.54 -18.97
CA GLY B 248 -1.43 -10.75 -19.44
C GLY B 248 -2.71 -10.52 -20.18
N SER B 249 -2.96 -9.26 -20.50
CA SER B 249 -4.24 -8.89 -21.08
C SER B 249 -4.31 -9.25 -22.58
N LEU B 250 -3.15 -9.40 -23.20
CA LEU B 250 -3.17 -9.68 -24.62
C LEU B 250 -4.07 -10.92 -24.96
N PRO B 251 -5.19 -10.66 -25.66
CA PRO B 251 -6.12 -11.70 -26.13
C PRO B 251 -5.83 -12.32 -27.47
N GLY B 252 -6.77 -13.10 -27.99
CA GLY B 252 -6.74 -13.56 -29.38
C GLY B 252 -5.58 -14.45 -29.87
N LEU B 253 -4.74 -14.99 -28.96
CA LEU B 253 -3.51 -15.66 -29.37
C LEU B 253 -3.60 -17.21 -29.37
N SER B 254 -4.20 -17.78 -30.39
CA SER B 254 -4.46 -19.21 -30.44
C SER B 254 -4.21 -19.83 -31.80
N MET B 255 -3.61 -21.01 -31.76
CA MET B 255 -3.18 -21.67 -32.96
C MET B 255 -3.21 -23.19 -32.71
N CYS B 256 -3.51 -23.98 -33.75
CA CYS B 256 -3.42 -25.43 -33.62
C CYS B 256 -1.98 -25.87 -33.44
N ALA B 257 -1.76 -26.96 -32.73
CA ALA B 257 -0.51 -27.70 -32.86
C ALA B 257 -0.31 -28.10 -34.35
N GLU B 258 0.95 -28.08 -34.83
CA GLU B 258 1.30 -28.30 -36.26
C GLU B 258 0.90 -27.16 -37.20
N ASP B 259 0.43 -26.04 -36.65
CA ASP B 259 0.29 -24.81 -37.42
C ASP B 259 1.69 -24.24 -37.56
N ARG B 260 2.04 -23.80 -38.77
CA ARG B 260 3.24 -23.05 -38.93
C ARG B 260 2.81 -21.62 -38.70
N VAL B 261 3.42 -21.00 -37.69
CA VAL B 261 3.20 -19.61 -37.33
C VAL B 261 4.38 -18.76 -37.85
N LYS B 262 4.04 -17.64 -38.50
CA LYS B 262 4.97 -16.51 -38.62
C LYS B 262 4.64 -15.44 -37.55
N TRP B 263 5.65 -15.07 -36.75
CA TRP B 263 5.59 -14.04 -35.71
C TRP B 263 6.34 -12.81 -36.18
N TYR B 264 5.61 -11.80 -36.63
CA TYR B 264 6.24 -10.53 -37.02
C TYR B 264 6.39 -9.58 -35.81
N LEU B 265 7.58 -9.56 -35.18
CA LEU B 265 7.92 -8.72 -33.99
C LEU B 265 8.69 -7.41 -34.22
N PHE B 266 8.47 -6.44 -33.36
CA PHE B 266 9.28 -5.25 -33.39
C PHE B 266 9.31 -4.45 -32.09
N GLY B 267 10.46 -3.89 -31.76
CA GLY B 267 10.57 -3.02 -30.61
C GLY B 267 10.09 -1.62 -30.91
N MET B 268 9.78 -0.87 -29.85
CA MET B 268 9.49 0.57 -29.94
C MET B 268 9.58 1.35 -28.63
N GLY B 269 10.22 2.55 -28.70
CA GLY B 269 10.38 3.45 -27.53
C GLY B 269 11.63 4.24 -27.16
N ASN B 270 12.40 3.77 -26.18
CA ASN B 270 13.42 4.61 -25.55
C ASN B 270 14.46 3.78 -24.79
N GLU B 271 15.46 4.45 -24.20
CA GLU B 271 16.53 3.76 -23.48
C GLU B 271 16.07 2.54 -22.59
N VAL B 272 14.95 2.64 -21.88
CA VAL B 272 14.44 1.47 -21.06
C VAL B 272 13.91 0.33 -21.89
N ASP B 273 13.78 0.51 -23.21
CA ASP B 273 13.32 -0.53 -24.12
C ASP B 273 14.43 -1.42 -24.60
N VAL B 274 14.83 -2.32 -23.72
CA VAL B 274 15.80 -3.36 -24.00
C VAL B 274 15.02 -4.60 -23.77
N HIS B 275 14.32 -5.05 -24.80
CA HIS B 275 13.46 -6.22 -24.68
C HIS B 275 14.13 -7.57 -25.01
N SER B 276 13.54 -8.64 -24.52
CA SER B 276 14.11 -9.98 -24.58
C SER B 276 12.95 -10.95 -24.58
N ALA B 277 12.24 -10.99 -25.70
CA ALA B 277 10.99 -11.75 -25.82
C ALA B 277 11.21 -13.26 -25.76
N LEU B 278 10.37 -13.95 -25.02
CA LEU B 278 10.44 -15.40 -24.98
C LEU B 278 9.10 -16.08 -25.25
N PHE B 279 9.09 -17.15 -26.03
CA PHE B 279 7.84 -17.87 -26.23
C PHE B 279 7.73 -19.20 -25.45
N HIS B 280 7.67 -19.12 -24.11
CA HIS B 280 7.87 -20.28 -23.19
C HIS B 280 7.52 -21.67 -23.82
N GLY B 281 8.46 -22.62 -23.78
CA GLY B 281 8.21 -23.99 -24.28
C GLY B 281 7.83 -24.20 -25.76
N GLN B 282 8.49 -23.45 -26.64
CA GLN B 282 8.32 -23.54 -28.09
C GLN B 282 9.68 -23.34 -28.83
N ALA B 283 9.74 -23.83 -30.08
CA ALA B 283 10.94 -23.72 -30.91
C ALA B 283 10.85 -22.67 -32.05
N LEU B 284 11.62 -21.60 -31.93
CA LEU B 284 11.63 -20.53 -32.94
C LEU B 284 12.92 -20.56 -33.77
N THR B 285 12.90 -19.98 -34.97
CA THR B 285 14.08 -20.00 -35.86
C THR B 285 14.06 -18.83 -36.88
N SER B 286 14.96 -17.87 -36.70
CA SER B 286 15.02 -16.66 -37.53
C SER B 286 16.18 -16.73 -38.50
N LYS B 287 15.89 -16.59 -39.79
CA LYS B 287 16.90 -16.58 -40.89
C LYS B 287 17.66 -17.91 -41.00
N ASN B 288 16.92 -19.00 -40.74
CA ASN B 288 17.44 -20.36 -40.70
C ASN B 288 18.63 -20.51 -39.75
N TYR B 289 18.52 -19.85 -38.59
CA TYR B 289 19.29 -20.17 -37.39
C TYR B 289 18.27 -20.27 -36.26
N HIS B 290 18.55 -21.14 -35.29
CA HIS B 290 17.70 -21.30 -34.14
C HIS B 290 17.95 -20.09 -33.29
N THR B 291 16.86 -19.53 -32.74
CA THR B 291 16.88 -18.42 -31.75
C THR B 291 15.91 -18.74 -30.59
N ASP B 292 16.34 -18.55 -29.34
CA ASP B 292 15.52 -18.84 -28.12
C ASP B 292 14.90 -17.54 -27.55
N ILE B 293 15.76 -16.56 -27.40
CA ILE B 293 15.36 -15.21 -27.10
C ILE B 293 15.17 -14.41 -28.45
N ILE B 294 14.36 -13.36 -28.42
CA ILE B 294 14.27 -12.37 -29.52
C ILE B 294 14.49 -11.03 -28.87
N ASN B 295 15.68 -10.47 -28.91
CA ASN B 295 15.81 -9.13 -28.35
C ASN B 295 15.12 -8.10 -29.30
N LEU B 296 14.27 -7.20 -28.76
CA LEU B 296 13.84 -5.98 -29.48
C LEU B 296 14.29 -4.70 -28.78
N PHE B 297 14.57 -3.69 -29.59
CA PHE B 297 14.96 -2.35 -29.15
C PHE B 297 14.14 -1.37 -29.97
N PRO B 298 14.38 -0.06 -29.82
CA PRO B 298 13.57 0.94 -30.50
C PRO B 298 13.62 0.87 -32.00
N ALA B 299 12.51 0.39 -32.55
CA ALA B 299 12.28 0.21 -33.98
C ALA B 299 13.04 -1.00 -34.60
N THR B 300 13.59 -1.87 -33.76
CA THR B 300 14.14 -3.13 -34.18
C THR B 300 13.14 -4.01 -34.89
N LEU B 301 13.40 -4.42 -36.12
CA LEU B 301 12.44 -5.20 -36.93
C LEU B 301 12.97 -6.63 -37.20
N ILE B 302 12.15 -7.64 -36.95
CA ILE B 302 12.64 -9.02 -36.92
C ILE B 302 11.45 -9.97 -37.02
N ASP B 303 11.60 -11.07 -37.73
CA ASP B 303 10.52 -12.04 -37.89
C ASP B 303 11.10 -13.42 -37.68
N VAL B 304 10.35 -14.24 -36.94
CA VAL B 304 10.75 -15.61 -36.57
C VAL B 304 9.64 -16.52 -36.98
N SER B 305 9.88 -17.82 -37.01
CA SER B 305 8.82 -18.80 -37.28
C SER B 305 8.96 -20.05 -36.42
N MET B 306 7.84 -20.77 -36.37
CA MET B 306 7.49 -21.70 -35.30
C MET B 306 6.39 -22.63 -35.80
N VAL B 307 6.60 -23.93 -35.63
CA VAL B 307 5.50 -24.87 -35.73
C VAL B 307 5.12 -25.14 -34.29
N ALA B 308 3.81 -25.07 -34.04
CA ALA B 308 3.30 -25.06 -32.67
C ALA B 308 3.17 -26.47 -32.19
N GLN B 309 3.52 -26.68 -30.92
CA GLN B 309 3.50 -27.99 -30.29
C GLN B 309 3.13 -27.86 -28.83
N ASN B 310 2.81 -29.02 -28.23
CA ASN B 310 2.62 -29.17 -26.79
C ASN B 310 1.32 -28.45 -26.31
N PRO B 311 0.10 -28.95 -26.70
CA PRO B 311 -1.19 -28.25 -26.41
C PRO B 311 -1.44 -27.84 -24.97
N GLY B 312 -1.73 -26.58 -24.74
CA GLY B 312 -1.94 -26.09 -23.38
C GLY B 312 -1.97 -24.59 -23.39
N VAL B 313 -1.46 -24.00 -22.33
CA VAL B 313 -1.42 -22.56 -22.27
C VAL B 313 -0.05 -22.14 -21.86
N TRP B 314 0.47 -21.16 -22.58
CA TRP B 314 1.85 -20.85 -22.53
C TRP B 314 2.12 -19.35 -22.40
N MET B 315 3.14 -19.03 -21.61
CA MET B 315 3.54 -17.65 -21.36
C MET B 315 4.39 -17.07 -22.50
N LEU B 316 4.16 -15.79 -22.79
CA LEU B 316 4.96 -15.01 -23.71
C LEU B 316 5.42 -13.80 -22.95
N SER B 317 6.48 -14.00 -22.17
CA SER B 317 7.04 -12.95 -21.34
C SER B 317 8.10 -12.23 -22.10
N CYS B 318 8.56 -11.12 -21.57
CA CYS B 318 9.82 -10.51 -21.97
C CYS B 318 10.75 -10.68 -20.78
N GLN B 319 11.83 -11.42 -20.96
CA GLN B 319 12.66 -11.77 -19.83
C GLN B 319 13.62 -10.66 -19.35
N ASN B 320 13.46 -9.41 -19.84
CA ASN B 320 14.00 -8.25 -19.10
C ASN B 320 13.31 -8.34 -17.79
N LEU B 321 14.08 -8.28 -16.71
CA LEU B 321 13.51 -8.53 -15.40
C LEU B 321 12.69 -7.34 -14.85
N ASN B 322 13.19 -6.11 -15.00
CA ASN B 322 12.39 -4.95 -14.61
C ASN B 322 11.13 -4.86 -15.45
N HIS B 323 11.18 -5.25 -16.70
CA HIS B 323 9.97 -5.33 -17.54
C HIS B 323 9.02 -6.50 -17.16
N LEU B 324 9.55 -7.55 -16.55
CA LEU B 324 8.71 -8.69 -16.17
C LEU B 324 7.78 -8.36 -15.00
N LYS B 325 8.36 -7.77 -13.96
CA LYS B 325 7.59 -7.46 -12.77
C LYS B 325 6.70 -6.28 -12.98
N ALA B 326 7.04 -5.43 -13.96
CA ALA B 326 6.10 -4.39 -14.44
C ALA B 326 5.05 -4.94 -15.47
N GLY B 327 5.05 -6.25 -15.59
CA GLY B 327 3.92 -6.91 -16.14
C GLY B 327 3.95 -7.06 -17.63
N LEU B 328 5.15 -7.22 -18.20
CA LEU B 328 5.24 -7.45 -19.63
C LEU B 328 5.04 -8.95 -19.84
N GLN B 329 3.77 -9.34 -19.93
CA GLN B 329 3.42 -10.74 -20.04
C GLN B 329 2.20 -10.95 -20.88
N ALA B 330 2.10 -12.17 -21.42
CA ALA B 330 0.91 -12.58 -22.21
C ALA B 330 0.76 -14.11 -22.30
N PHE B 331 -0.36 -14.56 -22.86
CA PHE B 331 -0.64 -15.99 -22.95
C PHE B 331 -1.09 -16.34 -24.34
N PHE B 332 -0.63 -17.48 -24.78
CA PHE B 332 -1.07 -18.00 -26.04
C PHE B 332 -1.53 -19.43 -25.84
N GLN B 333 -2.46 -19.81 -26.69
CA GLN B 333 -3.54 -20.68 -26.29
C GLN B 333 -3.48 -21.73 -27.42
N VAL B 334 -2.46 -22.61 -27.33
CA VAL B 334 -2.14 -23.68 -28.33
C VAL B 334 -3.08 -24.90 -28.31
N ARG B 335 -3.90 -25.04 -29.35
CA ARG B 335 -5.03 -25.99 -29.36
C ARG B 335 -4.58 -27.42 -29.59
N ASP B 336 -5.56 -28.31 -29.69
CA ASP B 336 -5.39 -29.63 -30.26
C ASP B 336 -6.47 -29.75 -31.35
N CYS B 337 -6.16 -29.22 -32.52
CA CYS B 337 -6.97 -29.48 -33.72
C CYS B 337 -6.73 -30.88 -34.27
N ASN B 338 -5.77 -31.59 -33.67
CA ASN B 338 -5.58 -33.01 -33.91
C ASN B 338 -5.23 -33.22 -35.39
N LYS B 339 -4.09 -32.65 -35.76
CA LYS B 339 -3.50 -32.87 -37.08
C LYS B 339 -2.45 -33.97 -36.91
N PRO B 340 -1.88 -34.47 -38.03
CA PRO B 340 -0.87 -35.52 -37.92
C PRO B 340 0.53 -34.94 -37.68
N SER B 341 1.19 -35.28 -36.56
CA SER B 341 2.57 -34.79 -36.26
C SER B 341 3.60 -35.52 -37.12
N PRO B 342 4.52 -34.81 -37.82
CA PRO B 342 5.42 -35.52 -38.75
C PRO B 342 6.52 -36.25 -37.97
N ASP B 343 6.15 -37.36 -37.32
CA ASP B 343 6.95 -37.94 -36.25
C ASP B 343 8.05 -38.87 -36.74
N ASP B 344 9.21 -38.28 -37.04
CA ASP B 344 10.48 -39.02 -36.93
C ASP B 344 10.53 -39.49 -35.43
N ASP B 345 11.26 -40.54 -35.04
CA ASP B 345 12.18 -41.38 -35.82
C ASP B 345 13.60 -40.77 -35.83
N ILE B 346 14.04 -40.32 -34.65
CA ILE B 346 15.45 -40.05 -34.40
C ILE B 346 15.99 -41.35 -33.83
N GLN B 347 17.03 -41.91 -34.44
CA GLN B 347 17.59 -43.17 -33.98
C GLN B 347 18.52 -42.96 -32.83
N ASP B 348 18.86 -44.07 -32.18
CA ASP B 348 19.96 -44.14 -31.24
C ASP B 348 19.77 -43.28 -29.97
N ARG B 349 18.52 -42.94 -29.64
CA ARG B 349 18.20 -41.86 -28.70
C ARG B 349 18.76 -42.12 -27.29
N HIS B 350 19.43 -41.11 -26.73
CA HIS B 350 20.30 -41.28 -25.55
C HIS B 350 20.05 -40.30 -24.42
N VAL B 351 20.02 -40.82 -23.19
CA VAL B 351 19.61 -40.06 -22.00
C VAL B 351 20.78 -39.36 -21.31
N ARG B 352 20.49 -38.20 -20.74
CA ARG B 352 21.41 -37.47 -19.88
C ARG B 352 20.68 -37.24 -18.55
N HIS B 353 20.97 -38.10 -17.58
CA HIS B 353 20.46 -37.94 -16.23
C HIS B 353 21.53 -37.24 -15.37
N TYR B 354 21.15 -36.12 -14.75
CA TYR B 354 22.02 -35.37 -13.85
C TYR B 354 21.44 -35.34 -12.44
N TYR B 355 22.30 -35.02 -11.49
CA TYR B 355 21.92 -34.86 -10.09
C TYR B 355 22.51 -33.55 -9.63
N ILE B 356 21.65 -32.51 -9.64
CA ILE B 356 22.03 -31.18 -9.19
C ILE B 356 21.23 -30.86 -7.94
N ALA B 357 21.84 -30.06 -7.07
CA ALA B 357 21.20 -29.56 -5.88
C ALA B 357 21.66 -28.14 -5.63
N ALA B 358 20.74 -27.33 -5.13
CA ALA B 358 21.04 -25.95 -4.80
C ALA B 358 21.61 -25.96 -3.41
N GLU B 359 22.44 -24.97 -3.12
CA GLU B 359 23.07 -24.87 -1.79
C GLU B 359 23.65 -23.48 -1.54
N GLU B 360 23.91 -23.19 -0.26
CA GLU B 360 24.50 -21.93 0.18
C GLU B 360 26.02 -22.02 -0.01
N THR B 361 26.70 -20.86 -0.05
CA THR B 361 28.18 -20.78 -0.08
C THR B 361 28.48 -19.29 -0.13
N ILE B 362 29.76 -18.93 -0.19
CA ILE B 362 30.18 -17.52 -0.11
C ILE B 362 31.17 -17.19 -1.25
N TRP B 363 30.75 -16.25 -2.11
CA TRP B 363 31.67 -15.38 -2.89
C TRP B 363 32.09 -14.29 -1.90
N ASP B 364 33.24 -13.62 -1.96
CA ASP B 364 34.28 -13.50 -3.02
C ASP B 364 33.98 -13.42 -4.51
N TYR B 365 33.43 -12.25 -4.85
CA TYR B 365 33.49 -11.63 -6.19
C TYR B 365 34.93 -11.29 -6.56
N ALA B 366 35.80 -11.12 -5.55
CA ALA B 366 37.27 -11.04 -5.73
C ALA B 366 38.02 -11.88 -4.67
N PRO B 367 38.42 -13.15 -5.02
CA PRO B 367 39.16 -13.99 -4.07
C PRO B 367 40.53 -13.41 -3.66
N SER B 368 41.13 -12.68 -4.59
CA SER B 368 42.33 -11.91 -4.34
C SER B 368 42.10 -10.62 -3.58
N GLY B 369 40.94 -10.00 -3.75
CA GLY B 369 40.69 -8.64 -3.19
C GLY B 369 41.56 -7.53 -3.79
N THR B 370 42.11 -7.83 -4.97
CA THR B 370 43.09 -7.00 -5.62
C THR B 370 42.89 -7.03 -7.13
N ASP B 371 43.03 -5.86 -7.77
CA ASP B 371 42.83 -5.69 -9.21
C ASP B 371 44.09 -6.20 -9.92
N THR B 372 43.88 -7.11 -10.85
CA THR B 372 44.94 -7.63 -11.68
C THR B 372 45.45 -6.55 -12.61
N PHE B 373 44.54 -5.76 -13.16
CA PHE B 373 44.85 -4.83 -14.27
C PHE B 373 45.69 -3.62 -13.83
N THR B 374 45.18 -2.88 -12.86
CA THR B 374 45.93 -1.78 -12.27
C THR B 374 46.94 -2.34 -11.23
N GLY B 375 46.77 -3.60 -10.81
CA GLY B 375 47.70 -4.29 -9.92
C GLY B 375 47.56 -3.88 -8.45
N GLU B 376 46.34 -3.55 -8.02
CA GLU B 376 46.09 -2.85 -6.74
C GLU B 376 45.20 -3.57 -5.75
N ASN B 377 45.09 -3.00 -4.55
CA ASN B 377 44.05 -3.30 -3.56
C ASN B 377 42.80 -2.68 -4.19
N LEU B 378 41.66 -3.36 -4.03
CA LEU B 378 40.37 -2.82 -4.44
C LEU B 378 39.87 -1.81 -3.43
N THR B 379 39.97 -2.21 -2.16
CA THR B 379 39.60 -1.38 -1.02
C THR B 379 40.28 0.02 -1.03
N SER B 380 41.41 0.15 -1.74
CA SER B 380 42.15 1.41 -1.97
C SER B 380 41.32 2.68 -1.93
N LEU B 381 41.77 3.62 -1.10
CA LEU B 381 41.09 4.90 -0.88
C LEU B 381 41.00 5.65 -2.23
N GLY B 382 39.89 6.36 -2.45
CA GLY B 382 39.62 7.11 -3.69
C GLY B 382 39.33 6.37 -5.00
N SER B 383 39.31 5.04 -4.99
CA SER B 383 39.28 4.21 -6.23
C SER B 383 37.88 3.74 -6.69
N ASP B 384 37.70 3.59 -8.00
CA ASP B 384 36.40 3.15 -8.55
C ASP B 384 36.01 1.73 -8.12
N SER B 385 37.00 0.91 -7.77
CA SER B 385 36.77 -0.43 -7.21
C SER B 385 36.28 -0.47 -5.78
N ARG B 386 36.65 0.58 -5.04
CA ARG B 386 36.36 0.70 -3.62
C ARG B 386 34.87 0.56 -3.37
N VAL B 387 34.12 1.49 -3.96
CA VAL B 387 32.65 1.60 -3.82
C VAL B 387 31.96 0.26 -3.55
N PHE B 388 32.17 -0.66 -4.47
CA PHE B 388 31.39 -1.88 -4.59
C PHE B 388 31.88 -2.84 -3.51
N PHE B 389 33.21 -2.91 -3.39
CA PHE B 389 33.93 -3.85 -2.50
C PHE B 389 34.09 -3.41 -1.05
N GLU B 390 34.07 -2.09 -0.84
CA GLU B 390 34.23 -1.47 0.48
C GLU B 390 33.25 -2.04 1.51
N GLN B 391 33.80 -2.48 2.65
CA GLN B 391 33.04 -3.02 3.79
C GLN B 391 33.11 -2.06 5.01
N GLY B 392 32.10 -2.16 5.89
CA GLY B 392 32.11 -1.50 7.20
C GLY B 392 30.76 -1.24 7.88
N ALA B 393 30.47 0.05 8.09
CA ALA B 393 29.29 0.49 8.83
C ALA B 393 28.00 -0.11 8.26
N THR B 394 27.69 0.38 7.05
CA THR B 394 26.43 0.16 6.34
C THR B 394 26.72 -0.20 4.87
N ARG B 395 27.68 -1.10 4.67
CA ARG B 395 28.01 -1.68 3.36
C ARG B 395 28.44 -3.13 3.57
N ILE B 396 27.98 -4.04 2.72
CA ILE B 396 28.16 -5.47 2.96
C ILE B 396 29.53 -5.92 2.52
N GLY B 397 30.08 -5.16 1.55
CA GLY B 397 31.42 -5.34 1.03
C GLY B 397 31.46 -6.07 -0.31
N GLY B 398 32.40 -6.99 -0.42
CA GLY B 398 32.58 -7.85 -1.59
C GLY B 398 32.62 -9.32 -1.22
N SER B 399 31.74 -9.72 -0.30
CA SER B 399 31.48 -11.12 -0.01
C SER B 399 30.01 -11.29 0.44
N TYR B 400 29.22 -12.02 -0.35
CA TYR B 400 27.77 -12.19 -0.16
C TYR B 400 27.36 -13.69 -0.12
N LYS B 401 26.53 -14.08 0.86
CA LYS B 401 26.00 -15.46 0.91
C LYS B 401 25.00 -15.64 -0.23
N LYS B 402 25.10 -16.77 -0.95
CA LYS B 402 24.31 -17.02 -2.18
C LYS B 402 23.88 -18.47 -2.33
N LEU B 403 22.81 -18.68 -3.10
CA LEU B 403 22.33 -20.01 -3.44
C LEU B 403 22.82 -20.33 -4.84
N VAL B 404 23.52 -21.46 -4.99
CA VAL B 404 24.15 -21.82 -6.26
C VAL B 404 23.85 -23.24 -6.60
N TYR B 405 23.68 -23.50 -7.90
CA TYR B 405 23.57 -24.87 -8.43
C TYR B 405 24.96 -25.53 -8.48
N ARG B 406 25.06 -26.77 -7.94
CA ARG B 406 26.32 -27.56 -7.97
C ARG B 406 26.08 -29.06 -8.23
N GLU B 407 27.02 -29.69 -8.95
CA GLU B 407 26.84 -31.08 -9.38
C GLU B 407 27.18 -32.07 -8.28
N TYR B 408 26.37 -33.12 -8.22
CA TYR B 408 26.61 -34.26 -7.34
C TYR B 408 26.44 -35.51 -8.19
N THR B 409 26.75 -36.65 -7.60
CA THR B 409 27.07 -37.88 -8.34
C THR B 409 25.94 -38.91 -8.55
N ASP B 410 25.08 -39.10 -7.53
CA ASP B 410 23.95 -40.05 -7.61
C ASP B 410 22.80 -39.71 -6.65
N ASP B 411 21.72 -40.52 -6.69
CA ASP B 411 20.47 -40.29 -5.91
C ASP B 411 20.65 -39.44 -4.66
N SER B 412 21.31 -40.00 -3.65
CA SER B 412 21.57 -39.29 -2.38
C SER B 412 22.88 -38.47 -2.41
N PHE B 413 22.78 -37.21 -1.99
CA PHE B 413 23.77 -36.18 -2.34
C PHE B 413 24.95 -36.17 -1.37
N THR B 414 25.83 -37.17 -1.56
CA THR B 414 26.97 -37.46 -0.68
C THR B 414 28.30 -36.91 -1.22
N ASN B 415 28.62 -37.29 -2.47
CA ASN B 415 29.88 -36.91 -3.15
C ASN B 415 29.63 -35.80 -4.19
N ARG B 416 30.09 -34.58 -3.90
CA ARG B 416 30.13 -33.51 -4.93
C ARG B 416 31.03 -34.05 -6.02
N LYS B 417 30.57 -34.12 -7.28
CA LYS B 417 31.51 -34.34 -8.40
C LYS B 417 32.42 -33.10 -8.47
N GLN B 418 33.73 -33.30 -8.64
CA GLN B 418 34.71 -32.22 -8.43
C GLN B 418 35.04 -31.47 -9.71
N ARG B 419 35.33 -30.18 -9.57
CA ARG B 419 35.64 -29.30 -10.70
C ARG B 419 37.09 -29.65 -11.11
N GLY B 420 37.29 -29.94 -12.41
CA GLY B 420 38.59 -30.29 -13.00
C GLY B 420 39.49 -29.10 -13.30
N PRO B 421 40.47 -29.25 -14.20
CA PRO B 421 41.46 -28.18 -14.32
C PRO B 421 40.91 -26.95 -15.08
N ASP B 422 40.35 -27.23 -16.26
CA ASP B 422 39.77 -26.24 -17.19
C ASP B 422 38.39 -25.69 -16.75
N GLU B 423 37.59 -26.55 -16.15
CA GLU B 423 36.23 -26.22 -15.68
C GLU B 423 36.22 -25.14 -14.60
N GLU B 424 37.34 -24.97 -13.92
CA GLU B 424 37.55 -23.86 -13.00
C GLU B 424 36.82 -22.61 -13.47
N HIS B 425 37.08 -22.18 -14.70
CA HIS B 425 36.56 -20.90 -15.22
C HIS B 425 35.09 -20.62 -14.89
N LEU B 426 34.24 -21.67 -14.85
CA LEU B 426 32.79 -21.54 -14.54
C LEU B 426 32.42 -20.60 -13.39
N GLY B 427 33.15 -20.73 -12.28
CA GLY B 427 32.96 -19.83 -11.16
C GLY B 427 31.59 -20.01 -10.58
N ILE B 428 30.86 -18.89 -10.48
CA ILE B 428 29.56 -18.92 -9.84
C ILE B 428 28.53 -19.80 -10.57
N LEU B 429 28.75 -19.96 -11.88
CA LEU B 429 27.86 -20.77 -12.70
C LEU B 429 27.78 -22.20 -12.22
N GLY B 430 26.59 -22.76 -12.36
CA GLY B 430 26.35 -24.15 -12.06
C GLY B 430 27.06 -24.99 -13.07
N PRO B 431 27.04 -26.29 -12.87
CA PRO B 431 27.69 -27.19 -13.81
C PRO B 431 26.86 -27.32 -15.10
N VAL B 432 27.54 -27.70 -16.17
CA VAL B 432 26.96 -27.63 -17.49
C VAL B 432 26.09 -28.84 -17.85
N ILE B 433 24.82 -28.59 -18.09
CA ILE B 433 23.97 -29.62 -18.67
C ILE B 433 24.20 -29.63 -20.18
N TRP B 434 24.27 -30.81 -20.76
CA TRP B 434 24.51 -30.94 -22.17
C TRP B 434 23.71 -32.09 -22.79
N ALA B 435 23.50 -32.02 -24.11
CA ALA B 435 22.92 -33.12 -24.89
C ALA B 435 23.17 -32.94 -26.37
N GLU B 436 22.91 -34.00 -27.12
CA GLU B 436 22.79 -33.93 -28.56
C GLU B 436 21.30 -33.82 -28.87
N VAL B 437 20.97 -33.63 -30.15
CA VAL B 437 19.61 -33.71 -30.65
C VAL B 437 19.03 -35.15 -30.45
N GLY B 438 17.72 -35.26 -30.19
CA GLY B 438 17.04 -36.54 -29.94
C GLY B 438 17.10 -37.06 -28.51
N ASP B 439 18.05 -36.55 -27.73
CA ASP B 439 18.26 -37.00 -26.36
C ASP B 439 17.06 -36.73 -25.47
N ILE B 440 17.20 -37.18 -24.22
CA ILE B 440 16.23 -36.91 -23.19
C ILE B 440 16.99 -36.55 -21.92
N ILE B 441 17.14 -35.25 -21.69
CA ILE B 441 17.74 -34.75 -20.46
C ILE B 441 16.73 -35.05 -19.35
N ARG B 442 17.26 -35.43 -18.19
CA ARG B 442 16.49 -35.49 -16.95
C ARG B 442 17.33 -34.84 -15.86
N VAL B 443 16.69 -34.16 -14.90
CA VAL B 443 17.46 -33.67 -13.72
C VAL B 443 16.77 -33.85 -12.36
N THR B 444 17.40 -34.65 -11.51
CA THR B 444 16.97 -34.88 -10.13
C THR B 444 17.55 -33.80 -9.22
N PHE B 445 16.66 -32.95 -8.73
CA PHE B 445 16.98 -31.71 -8.04
C PHE B 445 16.57 -31.74 -6.56
N HIS B 446 17.54 -31.52 -5.67
CA HIS B 446 17.32 -31.45 -4.21
C HIS B 446 17.65 -30.02 -3.72
N ASN B 447 16.87 -29.52 -2.75
CA ASN B 447 17.00 -28.17 -2.21
C ASN B 447 17.77 -28.27 -0.88
N LYS B 448 18.91 -27.58 -0.77
CA LYS B 448 19.62 -27.36 0.53
C LYS B 448 19.74 -25.86 0.80
N GLY B 449 18.59 -25.19 0.72
CA GLY B 449 18.47 -23.75 0.98
C GLY B 449 17.22 -23.44 1.79
N GLN B 450 17.16 -22.21 2.31
CA GLN B 450 16.06 -21.79 3.20
C GLN B 450 14.80 -21.46 2.37
N PHE B 451 14.98 -20.91 1.17
CA PHE B 451 13.89 -20.54 0.26
C PHE B 451 13.51 -21.70 -0.69
N PRO B 452 12.31 -21.65 -1.31
CA PRO B 452 11.93 -22.64 -2.34
C PRO B 452 12.42 -22.23 -3.70
N LEU B 453 12.51 -23.21 -4.61
CA LEU B 453 13.21 -23.01 -5.88
C LEU B 453 12.65 -23.93 -6.99
N SER B 454 13.28 -23.88 -8.17
CA SER B 454 12.93 -24.73 -9.33
C SER B 454 14.07 -24.71 -10.40
N ILE B 455 13.83 -25.36 -11.55
CA ILE B 455 14.73 -25.29 -12.71
C ILE B 455 13.91 -25.18 -14.04
N GLN B 456 13.83 -23.94 -14.51
CA GLN B 456 13.33 -23.60 -15.84
C GLN B 456 14.58 -23.46 -16.71
N PRO B 457 14.69 -24.33 -17.72
CA PRO B 457 15.69 -24.20 -18.77
C PRO B 457 15.24 -23.21 -19.85
N MET B 458 16.15 -22.88 -20.77
CA MET B 458 15.81 -22.16 -22.01
C MET B 458 16.36 -22.94 -23.21
N GLY B 459 15.47 -23.29 -24.14
CA GLY B 459 15.85 -24.03 -25.34
C GLY B 459 15.93 -25.56 -25.26
N VAL B 460 14.95 -26.19 -24.63
CA VAL B 460 14.78 -27.64 -24.61
C VAL B 460 13.29 -27.87 -24.84
N ARG B 461 12.73 -29.06 -24.62
CA ARG B 461 11.26 -29.19 -24.60
C ARG B 461 10.86 -29.57 -23.20
N PHE B 462 9.79 -28.94 -22.69
CA PHE B 462 9.13 -29.47 -21.52
C PHE B 462 7.67 -29.67 -21.81
N THR B 463 7.09 -30.70 -21.18
CA THR B 463 5.64 -30.82 -20.99
C THR B 463 5.26 -30.10 -19.69
N LYS B 464 3.97 -29.75 -19.62
CA LYS B 464 3.49 -28.78 -18.62
C LYS B 464 3.90 -29.09 -17.22
N GLU B 465 3.98 -30.40 -16.90
CA GLU B 465 4.24 -30.91 -15.55
C GLU B 465 5.67 -30.67 -15.09
N ASN B 466 6.59 -30.49 -16.04
CA ASN B 466 8.03 -30.26 -15.76
C ASN B 466 8.45 -28.76 -15.81
N GLU B 467 7.49 -27.87 -16.13
CA GLU B 467 7.78 -26.43 -16.29
C GLU B 467 8.08 -25.80 -14.93
N GLY B 468 9.33 -25.38 -14.76
CA GLY B 468 9.78 -24.79 -13.49
C GLY B 468 9.43 -23.34 -13.17
N THR B 469 8.52 -22.72 -13.93
CA THR B 469 7.99 -21.39 -13.58
C THR B 469 6.48 -21.54 -13.44
N TYR B 470 5.84 -20.72 -12.59
CA TYR B 470 4.37 -20.82 -12.42
C TYR B 470 3.54 -19.62 -12.80
N TYR B 471 2.47 -19.94 -13.52
CA TYR B 471 1.54 -19.00 -14.03
C TYR B 471 0.24 -19.74 -14.42
N GLY B 472 -0.84 -18.98 -14.63
CA GLY B 472 -2.14 -19.55 -15.03
C GLY B 472 -3.30 -18.57 -15.01
N PRO B 473 -4.53 -19.03 -15.20
CA PRO B 473 -4.89 -20.44 -15.31
C PRO B 473 -4.41 -21.11 -16.60
N ASP B 474 -3.65 -22.19 -16.45
CA ASP B 474 -3.40 -23.17 -17.54
C ASP B 474 -4.14 -24.49 -17.31
N GLY B 475 -4.18 -24.95 -16.05
CA GLY B 475 -4.81 -26.21 -15.64
C GLY B 475 -3.83 -27.31 -15.32
N ARG B 476 -2.68 -26.95 -14.73
CA ARG B 476 -1.66 -27.92 -14.35
C ARG B 476 -2.12 -28.73 -13.13
N SER B 477 -1.80 -30.03 -13.12
CA SER B 477 -2.00 -30.88 -11.94
C SER B 477 -0.87 -30.66 -10.91
N SER B 478 0.39 -30.56 -11.38
CA SER B 478 1.57 -30.39 -10.48
C SER B 478 1.77 -28.94 -10.10
N LYS B 479 1.95 -28.67 -8.80
CA LYS B 479 2.49 -27.38 -8.33
C LYS B 479 3.95 -27.57 -7.96
N GLN B 480 4.48 -28.77 -8.16
CA GLN B 480 5.74 -29.16 -7.54
C GLN B 480 6.91 -28.86 -8.41
N ALA B 481 6.76 -29.04 -9.72
CA ALA B 481 7.87 -28.79 -10.67
C ALA B 481 8.36 -27.35 -10.64
N SER B 482 7.42 -26.42 -10.41
CA SER B 482 7.71 -25.00 -10.24
C SER B 482 7.90 -24.56 -8.77
N HIS B 483 7.43 -25.38 -7.81
CA HIS B 483 7.61 -25.13 -6.37
C HIS B 483 8.31 -26.30 -5.65
N VAL B 484 9.64 -26.19 -5.55
CA VAL B 484 10.45 -27.12 -4.79
C VAL B 484 10.77 -26.46 -3.45
N ALA B 485 10.35 -27.14 -2.37
CA ALA B 485 10.44 -26.64 -0.99
C ALA B 485 11.88 -26.56 -0.48
N PRO B 486 12.10 -25.89 0.68
CA PRO B 486 13.46 -25.77 1.24
C PRO B 486 14.21 -27.12 1.51
N LYS B 487 13.52 -28.26 1.54
CA LYS B 487 14.24 -29.54 1.48
C LYS B 487 13.44 -30.65 0.81
N GLU B 488 12.86 -30.31 -0.34
CA GLU B 488 12.20 -31.29 -1.19
C GLU B 488 13.19 -31.79 -2.23
N THR B 489 12.73 -32.73 -3.05
CA THR B 489 13.47 -33.23 -4.19
C THR B 489 12.52 -33.52 -5.33
N PHE B 490 12.91 -33.18 -6.58
CA PHE B 490 12.09 -33.45 -7.81
C PHE B 490 12.93 -33.86 -9.03
N THR B 491 12.28 -34.55 -9.98
CA THR B 491 12.84 -34.87 -11.30
C THR B 491 11.60 -34.83 -12.28
N TYR B 492 11.40 -33.99 -13.33
CA TYR B 492 12.25 -33.12 -14.25
C TYR B 492 12.80 -33.83 -15.51
N GLU B 493 11.96 -33.90 -16.56
CA GLU B 493 12.27 -34.60 -17.84
C GLU B 493 12.01 -33.70 -19.07
N TRP B 494 13.08 -33.40 -19.78
CA TRP B 494 12.99 -32.56 -20.94
C TRP B 494 13.43 -33.33 -22.19
N THR B 495 12.55 -33.48 -23.19
CA THR B 495 13.02 -33.93 -24.52
C THR B 495 13.83 -32.80 -25.22
N VAL B 496 14.46 -33.12 -26.37
CA VAL B 496 15.35 -32.18 -27.07
C VAL B 496 15.24 -32.39 -28.59
N PRO B 497 14.03 -32.30 -29.14
CA PRO B 497 13.88 -32.65 -30.57
C PRO B 497 14.44 -31.60 -31.53
N LYS B 498 15.03 -32.11 -32.61
CA LYS B 498 15.58 -31.35 -33.76
C LYS B 498 15.42 -29.82 -33.79
N GLU B 499 14.18 -29.34 -33.74
CA GLU B 499 13.90 -27.89 -33.92
C GLU B 499 14.36 -27.00 -32.78
N MET B 500 14.50 -27.60 -31.60
CA MET B 500 15.18 -26.94 -30.46
C MET B 500 16.69 -26.86 -30.67
N GLY B 501 17.27 -27.93 -31.18
CA GLY B 501 18.69 -27.97 -31.47
C GLY B 501 19.05 -27.24 -32.74
N PRO B 502 20.36 -27.15 -33.05
CA PRO B 502 20.87 -26.23 -34.07
C PRO B 502 20.55 -26.70 -35.45
N THR B 503 20.32 -25.72 -36.34
CA THR B 503 19.88 -25.98 -37.70
C THR B 503 21.03 -26.25 -38.63
N TYR B 504 20.70 -26.56 -39.90
CA TYR B 504 21.68 -26.71 -40.97
C TYR B 504 22.79 -25.73 -40.63
N ALA B 505 22.50 -24.46 -40.79
CA ALA B 505 23.52 -23.44 -40.72
C ALA B 505 24.01 -23.11 -39.29
N ASP B 506 23.38 -23.58 -38.22
CA ASP B 506 23.82 -23.16 -36.85
C ASP B 506 25.09 -23.89 -36.49
N PRO B 507 25.92 -23.28 -35.58
CA PRO B 507 27.12 -23.97 -35.14
C PRO B 507 26.88 -25.41 -34.69
N VAL B 508 27.96 -26.06 -34.29
CA VAL B 508 27.92 -27.46 -33.92
C VAL B 508 27.14 -27.56 -32.59
N CYS B 509 27.30 -26.55 -31.74
CA CYS B 509 26.51 -26.41 -30.53
C CYS B 509 25.91 -25.01 -30.38
N LEU B 510 24.91 -24.93 -29.50
CA LEU B 510 24.18 -23.69 -29.17
C LEU B 510 24.32 -23.43 -27.71
N SER B 511 24.73 -22.22 -27.33
CA SER B 511 24.82 -21.90 -25.89
C SER B 511 23.45 -21.65 -25.35
N LYS B 512 23.19 -22.24 -24.20
CA LYS B 512 21.88 -22.13 -23.60
C LYS B 512 22.05 -21.97 -22.10
N MET B 513 20.92 -21.88 -21.38
CA MET B 513 20.94 -21.69 -19.93
C MET B 513 19.73 -22.32 -19.26
N TYR B 514 19.84 -22.47 -17.95
CA TYR B 514 18.76 -22.92 -17.08
C TYR B 514 18.88 -22.09 -15.82
N TYR B 515 17.75 -21.93 -15.14
CA TYR B 515 17.65 -21.06 -13.98
C TYR B 515 16.52 -21.49 -13.10
N SER B 516 16.40 -20.88 -11.91
CA SER B 516 15.27 -21.13 -11.01
C SER B 516 14.08 -20.18 -11.23
N GLY B 517 12.88 -20.75 -11.45
CA GLY B 517 11.65 -20.01 -11.88
C GLY B 517 10.51 -19.82 -10.86
N VAL B 518 10.85 -20.00 -9.59
CA VAL B 518 9.99 -19.57 -8.51
C VAL B 518 9.73 -18.11 -8.77
N ASP B 519 10.84 -17.36 -8.78
CA ASP B 519 10.83 -15.96 -9.10
C ASP B 519 12.07 -15.72 -9.94
N LEU B 520 11.91 -15.28 -11.19
CA LEU B 520 13.09 -15.01 -12.05
C LEU B 520 13.79 -13.68 -11.70
N THR B 521 13.07 -12.74 -11.06
CA THR B 521 13.62 -11.39 -10.73
C THR B 521 14.54 -11.35 -9.50
N LYS B 522 14.75 -12.54 -8.92
CA LYS B 522 15.50 -12.73 -7.70
C LYS B 522 16.41 -13.97 -7.80
N ASP B 523 15.83 -15.17 -7.99
CA ASP B 523 16.60 -16.46 -8.01
C ASP B 523 17.88 -16.43 -8.85
N ILE B 524 17.79 -15.84 -10.04
CA ILE B 524 18.95 -15.69 -10.93
C ILE B 524 19.91 -14.66 -10.34
N PHE B 525 19.42 -13.49 -9.97
CA PHE B 525 20.30 -12.58 -9.23
C PHE B 525 20.94 -13.21 -7.96
N THR B 526 20.26 -14.15 -7.31
CA THR B 526 20.76 -14.80 -6.08
C THR B 526 21.82 -15.89 -6.36
N GLY B 527 21.91 -16.34 -7.61
CA GLY B 527 22.95 -17.30 -8.02
C GLY B 527 22.50 -18.62 -8.64
N LEU B 528 21.18 -18.83 -8.72
CA LEU B 528 20.63 -20.04 -9.34
C LEU B 528 20.53 -19.93 -10.88
N ILE B 529 21.71 -19.89 -11.50
CA ILE B 529 21.93 -19.76 -12.96
C ILE B 529 22.83 -20.92 -13.35
N GLY B 530 22.65 -21.44 -14.56
CA GLY B 530 23.64 -22.34 -15.13
C GLY B 530 23.73 -22.26 -16.64
N PRO B 531 24.85 -22.78 -17.21
CA PRO B 531 25.00 -22.99 -18.65
C PRO B 531 24.47 -24.37 -19.12
N MET B 532 23.80 -24.36 -20.26
CA MET B 532 23.30 -25.56 -20.92
C MET B 532 23.82 -25.46 -22.35
N LYS B 533 23.90 -26.62 -23.01
CA LYS B 533 24.55 -26.74 -24.30
C LYS B 533 23.83 -27.80 -25.05
N ILE B 534 23.53 -27.57 -26.32
CA ILE B 534 22.80 -28.56 -27.11
C ILE B 534 23.43 -28.62 -28.49
N CYS B 535 23.86 -29.82 -28.88
CA CYS B 535 24.70 -30.02 -30.06
C CYS B 535 24.06 -30.95 -31.06
N LYS B 536 24.64 -30.97 -32.27
CA LYS B 536 24.04 -31.67 -33.41
C LYS B 536 24.32 -33.17 -33.21
N LYS B 537 23.67 -34.03 -33.99
CA LYS B 537 23.79 -35.49 -33.75
C LYS B 537 25.21 -36.05 -33.94
N GLY B 538 25.54 -37.06 -33.13
CA GLY B 538 26.86 -37.70 -33.09
C GLY B 538 28.08 -36.79 -33.09
N SER B 539 27.98 -35.58 -32.53
CA SER B 539 29.07 -34.62 -32.54
C SER B 539 29.57 -34.31 -31.12
N LEU B 540 29.22 -35.15 -30.15
CA LEU B 540 29.71 -35.01 -28.79
C LEU B 540 30.46 -36.27 -28.41
N LEU B 541 31.61 -36.09 -27.77
CA LEU B 541 32.34 -37.20 -27.12
C LEU B 541 31.47 -37.61 -25.96
N ALA B 542 31.30 -38.92 -25.76
CA ALA B 542 30.31 -39.45 -24.82
C ALA B 542 30.49 -39.01 -23.35
N ASP B 543 31.64 -38.39 -23.01
CA ASP B 543 31.84 -37.75 -21.68
C ASP B 543 31.30 -36.31 -21.55
N GLY B 544 31.05 -35.63 -22.68
CA GLY B 544 30.43 -34.28 -22.69
C GLY B 544 31.29 -33.13 -23.21
N ARG B 545 31.96 -33.37 -24.35
CA ARG B 545 32.68 -32.31 -25.08
C ARG B 545 32.44 -32.46 -26.57
N GLN B 546 32.72 -31.37 -27.28
CA GLN B 546 32.59 -31.35 -28.73
C GLN B 546 33.83 -32.00 -29.25
N LYS B 547 33.65 -32.74 -30.35
CA LYS B 547 34.67 -33.62 -30.87
C LYS B 547 35.91 -32.87 -31.28
N ASP B 548 35.80 -31.97 -32.24
CA ASP B 548 37.01 -31.39 -32.80
C ASP B 548 37.48 -30.10 -32.13
N VAL B 549 37.08 -29.94 -30.88
CA VAL B 549 37.40 -28.76 -30.14
C VAL B 549 38.31 -29.21 -29.02
N ASP B 550 39.35 -28.41 -28.80
CA ASP B 550 40.32 -28.70 -27.79
C ASP B 550 39.81 -28.18 -26.45
N LYS B 551 39.46 -26.89 -26.43
CA LYS B 551 38.96 -26.23 -25.23
C LYS B 551 37.64 -25.48 -25.46
N GLU B 552 36.77 -25.53 -24.43
CA GLU B 552 35.49 -24.83 -24.38
C GLU B 552 35.35 -23.95 -23.13
N PHE B 553 34.82 -22.73 -23.34
CA PHE B 553 34.57 -21.77 -22.26
C PHE B 553 33.10 -21.37 -22.18
N TYR B 554 32.72 -20.89 -21.00
CA TYR B 554 31.37 -20.45 -20.73
C TYR B 554 31.42 -19.15 -19.95
N LEU B 555 30.91 -18.06 -20.53
CA LEU B 555 30.72 -16.81 -19.77
C LEU B 555 29.24 -16.48 -19.39
N PHE B 556 29.11 -15.75 -18.28
CA PHE B 556 27.84 -15.16 -17.87
C PHE B 556 28.08 -13.70 -17.45
N ALA B 557 27.97 -12.81 -18.44
CA ALA B 557 28.10 -11.37 -18.20
C ALA B 557 26.75 -10.77 -17.85
N THR B 558 26.59 -10.48 -16.58
CA THR B 558 25.41 -9.84 -16.05
C THR B 558 25.95 -8.77 -15.13
N VAL B 559 25.08 -7.91 -14.61
CA VAL B 559 25.40 -7.16 -13.41
C VAL B 559 24.71 -7.96 -12.30
N PHE B 560 25.48 -8.69 -11.49
CA PHE B 560 24.93 -9.37 -10.29
C PHE B 560 24.38 -8.35 -9.28
N ASP B 561 23.06 -8.12 -9.35
CA ASP B 561 22.36 -7.13 -8.53
C ASP B 561 22.00 -7.73 -7.19
N GLU B 562 22.93 -7.62 -6.25
CA GLU B 562 22.77 -8.24 -4.92
C GLU B 562 21.60 -7.64 -4.12
N ASN B 563 21.17 -6.42 -4.48
CA ASN B 563 19.98 -5.79 -3.89
C ASN B 563 18.76 -6.71 -3.92
N GLU B 564 18.57 -7.45 -5.01
CA GLU B 564 17.39 -8.31 -5.14
C GLU B 564 17.68 -9.77 -4.93
N SER B 565 18.74 -10.05 -4.17
CA SER B 565 19.04 -11.37 -3.71
C SER B 565 17.95 -11.76 -2.70
N LEU B 566 17.63 -13.05 -2.68
CA LEU B 566 16.71 -13.61 -1.69
C LEU B 566 17.27 -13.41 -0.28
N LEU B 567 18.58 -13.50 -0.19
CA LEU B 567 19.29 -13.32 1.04
C LEU B 567 20.04 -12.02 0.82
N LEU B 568 19.32 -10.91 0.72
CA LEU B 568 19.92 -9.61 1.01
C LEU B 568 19.89 -9.49 2.55
N ASP B 569 18.86 -10.05 3.17
CA ASP B 569 18.74 -9.99 4.63
C ASP B 569 19.99 -10.59 5.29
N ASP B 570 20.15 -11.92 5.20
CA ASP B 570 21.28 -12.62 5.82
C ASP B 570 22.61 -11.85 5.62
N ASN B 571 22.77 -11.31 4.41
CA ASN B 571 23.95 -10.53 3.96
C ASN B 571 24.17 -9.17 4.66
N ILE B 572 23.12 -8.53 5.18
CA ILE B 572 23.31 -7.29 5.96
C ILE B 572 23.65 -7.69 7.39
N ARG B 573 23.01 -8.76 7.86
CA ARG B 573 23.25 -9.30 9.19
C ARG B 573 24.72 -9.72 9.29
N MET B 574 25.08 -10.69 8.45
CA MET B 574 26.37 -11.39 8.51
C MET B 574 27.61 -10.57 8.05
N PHE B 575 27.44 -9.32 7.55
CA PHE B 575 28.59 -8.49 7.08
C PHE B 575 28.48 -6.97 7.31
N THR B 576 27.45 -6.50 8.04
CA THR B 576 27.46 -5.11 8.55
C THR B 576 27.38 -5.06 10.06
N THR B 577 27.97 -3.99 10.56
CA THR B 577 28.14 -3.71 11.96
C THR B 577 27.19 -2.61 12.43
N ALA B 578 26.44 -2.03 11.50
CA ALA B 578 25.33 -1.13 11.83
C ALA B 578 23.98 -1.49 11.14
N PRO B 579 23.56 -2.82 11.16
CA PRO B 579 22.34 -3.28 10.42
C PRO B 579 21.04 -2.37 10.39
N GLU B 580 20.77 -1.59 11.45
CA GLU B 580 19.53 -0.82 11.56
C GLU B 580 19.63 0.55 10.89
N ASN B 581 20.81 0.86 10.33
CA ASN B 581 21.02 2.04 9.47
C ASN B 581 20.99 1.73 7.96
N VAL B 582 20.92 0.46 7.59
CA VAL B 582 21.00 0.07 6.19
C VAL B 582 19.70 0.42 5.44
N ASP B 583 19.72 1.61 4.82
CA ASP B 583 18.58 2.13 4.05
C ASP B 583 18.56 1.53 2.65
N LYS B 584 17.76 0.47 2.43
CA LYS B 584 17.65 -0.20 1.11
C LYS B 584 17.32 0.77 -0.07
N GLU B 585 16.49 1.78 0.19
CA GLU B 585 16.16 2.87 -0.77
C GLU B 585 17.35 3.76 -1.18
N ASP B 586 18.43 3.79 -0.39
CA ASP B 586 19.58 4.66 -0.65
C ASP B 586 20.20 4.26 -1.97
N GLU B 587 20.37 5.24 -2.84
CA GLU B 587 20.97 5.01 -4.14
C GLU B 587 22.34 4.33 -3.96
N ASP B 588 23.22 4.95 -3.15
CA ASP B 588 24.65 4.54 -3.03
C ASP B 588 24.87 3.21 -2.32
N PHE B 589 23.94 2.83 -1.44
CA PHE B 589 23.96 1.48 -0.86
C PHE B 589 23.67 0.44 -1.91
N GLN B 590 22.63 0.72 -2.70
CA GLN B 590 22.31 -0.14 -3.82
C GLN B 590 23.53 -0.31 -4.73
N GLU B 591 24.18 0.81 -5.08
CA GLU B 591 25.42 0.75 -5.88
C GLU B 591 26.46 -0.17 -5.29
N SER B 592 26.63 -0.18 -3.96
CA SER B 592 27.53 -1.13 -3.27
C SER B 592 27.23 -2.61 -3.51
N ASN B 593 26.04 -2.93 -4.04
CA ASN B 593 25.67 -4.31 -4.29
C ASN B 593 25.37 -4.60 -5.77
N LYS B 594 25.88 -3.74 -6.66
CA LYS B 594 25.88 -3.95 -8.12
C LYS B 594 27.21 -4.54 -8.65
N MET B 595 27.32 -5.86 -8.53
CA MET B 595 28.56 -6.54 -8.88
C MET B 595 28.65 -6.85 -10.37
N HIS B 596 29.16 -5.89 -11.14
CA HIS B 596 29.37 -6.12 -12.58
C HIS B 596 30.35 -7.31 -12.78
N SER B 597 29.86 -8.49 -13.11
CA SER B 597 30.70 -9.69 -13.18
C SER B 597 30.52 -10.60 -14.41
N MET B 598 31.59 -11.32 -14.75
CA MET B 598 31.57 -12.41 -15.69
C MET B 598 31.81 -13.63 -14.85
N ASN B 599 30.93 -14.61 -14.90
CA ASN B 599 31.06 -15.84 -14.10
C ASN B 599 31.29 -15.64 -12.59
N GLY B 600 30.95 -14.44 -12.11
CA GLY B 600 31.11 -14.07 -10.75
C GLY B 600 32.27 -13.15 -10.52
N PHE B 601 33.40 -13.41 -11.18
CA PHE B 601 34.64 -12.77 -10.77
C PHE B 601 34.73 -11.33 -11.33
N MET B 602 35.49 -10.47 -10.66
CA MET B 602 35.55 -9.04 -10.99
C MET B 602 36.96 -8.49 -10.91
N TYR B 603 37.18 -7.40 -11.63
CA TYR B 603 38.47 -6.69 -11.64
C TYR B 603 39.69 -7.59 -11.87
N GLY B 604 39.61 -8.43 -12.90
CA GLY B 604 40.68 -9.35 -13.27
C GLY B 604 40.85 -10.66 -12.50
N ASN B 605 39.91 -11.04 -11.62
CA ASN B 605 40.14 -12.21 -10.73
C ASN B 605 39.58 -13.56 -11.21
N LEU B 606 39.31 -13.71 -12.53
CA LEU B 606 38.60 -14.92 -13.03
C LEU B 606 39.56 -16.08 -13.28
N PRO B 607 39.51 -17.15 -12.42
CA PRO B 607 40.40 -18.30 -12.67
C PRO B 607 39.88 -19.28 -13.73
N GLY B 608 40.64 -19.47 -14.82
CA GLY B 608 40.45 -20.61 -15.72
C GLY B 608 40.50 -20.41 -17.23
N LEU B 609 40.88 -19.20 -17.69
CA LEU B 609 40.84 -18.87 -19.12
C LEU B 609 42.15 -19.09 -19.86
N ASN B 610 42.41 -20.35 -20.22
CA ASN B 610 43.74 -20.81 -20.64
C ASN B 610 43.77 -21.80 -21.81
N MET B 611 44.51 -21.41 -22.84
CA MET B 611 44.60 -22.18 -24.07
C MET B 611 46.00 -22.07 -24.72
N CYS B 612 46.41 -23.15 -25.37
CA CYS B 612 47.64 -23.20 -26.18
C CYS B 612 47.40 -22.54 -27.55
N LEU B 613 48.39 -21.80 -28.04
CA LEU B 613 48.30 -21.08 -29.33
C LEU B 613 47.70 -21.93 -30.45
N GLY B 614 46.76 -21.36 -31.18
CA GLY B 614 46.21 -21.99 -32.34
C GLY B 614 45.29 -23.15 -32.06
N GLU B 615 44.77 -23.30 -30.84
CA GLU B 615 43.83 -24.39 -30.58
C GLU B 615 42.45 -24.09 -31.22
N SER B 616 41.77 -25.12 -31.68
CA SER B 616 40.37 -25.01 -32.07
C SER B 616 39.59 -24.59 -30.78
N ILE B 617 39.14 -23.33 -30.73
CA ILE B 617 38.43 -22.76 -29.55
C ILE B 617 36.95 -22.41 -29.84
N VAL B 618 36.10 -22.74 -28.85
CA VAL B 618 34.67 -22.41 -28.87
C VAL B 618 34.28 -21.73 -27.55
N TRP B 619 34.07 -20.41 -27.60
CA TRP B 619 33.47 -19.66 -26.48
C TRP B 619 31.90 -19.59 -26.56
N TYR B 620 31.26 -20.11 -25.51
CA TYR B 620 29.80 -20.04 -25.29
C TYR B 620 29.39 -18.92 -24.32
N LEU B 621 29.16 -17.70 -24.85
CA LEU B 621 28.77 -16.51 -24.05
C LEU B 621 27.26 -16.34 -23.83
N PHE B 622 26.87 -15.81 -22.65
CA PHE B 622 25.46 -15.45 -22.37
C PHE B 622 25.27 -14.47 -21.22
N SER B 623 24.04 -13.93 -21.10
CA SER B 623 23.66 -12.92 -20.09
C SER B 623 22.21 -13.06 -19.57
N ALA B 624 21.97 -12.37 -18.46
CA ALA B 624 20.65 -12.21 -17.86
C ALA B 624 20.57 -10.88 -17.14
N GLY B 625 19.36 -10.35 -16.98
CA GLY B 625 19.12 -9.15 -16.20
C GLY B 625 18.14 -8.17 -16.77
N ASN B 626 18.55 -6.90 -16.85
CA ASN B 626 17.63 -5.80 -17.15
C ASN B 626 18.28 -4.82 -18.11
N GLU B 627 17.57 -3.77 -18.47
CA GLU B 627 18.11 -2.74 -19.38
C GLU B 627 19.50 -2.16 -19.06
N ALA B 628 20.09 -2.53 -17.92
CA ALA B 628 21.50 -2.23 -17.59
C ALA B 628 22.46 -3.24 -18.15
N ASP B 629 21.97 -4.44 -18.44
CA ASP B 629 22.74 -5.49 -19.12
C ASP B 629 22.66 -5.40 -20.67
N VAL B 630 23.17 -4.29 -21.23
CA VAL B 630 23.68 -4.26 -22.62
C VAL B 630 25.18 -4.48 -22.52
N HIS B 631 25.70 -5.43 -23.29
CA HIS B 631 27.08 -5.86 -23.16
C HIS B 631 27.84 -5.72 -24.50
N GLY B 632 29.16 -5.77 -24.40
CA GLY B 632 30.08 -5.67 -25.54
C GLY B 632 31.36 -6.40 -25.14
N ILE B 633 31.20 -7.70 -24.88
CA ILE B 633 32.26 -8.62 -24.43
C ILE B 633 33.29 -8.74 -25.56
N TYR B 634 34.45 -8.11 -25.40
CA TYR B 634 35.45 -8.00 -26.47
C TYR B 634 36.79 -8.55 -26.04
N PHE B 635 37.38 -9.29 -26.95
CA PHE B 635 38.61 -9.95 -26.69
C PHE B 635 39.63 -9.12 -27.47
N SER B 636 40.53 -8.46 -26.76
CA SER B 636 41.64 -7.78 -27.39
C SER B 636 42.56 -8.84 -28.01
N GLY B 637 43.15 -8.48 -29.15
CA GLY B 637 44.18 -9.32 -29.80
C GLY B 637 43.59 -10.25 -30.83
N ASN B 638 42.92 -11.29 -30.35
CA ASN B 638 42.30 -12.31 -31.21
C ASN B 638 40.92 -11.88 -31.75
N THR B 639 40.37 -12.69 -32.66
CA THR B 639 39.00 -12.51 -33.17
C THR B 639 38.27 -13.85 -33.21
N TYR B 640 36.99 -13.80 -33.59
CA TYR B 640 36.21 -15.00 -33.75
C TYR B 640 35.31 -14.89 -35.00
N LEU B 641 34.78 -16.05 -35.40
CA LEU B 641 33.72 -16.18 -36.40
C LEU B 641 32.51 -16.72 -35.68
N SER B 642 31.33 -16.28 -36.11
CA SER B 642 30.09 -17.02 -35.83
C SER B 642 29.10 -16.79 -36.95
N LYS B 643 28.47 -17.87 -37.42
CA LYS B 643 27.48 -17.77 -38.50
C LYS B 643 28.00 -16.99 -39.74
N GLY B 644 29.32 -17.04 -39.96
CA GLY B 644 29.94 -16.48 -41.16
C GLY B 644 30.40 -15.03 -41.06
N GLU B 645 30.17 -14.43 -39.90
CA GLU B 645 30.58 -13.06 -39.72
C GLU B 645 31.84 -12.99 -38.81
N ARG B 646 32.59 -11.91 -38.96
CA ARG B 646 33.81 -11.71 -38.19
C ARG B 646 33.65 -10.50 -37.27
N ARG B 647 33.81 -10.72 -35.96
CA ARG B 647 33.98 -9.63 -35.01
C ARG B 647 34.78 -10.15 -33.85
N ASP B 648 35.26 -9.19 -33.05
CA ASP B 648 36.03 -9.48 -31.83
C ASP B 648 35.30 -9.16 -30.54
N THR B 649 34.08 -8.62 -30.70
CA THR B 649 33.29 -7.95 -29.68
C THR B 649 31.88 -8.48 -29.65
N ALA B 650 31.49 -9.24 -28.61
CA ALA B 650 30.17 -9.98 -28.53
C ALA B 650 29.06 -9.30 -27.70
N ASN B 651 28.09 -8.74 -28.42
CA ASN B 651 26.99 -8.00 -27.82
C ASN B 651 26.03 -8.97 -27.17
N LEU B 652 25.77 -8.70 -25.89
CA LEU B 652 24.89 -9.49 -25.05
C LEU B 652 23.78 -8.70 -24.30
N PHE B 653 22.61 -9.34 -24.19
CA PHE B 653 21.35 -8.81 -23.62
C PHE B 653 20.71 -9.93 -22.79
N PRO B 654 19.73 -9.60 -21.95
CA PRO B 654 19.20 -10.62 -21.05
C PRO B 654 18.67 -11.82 -21.79
N HIS B 655 19.16 -13.02 -21.44
CA HIS B 655 18.87 -14.32 -22.11
C HIS B 655 19.39 -14.48 -23.58
N LYS B 656 20.21 -13.55 -24.04
CA LYS B 656 20.95 -13.71 -25.29
C LYS B 656 22.05 -14.72 -24.99
N SER B 657 22.11 -15.78 -25.77
CA SER B 657 23.24 -16.70 -25.70
C SER B 657 23.92 -16.77 -27.08
N LEU B 658 25.22 -17.04 -27.04
CA LEU B 658 26.05 -16.98 -28.22
C LEU B 658 27.03 -18.16 -28.28
N THR B 659 27.43 -18.51 -29.50
CA THR B 659 28.42 -19.55 -29.76
C THR B 659 29.48 -19.00 -30.72
N LEU B 660 30.64 -18.64 -30.13
CA LEU B 660 31.83 -18.10 -30.86
C LEU B 660 32.91 -19.16 -31.19
N LEU B 661 33.56 -18.99 -32.35
CA LEU B 661 34.59 -19.89 -32.87
C LEU B 661 35.83 -19.04 -33.06
N MET B 662 36.87 -19.32 -32.29
CA MET B 662 38.10 -18.57 -32.35
C MET B 662 39.17 -19.62 -32.52
N THR B 663 40.23 -19.26 -33.24
CA THR B 663 41.47 -20.05 -33.29
C THR B 663 42.63 -19.08 -32.95
N PRO B 664 43.07 -19.09 -31.66
CA PRO B 664 43.85 -17.96 -31.15
C PRO B 664 45.30 -17.89 -31.66
N ASP B 665 45.64 -16.80 -32.31
CA ASP B 665 46.82 -16.75 -33.13
C ASP B 665 47.88 -15.80 -32.57
N THR B 666 47.98 -15.71 -31.24
CA THR B 666 48.95 -14.79 -30.64
C THR B 666 49.12 -15.09 -29.15
N GLU B 667 50.36 -15.09 -28.67
CA GLU B 667 50.73 -15.48 -27.29
C GLU B 667 50.75 -14.28 -26.34
N GLY B 668 50.13 -14.46 -25.18
CA GLY B 668 50.00 -13.39 -24.21
C GLY B 668 48.76 -13.52 -23.35
N SER B 669 48.77 -12.76 -22.25
CA SER B 669 47.60 -12.58 -21.38
C SER B 669 46.84 -11.37 -21.88
N PHE B 670 45.72 -11.66 -22.55
CA PHE B 670 44.83 -10.66 -23.15
C PHE B 670 43.53 -10.50 -22.35
N ASP B 671 42.79 -9.45 -22.73
CA ASP B 671 41.65 -8.98 -21.98
C ASP B 671 40.33 -9.38 -22.64
N VAL B 672 39.46 -10.06 -21.89
CA VAL B 672 38.03 -10.11 -22.19
C VAL B 672 37.45 -9.03 -21.30
N GLU B 673 36.67 -8.14 -21.89
CA GLU B 673 36.14 -6.99 -21.18
C GLU B 673 34.93 -6.50 -21.92
N CYS B 674 33.96 -5.99 -21.19
CA CYS B 674 32.88 -5.26 -21.81
C CYS B 674 33.38 -3.87 -22.23
N LEU B 675 32.93 -3.36 -23.35
CA LEU B 675 33.29 -2.00 -23.74
C LEU B 675 32.44 -0.92 -23.09
N THR B 676 31.30 -1.32 -22.48
CA THR B 676 30.27 -0.35 -21.98
C THR B 676 30.80 0.32 -20.72
N THR B 677 31.26 1.55 -20.91
CA THR B 677 32.02 2.28 -19.92
C THR B 677 31.84 1.66 -18.51
N ASP B 678 30.62 1.85 -18.00
CA ASP B 678 30.34 1.72 -16.58
C ASP B 678 30.60 0.31 -16.09
N HIS B 679 30.43 -0.68 -16.96
CA HIS B 679 30.71 -2.07 -16.59
C HIS B 679 32.20 -2.28 -16.44
N TYR B 680 32.96 -1.70 -17.36
CA TYR B 680 34.41 -1.78 -17.30
C TYR B 680 34.75 -1.17 -15.96
N THR B 681 34.49 0.14 -15.85
CA THR B 681 34.98 0.94 -14.72
C THR B 681 34.66 0.24 -13.39
N GLY B 682 33.51 -0.44 -13.37
CA GLY B 682 33.03 -1.13 -12.20
C GLY B 682 33.43 -2.58 -12.08
N GLY B 683 34.35 -3.03 -12.94
CA GLY B 683 34.94 -4.36 -12.78
C GLY B 683 34.38 -5.50 -13.60
N MET B 684 33.95 -5.19 -14.83
CA MET B 684 33.67 -6.22 -15.83
C MET B 684 34.86 -6.28 -16.79
N LYS B 685 35.90 -7.01 -16.38
CA LYS B 685 37.11 -7.26 -17.18
C LYS B 685 37.88 -8.48 -16.64
N GLN B 686 38.32 -9.38 -17.53
CA GLN B 686 39.07 -10.59 -17.14
C GLN B 686 40.29 -10.79 -18.04
N LYS B 687 41.09 -11.80 -17.71
CA LYS B 687 42.26 -12.17 -18.48
C LYS B 687 42.11 -13.64 -19.03
N TYR B 688 42.42 -13.78 -20.33
CA TYR B 688 42.61 -15.09 -21.02
C TYR B 688 44.03 -15.18 -21.60
N THR B 689 44.56 -16.41 -21.56
CA THR B 689 45.98 -16.71 -21.77
C THR B 689 46.21 -17.75 -22.88
N VAL B 690 46.91 -17.27 -23.93
CA VAL B 690 47.39 -18.06 -25.04
C VAL B 690 48.84 -18.48 -24.72
N ASN B 691 49.04 -19.81 -24.63
CA ASN B 691 50.27 -20.45 -24.13
C ASN B 691 51.07 -21.17 -25.23
N GLN B 692 52.25 -21.71 -24.86
CA GLN B 692 53.08 -22.54 -25.74
C GLN B 692 53.12 -23.95 -25.16
N CYS B 693 52.37 -24.87 -25.79
CA CYS B 693 52.39 -26.33 -25.55
C CYS B 693 53.02 -27.13 -26.72
N LYS B 694 53.37 -26.44 -27.81
CA LYS B 694 54.16 -26.97 -28.97
C LYS B 694 54.77 -25.85 -29.92
N GLY B 695 53.99 -24.82 -30.29
CA GLY B 695 54.45 -23.62 -31.07
C GLY B 695 54.82 -23.84 -32.53
N GLN B 696 56.13 -23.79 -32.90
CA GLN B 696 57.30 -23.04 -32.23
C GLN B 696 58.69 -22.99 -33.03
N PHE B 697 59.15 -21.78 -33.36
CA PHE B 697 60.55 -21.46 -33.83
C PHE B 697 60.71 -19.91 -33.93
N GLU B 698 59.65 -19.19 -34.36
CA GLU B 698 59.42 -17.75 -34.00
C GLU B 698 57.96 -17.18 -34.14
N ASP B 699 57.23 -17.47 -35.24
CA ASP B 699 55.80 -17.00 -35.50
C ASP B 699 54.94 -18.07 -36.23
N VAL B 700 53.77 -18.47 -35.71
CA VAL B 700 53.04 -19.66 -36.28
C VAL B 700 52.15 -19.35 -37.57
N THR B 701 52.20 -18.14 -38.21
CA THR B 701 51.92 -17.99 -39.75
C THR B 701 52.04 -16.70 -40.58
N LEU B 702 51.05 -15.78 -40.73
CA LEU B 702 51.06 -14.88 -41.97
C LEU B 702 51.08 -13.26 -42.08
N TYR B 703 51.90 -12.83 -43.07
CA TYR B 703 52.06 -11.45 -43.69
C TYR B 703 52.15 -11.58 -45.26
N GLN B 704 52.17 -10.36 -45.94
CA GLN B 704 52.49 -10.03 -47.41
C GLN B 704 53.09 -8.56 -47.72
N GLY B 705 52.34 -7.58 -48.35
CA GLY B 705 52.84 -6.15 -48.70
C GLY B 705 53.10 -5.15 -47.53
N GLU B 706 53.30 -3.80 -47.66
CA GLU B 706 53.41 -2.84 -46.41
C GLU B 706 53.13 -1.28 -46.51
N ARG B 707 52.03 -0.79 -45.92
CA ARG B 707 51.61 0.66 -46.03
C ARG B 707 51.95 1.37 -44.75
N THR B 708 52.02 2.70 -44.81
CA THR B 708 52.26 3.52 -43.60
C THR B 708 51.47 4.84 -43.65
N TYR B 709 51.07 5.34 -42.47
CA TYR B 709 50.22 6.55 -42.32
C TYR B 709 50.76 7.53 -41.26
N TYR B 710 50.62 8.84 -41.55
CA TYR B 710 51.10 9.96 -40.69
C TYR B 710 49.95 10.72 -40.02
N ILE B 711 49.71 10.44 -38.75
CA ILE B 711 48.46 10.79 -38.06
C ILE B 711 48.88 11.49 -36.75
N ALA B 712 47.94 12.10 -36.03
CA ALA B 712 48.31 12.83 -34.79
C ALA B 712 47.12 13.08 -33.82
N ALA B 713 47.44 13.55 -32.59
CA ALA B 713 46.48 13.84 -31.49
C ALA B 713 46.35 15.34 -31.07
N VAL B 714 45.77 16.19 -31.95
CA VAL B 714 45.27 17.59 -31.60
C VAL B 714 43.85 17.41 -30.93
N GLU B 715 43.40 17.99 -29.78
CA GLU B 715 43.59 19.30 -29.11
C GLU B 715 43.09 20.46 -29.93
N VAL B 716 41.77 20.61 -29.88
CA VAL B 716 41.11 21.69 -30.59
C VAL B 716 39.77 22.14 -29.92
N GLU B 717 39.32 23.34 -30.35
CA GLU B 717 37.96 23.83 -30.17
C GLU B 717 37.03 23.13 -31.17
N TRP B 718 36.31 22.12 -30.68
CA TRP B 718 35.23 21.45 -31.40
C TRP B 718 33.87 21.98 -30.99
N ASP B 719 33.10 22.48 -31.93
CA ASP B 719 31.73 22.96 -31.66
C ASP B 719 30.68 21.94 -32.16
N TYR B 720 29.93 21.33 -31.24
CA TYR B 720 28.96 20.29 -31.63
C TYR B 720 27.71 20.88 -32.37
N SER B 721 27.52 22.18 -32.36
CA SER B 721 26.49 22.77 -33.22
C SER B 721 26.84 24.19 -33.61
N PRO B 722 27.82 24.34 -34.51
CA PRO B 722 28.21 25.62 -35.10
C PRO B 722 27.03 26.45 -35.55
N SER B 723 26.06 25.82 -36.21
CA SER B 723 24.79 26.47 -36.41
C SER B 723 23.69 25.67 -35.78
N ARG B 724 22.69 26.38 -35.32
CA ARG B 724 21.48 25.77 -34.82
C ARG B 724 20.47 25.71 -35.96
N ASP B 725 20.32 26.82 -36.70
CA ASP B 725 19.37 26.99 -37.84
C ASP B 725 18.58 25.76 -38.35
N TRP B 726 19.23 24.59 -38.38
CA TRP B 726 18.53 23.34 -38.67
C TRP B 726 17.59 23.08 -37.52
N GLU B 727 18.15 23.03 -36.31
CA GLU B 727 17.37 22.89 -35.07
C GLU B 727 16.17 23.86 -35.09
N MET B 728 16.49 25.15 -35.07
CA MET B 728 15.48 26.22 -35.01
C MET B 728 14.36 25.97 -36.03
N GLU B 729 14.73 25.54 -37.24
CA GLU B 729 13.76 25.25 -38.30
C GLU B 729 12.99 23.93 -38.05
N LEU B 730 13.65 22.97 -37.40
CA LEU B 730 13.01 21.68 -37.07
C LEU B 730 11.85 21.99 -36.15
N HIS B 731 12.21 22.59 -35.01
CA HIS B 731 11.28 22.96 -33.98
C HIS B 731 10.13 23.82 -34.63
N HIS B 732 10.44 24.93 -35.31
CA HIS B 732 9.38 25.74 -35.96
C HIS B 732 8.51 24.89 -36.92
N LEU B 733 9.12 24.01 -37.69
CA LEU B 733 8.33 23.14 -38.53
C LEU B 733 7.40 22.31 -37.62
N GLN B 734 7.98 21.74 -36.55
CA GLN B 734 7.22 20.91 -35.58
C GLN B 734 6.16 21.67 -34.73
N GLU B 735 6.15 23.01 -34.80
CA GLU B 735 5.32 23.91 -33.96
C GLU B 735 5.62 23.73 -32.45
N GLN B 736 6.87 24.03 -32.06
CA GLN B 736 7.36 23.78 -30.67
C GLN B 736 8.41 24.81 -30.26
N ASN B 737 8.30 25.40 -29.06
CA ASN B 737 9.26 26.43 -28.62
C ASN B 737 10.41 25.59 -28.05
N VAL B 738 10.23 25.03 -26.85
CA VAL B 738 11.11 23.97 -26.32
C VAL B 738 12.63 24.28 -26.32
N SER B 739 13.22 24.37 -25.14
CA SER B 739 14.64 24.72 -25.05
C SER B 739 15.47 23.45 -25.00
N ASN B 740 16.69 23.57 -25.50
CA ASN B 740 17.65 22.47 -25.51
C ASN B 740 18.47 22.44 -24.21
N ALA B 741 18.38 21.34 -23.47
CA ALA B 741 19.24 21.16 -22.28
C ALA B 741 20.77 21.26 -22.56
N PHE B 742 21.19 20.87 -23.76
CA PHE B 742 22.59 20.60 -24.01
C PHE B 742 23.36 21.74 -24.65
N LEU B 743 22.66 22.43 -25.56
CA LEU B 743 23.17 23.59 -26.30
C LEU B 743 23.01 24.92 -25.58
N ASP B 744 22.01 25.03 -24.67
CA ASP B 744 21.73 26.31 -23.98
C ASP B 744 22.74 26.57 -22.84
N LYS B 745 23.30 27.78 -22.80
CA LYS B 745 24.39 28.16 -21.86
C LYS B 745 23.82 28.43 -20.48
N GLU B 746 22.65 29.07 -20.44
CA GLU B 746 21.92 29.30 -19.20
C GLU B 746 22.74 30.22 -18.26
N GLU B 747 22.93 29.82 -17.00
CA GLU B 747 23.72 30.59 -16.05
C GLU B 747 25.16 30.11 -16.14
N PHE B 748 25.38 28.90 -15.69
CA PHE B 748 26.72 28.39 -15.46
C PHE B 748 27.00 27.18 -16.40
N PHE B 749 26.16 27.01 -17.45
CA PHE B 749 26.32 25.89 -18.41
C PHE B 749 27.18 26.27 -19.62
N ILE B 750 27.73 25.21 -20.20
CA ILE B 750 28.90 25.26 -21.08
C ILE B 750 28.45 25.37 -22.53
N GLY B 751 27.64 24.41 -22.97
CA GLY B 751 26.91 24.51 -24.24
C GLY B 751 27.35 23.54 -25.33
N SER B 752 27.99 24.11 -26.37
CA SER B 752 28.35 23.35 -27.60
C SER B 752 29.85 23.24 -27.91
N LYS B 753 30.67 24.23 -27.55
CA LYS B 753 32.09 24.12 -27.79
C LYS B 753 32.81 23.48 -26.60
N TYR B 754 33.68 22.52 -26.89
CA TYR B 754 34.48 21.84 -25.86
C TYR B 754 35.95 21.61 -26.37
N LYS B 755 36.92 21.85 -25.50
CA LYS B 755 38.30 21.48 -25.79
C LYS B 755 38.27 19.94 -25.88
N LYS B 756 38.79 19.49 -27.04
CA LYS B 756 38.75 18.08 -27.48
C LYS B 756 40.13 17.59 -27.96
N VAL B 757 40.45 16.30 -27.66
CA VAL B 757 41.59 15.52 -28.29
C VAL B 757 41.21 14.53 -29.43
N VAL B 758 41.02 15.03 -30.67
CA VAL B 758 40.75 14.16 -31.84
C VAL B 758 42.03 13.45 -32.30
N TYR B 759 41.90 12.65 -33.35
CA TYR B 759 43.00 12.26 -34.22
C TYR B 759 42.90 13.13 -35.47
N ARG B 760 44.06 13.46 -36.09
CA ARG B 760 44.14 14.12 -37.44
C ARG B 760 45.33 13.60 -38.28
N GLU B 761 45.20 13.68 -39.61
CA GLU B 761 46.21 13.14 -40.53
C GLU B 761 47.18 14.23 -41.00
N PHE B 762 48.43 13.84 -41.17
CA PHE B 762 49.52 14.72 -41.52
C PHE B 762 50.24 14.10 -42.72
N THR B 763 51.12 14.84 -43.37
CA THR B 763 51.81 14.35 -44.57
C THR B 763 53.17 13.67 -44.38
N ASP B 764 53.87 13.84 -43.25
CA ASP B 764 55.21 13.21 -43.08
C ASP B 764 55.62 13.08 -41.64
N SER B 765 56.75 12.40 -41.38
CA SER B 765 57.28 12.23 -40.01
C SER B 765 57.82 13.54 -39.35
N THR B 766 57.78 14.65 -40.11
CA THR B 766 58.03 16.01 -39.62
C THR B 766 56.77 16.76 -39.11
N PHE B 767 55.59 16.26 -39.46
CA PHE B 767 54.31 16.74 -38.93
C PHE B 767 54.12 18.24 -39.08
N ARG B 768 54.53 18.82 -40.18
CA ARG B 768 54.36 20.26 -40.29
C ARG B 768 53.20 20.60 -41.21
N GLU B 769 52.51 19.60 -41.73
CA GLU B 769 51.33 19.87 -42.55
C GLU B 769 50.20 18.88 -42.25
N GLN B 770 49.14 19.39 -41.62
CA GLN B 770 47.89 18.69 -41.45
C GLN B 770 47.28 18.42 -42.82
N VAL B 771 46.92 17.16 -43.02
CA VAL B 771 46.27 16.72 -44.23
C VAL B 771 45.04 17.54 -44.42
N LYS B 772 45.02 18.31 -45.50
CA LYS B 772 43.77 18.87 -46.01
C LYS B 772 42.79 17.71 -46.23
N ARG B 773 41.86 17.55 -45.28
CA ARG B 773 40.85 16.49 -45.37
C ARG B 773 39.90 16.91 -46.49
N ARG B 774 39.51 15.91 -47.27
CA ARG B 774 38.98 16.14 -48.61
C ARG B 774 37.48 16.41 -48.65
N ALA B 775 37.00 16.95 -49.77
CA ALA B 775 35.57 17.28 -49.97
C ALA B 775 34.56 16.16 -49.61
N GLU B 776 34.98 14.90 -49.67
CA GLU B 776 34.15 13.76 -49.29
C GLU B 776 34.74 12.97 -48.11
N GLU B 777 35.70 13.55 -47.41
CA GLU B 777 36.01 13.12 -46.06
C GLU B 777 35.43 14.15 -45.01
N GLU B 778 34.49 15.02 -45.44
CA GLU B 778 33.90 16.14 -44.61
C GLU B 778 33.07 15.63 -43.46
N HIS B 779 32.10 14.80 -43.82
CA HIS B 779 31.31 14.01 -42.88
C HIS B 779 32.09 13.31 -41.69
N LEU B 780 33.40 13.15 -41.74
CA LEU B 780 34.07 12.45 -40.65
C LEU B 780 34.04 13.19 -39.30
N GLY B 781 33.93 14.53 -39.34
CA GLY B 781 33.78 15.35 -38.12
C GLY B 781 34.82 15.00 -37.06
N ILE B 782 34.36 14.48 -35.92
CA ILE B 782 35.26 14.15 -34.78
C ILE B 782 36.08 12.91 -35.03
N LEU B 783 35.82 12.23 -36.16
CA LEU B 783 36.52 11.00 -36.45
C LEU B 783 37.99 11.19 -36.79
N GLY B 784 38.81 10.24 -36.32
CA GLY B 784 40.11 9.98 -36.89
C GLY B 784 39.94 9.68 -38.38
N PRO B 785 40.97 9.96 -39.20
CA PRO B 785 40.75 9.79 -40.60
C PRO B 785 40.94 8.34 -40.97
N LEU B 786 40.52 8.08 -42.19
CA LEU B 786 40.01 6.80 -42.64
C LEU B 786 41.12 5.81 -43.07
N ILE B 787 41.60 5.05 -42.12
CA ILE B 787 42.67 4.06 -42.37
C ILE B 787 42.15 2.87 -43.22
N HIS B 788 42.68 2.67 -44.44
CA HIS B 788 42.48 1.37 -45.14
C HIS B 788 43.66 0.37 -45.07
N ALA B 789 43.28 -0.90 -45.20
CA ALA B 789 44.19 -2.03 -45.39
C ALA B 789 43.40 -3.02 -46.22
N ASP B 790 44.12 -3.90 -46.90
CA ASP B 790 43.56 -5.09 -47.48
C ASP B 790 44.10 -6.25 -46.59
N VAL B 791 43.36 -7.36 -46.48
CA VAL B 791 43.89 -8.52 -45.79
C VAL B 791 45.19 -8.73 -46.48
N GLY B 792 46.21 -9.05 -45.69
CA GLY B 792 47.52 -9.27 -46.25
C GLY B 792 48.46 -8.21 -45.75
N ASP B 793 48.15 -6.95 -46.07
CA ASP B 793 48.96 -5.78 -45.63
C ASP B 793 49.47 -5.78 -44.16
N LYS B 794 50.40 -4.87 -43.95
CA LYS B 794 50.72 -4.35 -42.65
C LYS B 794 50.47 -2.83 -42.81
N VAL B 795 49.93 -2.25 -41.73
CA VAL B 795 49.86 -0.81 -41.56
C VAL B 795 50.89 -0.48 -40.46
N LYS B 796 51.68 0.56 -40.79
CA LYS B 796 52.54 1.32 -39.86
C LYS B 796 51.79 2.64 -39.67
N VAL B 797 51.22 2.84 -38.49
CA VAL B 797 50.58 4.12 -38.20
C VAL B 797 51.72 4.84 -37.54
N VAL B 798 52.16 5.91 -38.21
CA VAL B 798 53.10 6.90 -37.70
C VAL B 798 52.21 7.87 -36.95
N PHE B 799 52.49 8.12 -35.65
CA PHE B 799 51.55 8.83 -34.77
C PHE B 799 52.27 9.64 -33.71
N LYS B 800 51.93 10.92 -33.62
CA LYS B 800 52.47 11.83 -32.61
C LYS B 800 51.43 12.15 -31.52
N ASN B 801 51.90 12.41 -30.30
CA ASN B 801 51.07 13.00 -29.24
C ASN B 801 51.32 14.51 -29.21
N MET B 802 50.80 15.21 -30.23
CA MET B 802 50.62 16.69 -30.24
C MET B 802 49.64 17.25 -29.13
N ALA B 803 48.98 16.36 -28.37
CA ALA B 803 48.33 16.74 -27.11
C ALA B 803 49.28 16.59 -25.90
N SER B 804 48.85 17.17 -24.79
CA SER B 804 49.48 16.99 -23.48
C SER B 804 48.94 15.76 -22.76
N ARG B 805 49.81 15.04 -22.03
CA ARG B 805 49.51 13.79 -21.28
C ARG B 805 49.52 12.49 -22.19
N PRO B 806 49.59 11.26 -21.55
CA PRO B 806 49.48 9.92 -22.25
C PRO B 806 48.20 9.57 -23.11
N TYR B 807 48.34 9.67 -24.45
CA TYR B 807 47.36 9.14 -25.41
C TYR B 807 47.97 8.12 -26.42
N SER B 808 47.33 6.94 -26.56
CA SER B 808 47.85 5.74 -27.29
C SER B 808 47.14 5.60 -28.69
N ILE B 809 47.15 4.40 -29.30
CA ILE B 809 46.40 4.07 -30.57
C ILE B 809 46.52 2.57 -30.95
N HIS B 810 45.43 2.05 -31.50
CA HIS B 810 45.18 0.62 -31.57
C HIS B 810 43.79 0.45 -32.23
N ALA B 811 43.52 -0.71 -32.82
CA ALA B 811 42.22 -0.97 -33.43
C ALA B 811 41.75 -2.38 -33.14
N HIS B 812 40.48 -2.59 -33.46
CA HIS B 812 39.84 -3.90 -33.34
C HIS B 812 40.14 -4.73 -34.59
N GLY B 813 40.04 -6.06 -34.44
CA GLY B 813 40.25 -7.02 -35.54
C GLY B 813 41.72 -7.30 -35.78
N VAL B 814 42.39 -6.26 -36.30
CA VAL B 814 43.87 -6.04 -36.32
C VAL B 814 44.75 -6.92 -35.38
N LYS B 815 45.95 -7.28 -35.85
CA LYS B 815 46.88 -8.16 -35.13
C LYS B 815 48.24 -7.53 -34.83
N THR B 816 48.78 -7.77 -33.65
CA THR B 816 50.14 -7.30 -33.33
C THR B 816 50.84 -8.37 -32.45
N LYS B 817 52.04 -8.04 -31.97
CA LYS B 817 53.03 -9.04 -31.56
C LYS B 817 52.94 -9.67 -30.14
N SER B 818 52.49 -8.92 -29.12
CA SER B 818 51.89 -9.53 -27.88
C SER B 818 51.18 -8.49 -26.97
N SER B 819 50.63 -9.00 -25.85
CA SER B 819 49.60 -8.33 -25.05
C SER B 819 50.00 -7.03 -24.32
N THR B 820 50.17 -5.97 -25.10
CA THR B 820 50.52 -4.66 -24.59
C THR B 820 50.39 -3.69 -25.71
N VAL B 821 50.01 -2.47 -25.39
CA VAL B 821 50.06 -1.33 -26.32
C VAL B 821 51.02 -0.26 -25.76
N ALA B 822 51.45 0.64 -26.65
CA ALA B 822 52.53 1.59 -26.37
C ALA B 822 52.08 3.01 -25.98
N PRO B 823 52.04 3.33 -24.68
CA PRO B 823 51.79 4.77 -24.32
C PRO B 823 52.70 5.85 -25.01
N THR B 824 52.12 6.81 -25.76
CA THR B 824 52.89 7.90 -26.53
C THR B 824 52.96 9.33 -25.84
N LEU B 825 54.06 9.65 -25.11
CA LEU B 825 54.22 10.92 -24.29
C LEU B 825 54.37 12.15 -25.21
N PRO B 826 54.21 13.38 -24.68
CA PRO B 826 53.93 14.56 -25.54
C PRO B 826 55.15 15.29 -26.17
N GLY B 827 55.11 15.50 -27.50
CA GLY B 827 56.27 15.96 -28.34
C GLY B 827 56.90 14.79 -29.10
N GLU B 828 57.51 13.88 -28.33
CA GLU B 828 57.82 12.47 -28.71
C GLU B 828 56.73 11.78 -29.60
N VAL B 829 57.14 10.89 -30.50
CA VAL B 829 56.25 10.13 -31.42
C VAL B 829 56.54 8.57 -31.38
N ARG B 830 55.53 7.75 -31.63
CA ARG B 830 55.75 6.33 -31.90
C ARG B 830 54.75 5.76 -32.91
N THR B 831 55.17 4.65 -33.50
CA THR B 831 54.49 4.00 -34.58
C THR B 831 54.12 2.57 -34.26
N TYR B 832 53.09 2.11 -35.01
CA TYR B 832 52.52 0.78 -34.78
C TYR B 832 52.55 -0.27 -35.92
N ILE B 833 52.81 -1.53 -35.48
CA ILE B 833 52.84 -2.77 -36.31
C ILE B 833 51.42 -3.30 -36.20
N TRP B 834 50.57 -2.88 -37.14
CA TRP B 834 49.26 -3.51 -37.28
C TRP B 834 49.39 -4.47 -38.44
N GLN B 835 49.34 -5.77 -38.10
CA GLN B 835 49.22 -6.87 -39.07
C GLN B 835 47.76 -7.09 -39.47
N ILE B 836 47.52 -7.49 -40.72
CA ILE B 836 46.16 -7.65 -41.26
C ILE B 836 45.96 -9.04 -41.89
N PRO B 837 46.07 -10.14 -41.07
CA PRO B 837 45.78 -11.55 -41.51
C PRO B 837 44.43 -11.83 -42.20
N GLU B 838 44.02 -13.10 -42.36
CA GLU B 838 42.64 -13.45 -42.83
C GLU B 838 41.60 -13.22 -41.70
N ARG B 839 42.03 -13.55 -40.49
CA ARG B 839 41.23 -13.33 -39.29
C ARG B 839 40.99 -11.85 -38.93
N SER B 840 41.49 -10.91 -39.71
CA SER B 840 41.33 -9.48 -39.43
C SER B 840 40.57 -8.68 -40.51
N GLY B 841 40.08 -9.35 -41.55
CA GLY B 841 39.23 -8.73 -42.56
C GLY B 841 38.03 -9.61 -42.62
N ALA B 842 37.32 -9.62 -43.75
CA ALA B 842 36.08 -10.40 -43.77
C ALA B 842 36.28 -11.88 -43.39
N GLY B 843 35.21 -12.49 -42.89
CA GLY B 843 35.06 -13.95 -42.84
C GLY B 843 34.21 -14.32 -44.05
N THR B 844 33.63 -15.54 -44.00
CA THR B 844 32.91 -16.16 -45.14
C THR B 844 31.83 -15.32 -45.78
N GLU B 845 30.86 -15.02 -44.91
CA GLU B 845 29.61 -14.42 -45.30
C GLU B 845 29.63 -12.91 -45.04
N ASP B 846 30.70 -12.36 -44.49
CA ASP B 846 30.82 -10.90 -44.43
C ASP B 846 31.05 -10.35 -45.83
N SER B 847 30.49 -9.18 -46.08
CA SER B 847 30.83 -8.41 -47.26
C SER B 847 32.25 -7.93 -46.96
N PRO B 848 32.99 -7.55 -48.01
CA PRO B 848 34.43 -7.70 -48.04
C PRO B 848 35.20 -6.67 -47.23
N CYS B 849 34.98 -5.42 -47.60
CA CYS B 849 35.34 -4.34 -46.76
C CYS B 849 34.51 -4.31 -45.52
N ILE B 850 35.16 -4.41 -44.35
CA ILE B 850 34.51 -4.24 -43.06
C ILE B 850 35.19 -3.15 -42.26
N PRO B 851 34.48 -2.55 -41.27
CA PRO B 851 35.17 -1.60 -40.42
C PRO B 851 35.59 -2.22 -39.08
N TRP B 852 36.52 -1.48 -38.46
CA TRP B 852 36.93 -1.64 -37.08
C TRP B 852 37.24 -0.26 -36.51
N ALA B 853 36.96 -0.08 -35.22
CA ALA B 853 37.19 1.18 -34.60
C ALA B 853 38.60 1.16 -34.04
N TYR B 854 39.32 2.26 -34.32
CA TYR B 854 40.58 2.63 -33.62
C TYR B 854 40.34 3.83 -32.71
N TYR B 855 41.17 3.92 -31.67
CA TYR B 855 40.86 4.65 -30.43
C TYR B 855 42.06 4.58 -29.50
N SER B 856 42.16 5.55 -28.60
CA SER B 856 43.25 5.52 -27.62
C SER B 856 43.02 4.37 -26.61
N THR B 857 44.08 3.90 -25.93
CA THR B 857 43.98 2.81 -24.93
C THR B 857 44.74 2.99 -23.60
N VAL B 858 45.13 4.24 -23.31
CA VAL B 858 45.77 4.62 -22.03
C VAL B 858 44.68 4.45 -20.99
N ASP B 859 43.69 5.35 -21.10
CA ASP B 859 42.47 5.38 -20.28
C ASP B 859 41.28 5.20 -21.22
N ARG B 860 40.83 3.93 -21.29
CA ARG B 860 39.89 3.43 -22.33
C ARG B 860 38.66 4.32 -22.43
N VAL B 861 38.18 4.67 -21.25
CA VAL B 861 36.93 5.34 -21.09
C VAL B 861 37.13 6.83 -21.39
N LYS B 862 38.13 7.38 -20.73
CA LYS B 862 38.22 8.82 -20.67
C LYS B 862 38.76 9.36 -21.97
N ASP B 863 39.74 8.66 -22.55
CA ASP B 863 40.39 9.09 -23.79
C ASP B 863 39.34 9.05 -24.93
N LEU B 864 38.73 7.89 -25.06
CA LEU B 864 37.57 7.73 -25.93
C LEU B 864 36.60 8.93 -25.84
N TYR B 865 36.19 9.28 -24.61
CA TYR B 865 35.12 10.29 -24.41
C TYR B 865 35.62 11.71 -24.80
N SER B 866 36.92 11.89 -24.56
CA SER B 866 37.63 13.16 -24.71
C SER B 866 37.61 13.74 -26.13
N GLY B 867 37.50 12.83 -27.14
CA GLY B 867 37.58 13.11 -28.60
C GLY B 867 38.18 12.07 -29.59
N LEU B 868 38.94 11.08 -29.04
CA LEU B 868 39.81 10.07 -29.77
C LEU B 868 39.19 8.74 -30.24
N ILE B 869 38.75 8.76 -31.53
CA ILE B 869 38.02 7.66 -32.20
C ILE B 869 38.01 7.74 -33.76
N GLY B 870 38.29 6.60 -34.40
CA GLY B 870 38.27 6.51 -35.84
C GLY B 870 38.13 5.13 -36.51
N PRO B 871 37.84 5.15 -37.80
CA PRO B 871 37.56 3.95 -38.49
C PRO B 871 38.75 3.39 -39.26
N LEU B 872 39.09 2.14 -38.91
CA LEU B 872 39.84 1.19 -39.77
C LEU B 872 38.93 0.42 -40.71
N ILE B 873 39.40 0.10 -41.90
CA ILE B 873 38.59 -0.61 -42.91
C ILE B 873 39.44 -1.71 -43.55
N VAL B 874 39.03 -2.96 -43.40
CA VAL B 874 39.85 -4.13 -43.75
C VAL B 874 39.16 -5.04 -44.77
N CYS B 875 39.45 -4.77 -46.03
CA CYS B 875 38.86 -5.50 -47.15
C CYS B 875 39.57 -6.79 -47.47
N ARG B 876 38.80 -7.84 -47.82
CA ARG B 876 39.41 -9.12 -48.23
C ARG B 876 39.99 -8.88 -49.58
N LYS B 877 41.34 -8.77 -49.47
CA LYS B 877 42.41 -9.08 -50.43
C LYS B 877 41.77 -9.43 -51.72
N SER B 878 41.43 -8.36 -52.46
CA SER B 878 40.78 -8.41 -53.78
C SER B 878 40.50 -9.84 -54.50
N TYR B 879 41.24 -10.20 -55.53
CA TYR B 879 41.05 -11.47 -56.17
C TYR B 879 41.90 -11.57 -57.43
N VAL B 880 41.50 -12.61 -58.16
CA VAL B 880 41.48 -12.58 -59.59
C VAL B 880 40.59 -11.45 -60.21
N LYS B 881 39.49 -11.80 -60.87
CA LYS B 881 39.38 -11.44 -62.29
C LYS B 881 38.91 -10.04 -62.81
N VAL B 882 37.69 -9.94 -63.39
CA VAL B 882 37.33 -8.96 -64.51
C VAL B 882 37.56 -7.43 -64.29
N PHE B 883 37.19 -6.61 -65.28
CA PHE B 883 37.78 -5.28 -65.50
C PHE B 883 36.86 -4.08 -65.20
N ASN B 884 35.64 -4.09 -65.74
CA ASN B 884 34.82 -2.88 -66.01
C ASN B 884 34.41 -2.00 -64.76
N PRO B 885 33.90 -0.74 -65.01
CA PRO B 885 33.50 0.18 -63.92
C PRO B 885 32.55 -0.39 -62.85
N LYS B 886 32.86 -0.12 -61.58
CA LYS B 886 31.93 -0.34 -60.47
C LYS B 886 31.16 0.95 -60.13
N LYS B 887 31.90 2.06 -59.97
CA LYS B 887 31.49 3.26 -59.19
C LYS B 887 31.72 2.92 -57.69
N LYS B 888 32.06 3.90 -56.85
CA LYS B 888 32.50 3.60 -55.48
C LYS B 888 32.22 4.75 -54.50
N MET B 889 31.72 4.48 -53.29
CA MET B 889 31.42 5.54 -52.28
C MET B 889 31.53 5.05 -50.86
N GLU B 890 31.90 5.95 -49.96
CA GLU B 890 32.21 5.56 -48.58
C GLU B 890 31.85 6.60 -47.52
N PHE B 891 31.25 6.14 -46.42
CA PHE B 891 30.92 6.97 -45.27
C PHE B 891 31.09 6.27 -43.93
N SER B 892 31.75 6.93 -42.98
CA SER B 892 31.72 6.49 -41.57
C SER B 892 30.70 7.29 -40.72
N LEU B 893 29.87 6.55 -39.97
CA LEU B 893 28.93 7.11 -39.02
C LEU B 893 29.19 6.37 -37.72
N LEU B 894 29.46 7.16 -36.69
CA LEU B 894 29.75 6.69 -35.36
C LEU B 894 28.60 7.26 -34.55
N PHE B 895 27.96 6.40 -33.77
CA PHE B 895 26.94 6.85 -32.85
C PHE B 895 27.47 6.86 -31.39
N LEU B 896 27.58 8.07 -30.81
CA LEU B 896 28.00 8.19 -29.42
C LEU B 896 27.39 9.39 -28.72
N VAL B 897 26.87 9.08 -27.53
CA VAL B 897 26.59 10.03 -26.48
C VAL B 897 27.93 10.33 -25.80
N PHE B 898 28.43 11.52 -26.15
CA PHE B 898 29.76 11.96 -25.72
C PHE B 898 29.73 12.49 -24.28
N ASP B 899 30.00 11.60 -23.31
CA ASP B 899 30.03 11.98 -21.85
C ASP B 899 31.18 12.90 -21.49
N GLU B 900 31.05 14.20 -21.85
CA GLU B 900 32.11 15.21 -21.58
C GLU B 900 32.48 15.22 -20.09
N ASN B 901 31.51 14.88 -19.22
CA ASN B 901 31.69 14.76 -17.74
C ASN B 901 32.72 13.72 -17.31
N GLU B 902 33.12 12.84 -18.24
CA GLU B 902 34.21 11.89 -18.04
C GLU B 902 35.55 12.26 -18.80
N SER B 903 35.65 13.50 -19.29
CA SER B 903 36.81 13.99 -20.10
C SER B 903 38.02 14.42 -19.20
N TRP B 904 39.17 14.70 -19.81
CA TRP B 904 40.24 15.41 -19.10
C TRP B 904 39.98 16.90 -19.23
N TYR B 905 39.55 17.32 -20.43
CA TYR B 905 39.20 18.74 -20.74
C TYR B 905 37.99 19.36 -20.03
N LEU B 906 37.21 18.52 -19.35
CA LEU B 906 36.23 18.95 -18.35
C LEU B 906 36.62 20.28 -17.67
N ASP B 907 37.69 20.20 -16.86
CA ASP B 907 38.09 21.27 -15.92
C ASP B 907 38.27 22.59 -16.63
N ASP B 908 38.92 22.56 -17.80
CA ASP B 908 39.28 23.77 -18.56
C ASP B 908 38.10 24.39 -19.31
N ASN B 909 37.21 23.53 -19.82
CA ASN B 909 35.94 23.95 -20.49
C ASN B 909 35.03 24.70 -19.52
N ILE B 910 34.84 24.08 -18.33
CA ILE B 910 34.19 24.72 -17.17
C ILE B 910 34.71 26.15 -17.14
N ASN B 911 36.03 26.26 -16.88
CA ASN B 911 36.77 27.51 -16.59
C ASN B 911 36.86 28.47 -17.78
N THR B 912 36.52 27.97 -18.97
CA THR B 912 36.57 28.73 -20.21
C THR B 912 35.22 29.23 -20.75
N TYR B 913 34.15 28.44 -20.58
CA TYR B 913 32.90 28.68 -21.33
C TYR B 913 31.67 29.14 -20.54
N SER B 914 31.66 28.94 -19.22
CA SER B 914 30.52 29.36 -18.36
C SER B 914 30.59 30.83 -17.95
N ASP B 915 29.43 31.44 -17.89
CA ASP B 915 29.37 32.84 -17.55
C ASP B 915 29.63 32.99 -16.03
N HIS B 916 29.53 31.88 -15.25
CA HIS B 916 29.93 31.82 -13.81
C HIS B 916 30.55 30.46 -13.37
N PRO B 917 31.86 30.23 -13.65
CA PRO B 917 32.68 29.03 -13.29
C PRO B 917 32.65 28.49 -11.83
N GLU B 918 32.42 29.39 -10.89
CA GLU B 918 32.47 29.08 -9.46
C GLU B 918 31.21 28.31 -9.07
N LYS B 919 30.12 28.63 -9.79
CA LYS B 919 28.74 28.13 -9.59
C LYS B 919 28.47 26.70 -10.11
N VAL B 920 29.47 25.84 -10.07
CA VAL B 920 29.46 24.58 -10.80
C VAL B 920 29.79 23.46 -9.83
N ASN B 921 28.81 22.65 -9.49
CA ASN B 921 29.13 21.36 -8.90
C ASN B 921 28.99 20.33 -9.98
N LYS B 922 29.95 19.42 -10.07
CA LYS B 922 29.94 18.43 -11.12
C LYS B 922 28.85 17.38 -10.89
N ASP B 923 28.59 17.02 -9.62
CA ASP B 923 27.47 16.08 -9.26
C ASP B 923 26.02 16.63 -9.46
N ASN B 924 25.93 17.97 -9.60
CA ASN B 924 24.73 18.71 -10.04
C ASN B 924 24.25 18.12 -11.37
N GLU B 925 23.08 17.48 -11.38
CA GLU B 925 22.61 16.90 -12.65
C GLU B 925 22.02 17.91 -13.61
N GLU B 926 21.78 19.14 -13.19
CA GLU B 926 21.53 20.25 -14.14
C GLU B 926 22.69 20.37 -15.14
N PHE B 927 23.90 20.21 -14.63
CA PHE B 927 25.13 20.39 -15.38
C PHE B 927 25.54 19.11 -16.12
N ILE B 928 25.44 17.93 -15.47
CA ILE B 928 25.63 16.61 -16.17
C ILE B 928 24.90 16.48 -17.53
N GLU B 929 23.68 16.98 -17.61
CA GLU B 929 22.90 17.02 -18.86
C GLU B 929 23.17 18.25 -19.80
N SER B 930 24.14 19.11 -19.49
CA SER B 930 24.67 20.03 -20.51
C SER B 930 25.71 19.33 -21.34
N ASN B 931 26.30 18.29 -20.75
CA ASN B 931 27.52 17.68 -21.23
C ASN B 931 27.43 16.19 -21.64
N LYS B 932 26.25 15.59 -21.54
CA LYS B 932 25.93 14.34 -22.24
C LYS B 932 25.49 14.73 -23.65
N MET B 933 26.47 14.86 -24.52
CA MET B 933 26.29 15.36 -25.88
C MET B 933 25.86 14.22 -26.80
N HIS B 934 24.66 14.37 -27.37
CA HIS B 934 24.01 13.26 -28.05
C HIS B 934 24.28 13.25 -29.55
N ALA B 935 25.27 12.45 -30.02
CA ALA B 935 25.91 12.77 -31.33
C ALA B 935 26.48 11.70 -32.31
N ILE B 936 26.23 12.03 -33.59
CA ILE B 936 26.67 11.31 -34.78
C ILE B 936 28.02 11.85 -35.26
N ASN B 937 29.12 11.13 -34.95
CA ASN B 937 30.48 11.59 -35.33
C ASN B 937 30.73 12.91 -34.62
N GLY B 938 30.32 12.99 -33.36
CA GLY B 938 30.17 14.30 -32.72
C GLY B 938 29.51 15.48 -33.50
N LYS B 939 28.32 15.31 -34.06
CA LYS B 939 27.55 16.45 -34.63
C LYS B 939 26.05 16.24 -34.48
N MET B 940 25.35 17.36 -34.25
CA MET B 940 23.95 17.36 -33.84
C MET B 940 23.12 18.24 -34.76
N PHE B 941 21.92 17.77 -35.11
CA PHE B 941 20.84 18.62 -35.65
C PHE B 941 21.17 19.10 -37.03
N GLY B 942 21.51 18.17 -37.91
CA GLY B 942 22.00 18.51 -39.24
C GLY B 942 23.38 19.19 -39.31
N ASN B 943 24.20 19.09 -38.25
CA ASN B 943 25.55 19.69 -38.27
C ASN B 943 26.58 18.66 -38.70
N LEU B 944 26.13 17.42 -38.99
CA LEU B 944 26.99 16.40 -39.60
C LEU B 944 26.92 16.61 -41.11
N GLN B 945 28.09 16.84 -41.70
CA GLN B 945 28.17 17.58 -42.94
C GLN B 945 28.55 16.77 -44.17
N GLY B 946 27.77 16.95 -45.25
CA GLY B 946 28.19 16.40 -46.53
C GLY B 946 28.21 14.88 -46.53
N LEU B 947 27.01 14.36 -46.31
CA LEU B 947 26.66 13.03 -46.73
C LEU B 947 25.89 13.32 -47.99
N THR B 948 26.65 13.63 -49.03
CA THR B 948 26.09 13.75 -50.37
C THR B 948 26.51 12.54 -51.17
N MET B 949 25.65 12.16 -52.10
CA MET B 949 25.93 11.08 -53.04
C MET B 949 24.89 11.25 -54.13
N HIS B 950 25.04 10.47 -55.22
CA HIS B 950 24.15 10.56 -56.40
C HIS B 950 23.27 9.32 -56.57
N VAL B 951 22.19 9.48 -57.34
CA VAL B 951 21.36 8.36 -57.78
C VAL B 951 22.21 7.43 -58.58
N GLY B 952 22.14 6.17 -58.25
CA GLY B 952 22.89 5.16 -58.95
C GLY B 952 24.04 4.65 -58.15
N ASP B 953 24.69 5.47 -57.30
CA ASP B 953 25.98 5.03 -56.67
C ASP B 953 25.81 3.73 -55.92
N GLU B 954 26.91 3.04 -55.73
CA GLU B 954 26.97 1.92 -54.81
C GLU B 954 27.68 2.58 -53.64
N VAL B 955 27.14 2.37 -52.42
CA VAL B 955 27.58 3.05 -51.18
C VAL B 955 27.85 2.09 -50.02
N ASN B 956 28.81 2.48 -49.18
CA ASN B 956 29.20 1.75 -48.00
C ASN B 956 29.04 2.68 -46.80
N TRP B 957 28.10 2.33 -45.94
CA TRP B 957 27.95 2.99 -44.68
C TRP B 957 28.67 2.12 -43.69
N TYR B 958 29.75 2.68 -43.15
CA TYR B 958 30.53 2.04 -42.07
C TYR B 958 30.09 2.57 -40.71
N VAL B 959 29.10 1.91 -40.14
CA VAL B 959 28.46 2.38 -38.91
C VAL B 959 29.04 1.73 -37.70
N MET B 960 29.29 2.54 -36.69
CA MET B 960 29.70 2.02 -35.39
C MET B 960 29.14 2.82 -34.22
N ALA B 961 29.25 2.21 -33.05
CA ALA B 961 28.86 2.83 -31.77
C ALA B 961 29.75 2.32 -30.66
N MET B 962 29.87 3.16 -29.65
CA MET B 962 30.76 2.91 -28.53
C MET B 962 30.17 3.59 -27.30
N GLY B 963 30.71 3.26 -26.12
CA GLY B 963 30.44 4.08 -24.92
C GLY B 963 29.77 3.41 -23.74
N ASN B 964 28.59 3.91 -23.32
CA ASN B 964 27.95 3.47 -22.07
C ASN B 964 26.62 2.70 -22.27
N GLU B 965 26.01 2.25 -21.17
CA GLU B 965 24.68 1.56 -21.20
C GLU B 965 23.57 2.25 -22.04
N ILE B 966 23.48 3.57 -21.84
CA ILE B 966 22.66 4.50 -22.68
C ILE B 966 22.93 4.36 -24.20
N ASP B 967 24.16 3.96 -24.57
CA ASP B 967 24.64 4.06 -25.96
C ASP B 967 24.10 2.99 -26.91
N LEU B 968 23.12 2.17 -26.50
CA LEU B 968 22.34 1.42 -27.49
C LEU B 968 21.59 2.39 -28.42
N HIS B 969 21.70 2.12 -29.72
CA HIS B 969 21.26 3.03 -30.78
C HIS B 969 20.67 2.27 -31.94
N THR B 970 19.70 2.86 -32.60
CA THR B 970 19.07 2.22 -33.73
C THR B 970 19.12 3.17 -34.91
N VAL B 971 19.82 2.79 -35.98
CA VAL B 971 20.05 3.72 -37.11
C VAL B 971 18.96 3.53 -38.16
N HIS B 972 18.13 4.55 -38.38
CA HIS B 972 17.17 4.49 -39.48
C HIS B 972 17.53 5.53 -40.55
N PHE B 973 17.49 5.07 -41.81
CA PHE B 973 17.73 5.90 -43.00
C PHE B 973 16.40 6.15 -43.64
N HIS B 974 16.03 7.43 -43.78
CA HIS B 974 14.82 7.81 -44.53
C HIS B 974 15.05 7.63 -46.00
N GLY B 975 13.98 7.29 -46.72
CA GLY B 975 13.97 7.30 -48.21
C GLY B 975 14.48 6.05 -48.92
N HIS B 976 15.55 5.47 -48.31
CA HIS B 976 16.18 4.21 -48.71
C HIS B 976 16.31 3.18 -47.59
N SER B 977 15.91 1.94 -47.88
CA SER B 977 16.38 0.74 -47.17
C SER B 977 17.90 0.52 -47.41
N PHE B 978 18.48 -0.48 -46.75
CA PHE B 978 19.82 -0.95 -47.08
C PHE B 978 19.89 -2.51 -47.15
N GLN B 979 21.10 -3.05 -47.34
CA GLN B 979 21.41 -4.47 -47.09
C GLN B 979 22.75 -4.65 -46.31
N TYR B 980 22.97 -5.86 -45.84
CA TYR B 980 24.21 -6.21 -45.15
C TYR B 980 24.36 -7.71 -45.28
N LYS B 981 25.50 -8.22 -44.82
CA LYS B 981 26.04 -9.55 -45.18
C LYS B 981 26.45 -9.63 -46.70
N HIS B 982 27.38 -10.54 -47.06
CA HIS B 982 27.97 -10.57 -48.41
C HIS B 982 26.83 -10.60 -49.43
N ARG B 983 26.99 -9.86 -50.52
CA ARG B 983 25.98 -9.85 -51.58
C ARG B 983 24.63 -9.29 -51.13
N GLY B 984 24.59 -8.58 -50.01
CA GLY B 984 23.32 -8.12 -49.43
C GLY B 984 22.21 -9.17 -49.35
N ILE B 985 22.55 -10.38 -48.91
CA ILE B 985 21.54 -11.41 -48.68
C ILE B 985 20.49 -11.07 -47.59
N HIS B 986 20.81 -10.13 -46.69
CA HIS B 986 19.87 -9.62 -45.66
C HIS B 986 19.57 -8.13 -45.83
N SER B 987 18.28 -7.77 -45.63
CA SER B 987 17.76 -6.42 -45.82
C SER B 987 17.00 -5.95 -44.60
N SER B 988 17.08 -4.65 -44.31
CA SER B 988 16.35 -3.97 -43.20
C SER B 988 16.34 -2.46 -43.50
N ASP B 989 15.83 -1.61 -42.58
CA ASP B 989 16.20 -0.15 -42.59
C ASP B 989 16.34 0.49 -41.23
N VAL B 990 16.60 -0.36 -40.26
CA VAL B 990 16.92 0.07 -38.93
C VAL B 990 18.03 -0.84 -38.47
N PHE B 991 19.19 -0.26 -38.11
CA PHE B 991 20.27 -1.13 -37.63
C PHE B 991 20.59 -0.97 -36.16
N ASP B 992 20.61 -2.13 -35.48
CA ASP B 992 20.77 -2.26 -34.05
C ASP B 992 22.24 -2.18 -33.64
N LEU B 993 22.65 -1.04 -33.10
CA LEU B 993 24.02 -0.78 -32.63
C LEU B 993 24.15 -0.70 -31.12
N PHE B 994 25.35 -0.97 -30.66
CA PHE B 994 25.67 -1.04 -29.23
C PHE B 994 27.15 -0.75 -29.09
N PRO B 995 27.65 -0.74 -27.86
CA PRO B 995 29.06 -0.56 -27.82
C PRO B 995 29.65 -1.89 -28.24
N GLY B 996 30.43 -1.82 -29.33
CA GLY B 996 31.12 -2.97 -29.92
C GLY B 996 30.69 -3.36 -31.32
N THR B 997 29.59 -2.74 -31.74
CA THR B 997 29.00 -3.04 -33.00
C THR B 997 29.64 -2.14 -34.06
N TYR B 998 30.22 -2.81 -35.03
CA TYR B 998 30.63 -2.18 -36.27
C TYR B 998 30.02 -3.09 -37.36
N GLN B 999 29.47 -2.40 -38.38
CA GLN B 999 28.95 -3.03 -39.59
C GLN B 999 29.00 -2.14 -40.81
N THR B 1000 29.13 -2.81 -41.95
CA THR B 1000 29.00 -2.19 -43.22
C THR B 1000 27.62 -2.51 -43.75
N LEU B 1001 27.04 -1.45 -44.31
CA LEU B 1001 25.68 -1.49 -44.77
C LEU B 1001 25.69 -0.99 -46.19
N GLU B 1002 25.40 -1.88 -47.12
CA GLU B 1002 25.49 -1.56 -48.55
C GLU B 1002 24.20 -0.84 -48.87
N MET B 1003 24.26 0.36 -49.45
CA MET B 1003 23.04 1.05 -49.89
C MET B 1003 23.12 1.35 -51.37
N PHE B 1004 22.02 1.17 -52.12
CA PHE B 1004 21.95 1.55 -53.56
C PHE B 1004 20.99 2.75 -53.78
N PRO B 1005 21.48 4.00 -53.55
CA PRO B 1005 20.65 5.20 -53.69
C PRO B 1005 19.92 5.18 -54.99
N GLN B 1006 18.63 5.45 -54.95
CA GLN B 1006 17.81 5.48 -56.16
C GLN B 1006 16.80 6.66 -56.22
N THR B 1007 16.08 6.94 -55.13
CA THR B 1007 15.21 8.12 -55.08
C THR B 1007 15.98 9.37 -54.56
N PRO B 1008 15.77 10.54 -55.18
CA PRO B 1008 16.52 11.75 -54.82
C PRO B 1008 15.81 12.62 -53.81
N GLY B 1009 16.55 13.49 -53.15
CA GLY B 1009 16.00 14.35 -52.08
C GLY B 1009 17.01 14.45 -50.94
N THR B 1010 16.70 15.27 -49.96
CA THR B 1010 17.53 15.30 -48.75
C THR B 1010 16.74 14.51 -47.73
N TRP B 1011 17.39 13.54 -47.11
CA TRP B 1011 16.69 12.61 -46.23
C TRP B 1011 17.35 12.68 -44.89
N LEU B 1012 17.17 11.67 -44.05
CA LEU B 1012 17.27 11.82 -42.63
C LEU B 1012 17.85 10.55 -41.92
N LEU B 1013 18.74 10.85 -40.98
CA LEU B 1013 19.32 9.88 -40.07
C LEU B 1013 18.86 10.13 -38.62
N HIS B 1014 17.86 9.39 -38.14
CA HIS B 1014 17.50 9.35 -36.69
C HIS B 1014 18.51 8.45 -36.03
N CYS B 1015 18.39 8.42 -34.74
CA CYS B 1015 18.59 7.19 -34.03
C CYS B 1015 17.22 6.79 -33.36
N HIS B 1016 16.40 5.85 -33.89
CA HIS B 1016 14.92 5.65 -33.43
C HIS B 1016 14.58 5.61 -31.94
N VAL B 1017 15.60 5.44 -31.06
CA VAL B 1017 15.46 5.74 -29.62
C VAL B 1017 15.12 7.26 -29.33
N THR B 1018 13.97 7.43 -28.65
CA THR B 1018 13.31 8.71 -28.37
C THR B 1018 14.25 9.77 -27.85
N ASP B 1019 14.76 9.58 -26.63
CA ASP B 1019 15.68 10.50 -25.99
C ASP B 1019 16.82 10.98 -26.90
N HIS B 1020 17.39 10.08 -27.70
CA HIS B 1020 18.53 10.48 -28.53
C HIS B 1020 18.10 11.40 -29.70
N ILE B 1021 16.92 11.16 -30.34
CA ILE B 1021 16.41 12.09 -31.41
C ILE B 1021 16.28 13.46 -30.77
N HIS B 1022 15.58 13.46 -29.65
CA HIS B 1022 15.31 14.68 -28.91
C HIS B 1022 16.64 15.39 -28.66
N ALA B 1023 17.62 14.66 -28.14
CA ALA B 1023 18.90 15.23 -27.69
C ALA B 1023 19.84 15.77 -28.80
N GLY B 1024 19.54 15.42 -30.06
CA GLY B 1024 20.33 15.87 -31.20
C GLY B 1024 20.99 14.84 -32.12
N MET B 1025 21.05 13.58 -31.72
CA MET B 1025 21.58 12.49 -32.54
C MET B 1025 20.72 12.31 -33.85
N VAL B 1026 20.70 13.39 -34.66
CA VAL B 1026 20.14 13.38 -36.00
C VAL B 1026 20.97 14.17 -37.07
N THR B 1027 20.74 13.85 -38.35
CA THR B 1027 21.25 14.63 -39.51
C THR B 1027 20.49 14.31 -40.83
N THR B 1028 20.87 15.00 -41.91
CA THR B 1028 20.51 14.54 -43.24
C THR B 1028 21.70 13.93 -43.98
N TYR B 1029 21.37 12.97 -44.85
CA TYR B 1029 22.17 12.60 -46.02
C TYR B 1029 21.32 13.03 -47.25
N THR B 1030 21.97 13.60 -48.26
CA THR B 1030 21.29 14.06 -49.46
C THR B 1030 21.67 13.21 -50.62
N VAL B 1031 20.70 13.00 -51.50
CA VAL B 1031 20.87 12.09 -52.60
C VAL B 1031 20.37 12.80 -53.83
N LEU B 1032 21.34 13.06 -54.73
CA LEU B 1032 21.30 13.99 -55.90
C LEU B 1032 21.06 13.37 -57.26
N PRO B 1033 20.12 13.94 -58.04
CA PRO B 1033 19.46 13.30 -59.17
C PRO B 1033 20.34 12.72 -60.26
N ASN B 1034 21.61 13.14 -60.31
CA ASN B 1034 22.66 12.56 -61.16
C ASN B 1034 23.47 13.66 -61.87
CU CU C . -36.49 9.62 17.80
CU CU D . -29.33 0.40 22.76
CU CU E . -13.98 8.22 19.50
CU CU F . -32.73 12.16 18.34
CU CU G . -36.85 13.28 19.92
CA CA H . -46.72 13.35 14.37
NA NA I . -13.82 6.24 1.73
CU CU J . 20.68 6.17 -30.14
CU CU K . 11.04 -6.14 -22.10
CU CU L . 10.32 5.04 -37.70
CU CU M . 28.58 -5.07 -20.09
CU CU N . 11.98 8.94 -38.96
CU CU O . 11.35 5.96 -40.82
CA CA P . 8.59 16.34 -47.51
NA NA Q . -1.05 4.60 -13.90
#